data_7SZ7
#
_entry.id   7SZ7
#
_cell.length_a   1.00
_cell.length_b   1.00
_cell.length_c   1.00
_cell.angle_alpha   90.00
_cell.angle_beta   90.00
_cell.angle_gamma   90.00
#
_symmetry.space_group_name_H-M   'P 1'
#
loop_
_entity.id
_entity.type
_entity.pdbx_description
1 polymer 'Epidermal growth factor receptor'
2 polymer 'Transforming growth factor alpha'
#
loop_
_entity_poly.entity_id
_entity_poly.type
_entity_poly.pdbx_seq_one_letter_code
_entity_poly.pdbx_strand_id
1 'polypeptide(L)'
;MRPSGTAGAALLALLAALCPASRALEEKKVCQGTSNKLTQLGTFEDHFLSLQRMFNNCEVVLGNLEITYVQRNYDLSFLK
TIQEVAGYVLIALNTVERIPLENLQIIRGNMYYENSYALAVLSNYDANKTGLKELPMRNLQEILHGAVRFSNNPALCNVE
SIQWRDIVSSDFLSNMSMDFQNHLGSCQKCDPSCPNGSCWGAGEENCQKLTKIICAQQCSGRCRGKSPSDCCHNQCAAGC
TGPRESDCLVCRKFRNEATCKDTCPPLMLYNPTTYQMDVNPEGKYSFGATCVKKCPRNYVVTDHGSCVRACGADSYEMEE
DGVRKCKKCEGPCRKVCNGIGIGEFKDSLSINATNIKHFKNCTSISGDLHILPVAFRGDSFTHTPPLDPQELDILKTVKE
ITGFLLIQAWPENRTDLHAFENLEIIRGRTKQHGQFSLAVVSLNITSLGLRSLKEISDGDVIISGNKNLCYANTINWKKL
FGTSGQKTKIISNRGENSCKATGQVCHALCSPEGCWGPEPRDCVSCRNVSRGRECVDKCNLLEGEPREFVENSECIQCHP
ECLPQAMNITCTGRGPDNCIQCAHYIDGPHCVKTCPAGVMGENNTLVWKYADAGHVCHLCHPNCTYGCTGPGLEGCPTNG
PKIPSIATGMVGALLLLLVVALGIGLFMRRRHIVRKRTLRRLLQERELVEPLTPSGEAPNQALLRILKETEFKKIKVLGS
GAFGTVYKGLWIPEGEKVKIPVAIKELREATSPKANKEILDEAYVMASVDNPHVCRLLGICLTSTVQLITQLMPFGCLLD
YVREHKDNIGSQYLLNWCVQIAKGMNYLEDRRLVHRDLAARNVLVKTPQHVKITDFGLAKLLGAEEKEYHAEGGKVPIKW
MALESILHRIYTHQSDVWSYGVTVWELMTFGSKPYDGIPASEISSILEKGERLPQPPICTIDVYMIMVKCWMIDADSRPK
FRELIIEFSKMARDPQRYLVIQGDERMHLPSPTDSNFYRALMDEEDMDDVVDADEYLIPQQGFFSSPSTSRTPLLSSLSA
TSNNSTVACIDRNGLQSCPIKEDSFLQRYSSDPTGALTEDSIDDTFLPVPEYINQSVPKRPAGSVQNPVYHNQPLNPAPS
RDPHYQDPHSTAVGNPEYLNTVQPTCVNSTFDSPAHWAQKGSHQISLDNPDYQQDFFPKEAKPNGIFKGSTAENAEYLRV
APQSSEFIGA
;
A,B
2 'polypeptide(L)' VVSHFNDCPDSHTQFCFHGTCRFLVQEDKPACVCHSGYVGARCEHADLLA C,D
#
# COMPACT_ATOMS: atom_id res chain seq x y z
N LEU A 25 -10.25 30.80 -16.23
CA LEU A 25 -9.24 29.77 -15.99
C LEU A 25 -9.94 28.43 -15.70
N GLU A 26 -9.17 27.34 -15.67
CA GLU A 26 -9.73 26.03 -15.47
C GLU A 26 -9.95 25.72 -13.98
N GLU A 27 -10.58 26.66 -13.27
CA GLU A 27 -11.00 26.45 -11.88
C GLU A 27 -12.35 27.14 -11.72
N LYS A 28 -13.42 26.37 -11.91
CA LYS A 28 -14.76 26.94 -11.79
C LYS A 28 -15.04 27.36 -10.36
N LYS A 29 -15.52 28.59 -10.19
CA LYS A 29 -15.79 29.13 -8.87
C LYS A 29 -16.76 28.24 -8.11
N VAL A 30 -16.41 27.91 -6.87
CA VAL A 30 -17.18 26.97 -6.07
C VAL A 30 -17.84 27.72 -4.93
N CYS A 31 -18.89 27.10 -4.38
CA CYS A 31 -19.57 27.58 -3.19
C CYS A 31 -19.73 26.42 -2.22
N GLN A 32 -20.33 26.71 -1.07
CA GLN A 32 -20.50 25.70 -0.05
C GLN A 32 -21.95 25.24 0.11
N GLY A 33 -22.89 25.89 -0.56
CA GLY A 33 -24.27 25.49 -0.43
C GLY A 33 -24.79 25.75 0.97
N THR A 34 -26.02 25.32 1.18
CA THR A 34 -26.68 25.45 2.47
C THR A 34 -27.05 24.07 3.00
N SER A 35 -27.50 24.05 4.25
CA SER A 35 -28.04 22.82 4.81
C SER A 35 -29.33 23.08 5.60
N ASN A 36 -29.95 24.23 5.38
CA ASN A 36 -31.30 24.45 5.87
C ASN A 36 -32.26 23.55 5.11
N LYS A 37 -33.18 22.92 5.83
CA LYS A 37 -34.13 22.05 5.14
C LYS A 37 -35.41 22.80 4.80
N LEU A 38 -36.10 23.31 5.81
CA LEU A 38 -37.27 24.16 5.60
C LEU A 38 -37.24 25.38 6.49
N THR A 39 -36.11 25.66 7.12
CA THR A 39 -36.01 26.79 8.04
C THR A 39 -35.91 28.10 7.28
N GLN A 40 -36.63 29.11 7.76
CA GLN A 40 -36.56 30.46 7.21
C GLN A 40 -35.66 31.31 8.09
N LEU A 41 -34.72 32.01 7.47
CA LEU A 41 -33.72 32.79 8.21
C LEU A 41 -34.15 34.25 8.31
N GLY A 42 -35.23 34.49 9.04
CA GLY A 42 -35.70 35.84 9.25
C GLY A 42 -36.86 36.24 8.35
N THR A 43 -36.93 37.51 8.00
CA THR A 43 -38.01 37.99 7.14
C THR A 43 -37.81 37.54 5.70
N PHE A 44 -38.89 37.60 4.92
CA PHE A 44 -38.84 37.14 3.54
C PHE A 44 -37.74 37.84 2.76
N GLU A 45 -37.57 39.14 2.97
CA GLU A 45 -36.48 39.87 2.34
C GLU A 45 -35.21 39.89 3.16
N ASP A 46 -35.13 39.06 4.21
CA ASP A 46 -33.87 38.77 4.88
C ASP A 46 -33.43 37.33 4.67
N HIS A 47 -34.31 36.47 4.18
CA HIS A 47 -33.91 35.15 3.70
C HIS A 47 -33.27 35.25 2.33
N PHE A 48 -33.90 35.99 1.41
CA PHE A 48 -33.36 36.14 0.07
C PHE A 48 -31.97 36.74 0.07
N LEU A 49 -31.67 37.62 1.03
CA LEU A 49 -30.32 38.17 1.12
C LEU A 49 -29.31 37.10 1.48
N SER A 50 -29.65 36.23 2.44
CA SER A 50 -28.77 35.12 2.77
C SER A 50 -28.65 34.15 1.60
N LEU A 51 -29.73 33.99 0.83
CA LEU A 51 -29.67 33.19 -0.39
C LEU A 51 -28.77 33.85 -1.43
N GLN A 52 -28.93 35.16 -1.62
CA GLN A 52 -28.12 35.87 -2.60
C GLN A 52 -26.67 35.91 -2.16
N ARG A 53 -26.42 35.94 -0.85
CA ARG A 53 -25.05 36.05 -0.37
C ARG A 53 -24.26 34.78 -0.67
N MET A 54 -24.89 33.61 -0.53
CA MET A 54 -24.16 32.36 -0.62
C MET A 54 -24.03 31.88 -2.07
N PHE A 55 -25.07 32.07 -2.88
CA PHE A 55 -25.12 31.47 -4.21
C PHE A 55 -24.77 32.43 -5.34
N ASN A 56 -24.49 33.70 -5.04
CA ASN A 56 -24.12 34.62 -6.10
C ASN A 56 -22.74 34.30 -6.64
N ASN A 57 -22.58 34.42 -7.95
CA ASN A 57 -21.30 34.20 -8.62
C ASN A 57 -20.78 32.78 -8.35
N CYS A 58 -21.64 31.80 -8.60
CA CYS A 58 -21.35 30.40 -8.33
C CYS A 58 -21.32 29.61 -9.62
N GLU A 59 -20.51 28.56 -9.65
CA GLU A 59 -20.50 27.69 -10.82
C GLU A 59 -20.58 26.22 -10.44
N VAL A 60 -20.06 25.87 -9.26
CA VAL A 60 -20.08 24.48 -8.79
C VAL A 60 -20.42 24.50 -7.32
N VAL A 61 -21.67 24.21 -6.98
CA VAL A 61 -22.06 24.06 -5.58
C VAL A 61 -21.46 22.78 -5.04
N LEU A 62 -20.76 22.89 -3.91
CA LEU A 62 -20.14 21.72 -3.28
C LEU A 62 -21.02 21.09 -2.22
N GLY A 63 -22.09 21.77 -1.79
CA GLY A 63 -22.94 21.24 -0.76
C GLY A 63 -24.31 20.84 -1.29
N ASN A 64 -25.31 21.69 -1.04
CA ASN A 64 -26.66 21.49 -1.53
C ASN A 64 -27.14 22.79 -2.14
N LEU A 65 -28.35 22.77 -2.70
CA LEU A 65 -28.91 23.97 -3.35
C LEU A 65 -30.36 24.08 -2.92
N GLU A 66 -30.58 24.80 -1.82
CA GLU A 66 -31.92 25.09 -1.33
C GLU A 66 -32.36 26.45 -1.86
N ILE A 67 -33.54 26.50 -2.46
CA ILE A 67 -34.15 27.75 -2.89
C ILE A 67 -35.54 27.77 -2.27
N THR A 68 -35.67 28.40 -1.11
CA THR A 68 -36.88 28.33 -0.32
C THR A 68 -37.35 29.72 0.05
N TYR A 69 -38.68 29.88 0.15
CA TYR A 69 -39.32 31.11 0.61
C TYR A 69 -38.84 32.34 -0.16
N VAL A 70 -38.84 32.25 -1.48
CA VAL A 70 -38.47 33.38 -2.34
C VAL A 70 -39.76 33.94 -2.92
N GLN A 71 -40.28 34.98 -2.30
CA GLN A 71 -41.59 35.51 -2.64
C GLN A 71 -41.55 36.25 -3.98
N ARG A 72 -42.68 36.84 -4.35
CA ARG A 72 -42.89 37.38 -5.69
C ARG A 72 -41.89 38.48 -6.03
N ASN A 73 -41.65 38.64 -7.33
CA ASN A 73 -40.98 39.78 -7.93
C ASN A 73 -39.51 39.90 -7.54
N TYR A 74 -38.90 38.85 -7.01
CA TYR A 74 -37.48 38.88 -6.73
C TYR A 74 -36.69 38.34 -7.91
N ASP A 75 -35.49 38.88 -8.09
CA ASP A 75 -34.69 38.69 -9.30
C ASP A 75 -33.65 37.60 -9.03
N LEU A 76 -34.04 36.34 -9.26
CA LEU A 76 -33.13 35.22 -9.10
C LEU A 76 -32.29 35.01 -10.35
N SER A 77 -31.69 36.06 -10.89
CA SER A 77 -30.92 35.94 -12.10
C SER A 77 -29.52 35.38 -11.88
N PHE A 78 -29.05 35.33 -10.65
CA PHE A 78 -27.71 34.84 -10.36
C PHE A 78 -27.59 33.34 -10.50
N LEU A 79 -28.69 32.62 -10.71
CA LEU A 79 -28.67 31.17 -10.81
C LEU A 79 -28.34 30.67 -12.20
N LYS A 80 -28.23 31.55 -13.19
CA LYS A 80 -27.95 31.14 -14.56
C LYS A 80 -26.49 30.77 -14.77
N THR A 81 -25.70 30.65 -13.70
CA THR A 81 -24.30 30.28 -13.80
C THR A 81 -23.96 29.00 -13.05
N ILE A 82 -24.90 28.45 -12.28
CA ILE A 82 -24.64 27.19 -11.58
C ILE A 82 -24.64 26.05 -12.59
N GLN A 83 -23.63 25.18 -12.49
CA GLN A 83 -23.48 24.09 -13.44
C GLN A 83 -23.49 22.71 -12.81
N GLU A 84 -23.17 22.58 -11.53
CA GLU A 84 -23.25 21.31 -10.84
C GLU A 84 -23.76 21.54 -9.43
N VAL A 85 -24.30 20.47 -8.84
CA VAL A 85 -24.73 20.47 -7.44
C VAL A 85 -24.29 19.14 -6.86
N ALA A 86 -23.23 19.14 -6.06
CA ALA A 86 -22.67 17.90 -5.56
C ALA A 86 -23.49 17.30 -4.42
N GLY A 87 -24.71 17.79 -4.20
CA GLY A 87 -25.60 17.22 -3.21
C GLY A 87 -26.97 17.00 -3.81
N TYR A 88 -27.98 17.51 -3.14
CA TYR A 88 -29.34 17.47 -3.67
C TYR A 88 -29.79 18.90 -4.01
N VAL A 89 -31.01 19.01 -4.52
CA VAL A 89 -31.58 20.29 -4.90
C VAL A 89 -33.00 20.34 -4.35
N LEU A 90 -33.27 21.29 -3.47
CA LEU A 90 -34.57 21.41 -2.81
C LEU A 90 -35.19 22.74 -3.18
N ILE A 91 -36.35 22.69 -3.82
CA ILE A 91 -37.07 23.91 -4.17
C ILE A 91 -38.37 23.96 -3.38
N ALA A 92 -38.32 24.61 -2.24
CA ALA A 92 -39.41 24.66 -1.27
C ALA A 92 -40.29 25.86 -1.57
N LEU A 93 -41.04 26.33 -0.57
CA LEU A 93 -42.27 27.06 -0.75
C LEU A 93 -42.03 28.43 -1.39
N ASN A 94 -41.58 28.44 -2.65
CA ASN A 94 -41.40 29.69 -3.36
C ASN A 94 -42.71 30.21 -3.89
N THR A 95 -42.66 31.43 -4.40
CA THR A 95 -43.78 32.02 -5.12
C THR A 95 -43.35 32.75 -6.39
N VAL A 96 -42.04 32.97 -6.58
CA VAL A 96 -41.58 33.62 -7.79
C VAL A 96 -42.01 32.81 -9.01
N GLU A 97 -42.25 33.50 -10.12
CA GLU A 97 -42.84 32.86 -11.28
C GLU A 97 -41.85 31.93 -11.99
N ARG A 98 -40.58 32.31 -12.08
CA ARG A 98 -39.63 31.56 -12.90
C ARG A 98 -38.26 31.54 -12.22
N ILE A 99 -37.72 30.35 -12.06
CA ILE A 99 -36.39 30.14 -11.50
C ILE A 99 -35.42 29.90 -12.66
N PRO A 100 -34.43 30.78 -12.96
CA PRO A 100 -33.56 30.59 -14.12
C PRO A 100 -32.43 29.58 -13.88
N LEU A 101 -32.75 28.36 -13.43
CA LEU A 101 -31.70 27.31 -13.28
C LEU A 101 -31.58 26.59 -14.62
N GLU A 102 -31.34 27.34 -15.70
CA GLU A 102 -31.32 26.77 -17.04
C GLU A 102 -29.90 26.42 -17.48
N ASN A 103 -29.00 26.21 -16.52
CA ASN A 103 -27.64 25.76 -16.82
C ASN A 103 -27.20 24.59 -15.97
N LEU A 104 -28.04 24.13 -15.05
CA LEU A 104 -27.70 22.95 -14.25
C LEU A 104 -27.57 21.74 -15.16
N GLN A 105 -26.45 21.02 -15.02
CA GLN A 105 -26.16 19.88 -15.89
C GLN A 105 -26.17 18.54 -15.18
N ILE A 106 -25.94 18.50 -13.87
CA ILE A 106 -25.84 17.23 -13.17
C ILE A 106 -26.06 17.48 -11.68
N ILE A 107 -26.62 16.49 -11.00
CA ILE A 107 -26.85 16.52 -9.56
C ILE A 107 -26.25 15.23 -9.01
N ARG A 108 -25.03 15.31 -8.50
CA ARG A 108 -24.32 14.10 -8.10
C ARG A 108 -25.03 13.33 -6.99
N GLY A 109 -25.90 13.98 -6.23
CA GLY A 109 -26.69 13.26 -5.24
C GLY A 109 -25.89 12.62 -4.13
N ASN A 110 -24.83 13.29 -3.65
CA ASN A 110 -24.02 12.76 -2.57
C ASN A 110 -24.73 12.79 -1.23
N MET A 111 -25.86 13.50 -1.11
CA MET A 111 -26.60 13.56 0.14
C MET A 111 -28.08 13.67 -0.20
N TYR A 112 -28.88 12.78 0.37
CA TYR A 112 -30.28 12.66 -0.01
C TYR A 112 -31.17 13.48 0.91
N TYR A 113 -32.06 14.27 0.32
CA TYR A 113 -33.17 14.83 1.07
C TYR A 113 -34.21 13.75 1.32
N GLU A 114 -34.72 13.71 2.55
CA GLU A 114 -35.68 12.68 2.97
C GLU A 114 -35.12 11.27 2.80
N ASN A 115 -33.78 11.15 2.81
CA ASN A 115 -33.07 9.87 2.79
C ASN A 115 -33.31 9.08 1.52
N SER A 116 -34.12 9.60 0.60
CA SER A 116 -34.44 8.91 -0.64
C SER A 116 -34.08 9.72 -1.89
N TYR A 117 -34.43 11.00 -1.93
CA TYR A 117 -34.44 11.79 -3.15
C TYR A 117 -33.16 12.60 -3.30
N ALA A 118 -33.00 13.16 -4.50
CA ALA A 118 -31.91 14.10 -4.77
C ALA A 118 -32.38 15.29 -5.59
N LEU A 119 -33.69 15.47 -5.74
CA LEU A 119 -34.25 16.69 -6.31
C LEU A 119 -35.70 16.75 -5.86
N ALA A 120 -36.02 17.70 -4.99
CA ALA A 120 -37.36 17.80 -4.43
C ALA A 120 -37.95 19.16 -4.75
N VAL A 121 -39.14 19.14 -5.32
CA VAL A 121 -39.87 20.35 -5.67
C VAL A 121 -41.24 20.30 -5.02
N LEU A 122 -41.43 21.06 -3.95
CA LEU A 122 -42.57 20.86 -3.05
C LEU A 122 -43.31 22.17 -2.84
N SER A 123 -44.60 22.17 -3.14
CA SER A 123 -45.56 23.19 -2.69
C SER A 123 -45.07 24.60 -2.97
N ASN A 124 -44.99 24.94 -4.25
CA ASN A 124 -44.50 26.25 -4.67
C ASN A 124 -45.66 27.20 -4.96
N TYR A 125 -46.55 27.33 -3.97
CA TYR A 125 -47.68 28.24 -4.07
C TYR A 125 -47.99 28.73 -2.66
N ASP A 126 -48.25 30.04 -2.53
CA ASP A 126 -48.34 30.62 -1.20
C ASP A 126 -49.53 30.11 -0.37
N ALA A 127 -50.74 30.54 -0.69
CA ALA A 127 -51.91 30.00 -0.01
C ALA A 127 -53.13 29.90 -0.92
N ASN A 128 -53.11 30.61 -2.05
CA ASN A 128 -54.30 30.80 -2.87
C ASN A 128 -54.06 30.38 -4.31
N LYS A 129 -53.23 29.36 -4.52
CA LYS A 129 -53.04 28.72 -5.82
C LYS A 129 -52.47 29.70 -6.85
N THR A 130 -51.35 30.31 -6.51
CA THR A 130 -50.56 31.09 -7.45
C THR A 130 -49.09 30.96 -7.08
N GLY A 131 -48.22 31.26 -8.04
CA GLY A 131 -46.79 31.21 -7.76
C GLY A 131 -45.93 30.67 -8.87
N LEU A 132 -45.13 29.65 -8.56
CA LEU A 132 -44.12 29.14 -9.48
C LEU A 132 -44.81 28.41 -10.62
N LYS A 133 -44.73 28.98 -11.83
CA LYS A 133 -45.29 28.37 -13.02
C LYS A 133 -44.24 27.76 -13.94
N GLU A 134 -43.11 28.43 -14.13
CA GLU A 134 -42.07 27.95 -15.01
C GLU A 134 -40.83 27.58 -14.23
N LEU A 135 -40.13 26.55 -14.71
CA LEU A 135 -38.89 26.05 -14.12
C LEU A 135 -38.06 25.43 -15.24
N PRO A 136 -37.30 26.22 -15.98
CA PRO A 136 -36.70 25.74 -17.24
C PRO A 136 -35.33 25.10 -17.09
N MET A 137 -35.24 24.02 -16.32
CA MET A 137 -34.00 23.25 -16.21
C MET A 137 -33.84 22.43 -17.49
N ARG A 138 -33.54 23.12 -18.59
CA ARG A 138 -33.47 22.47 -19.89
C ARG A 138 -32.19 21.67 -20.07
N ASN A 139 -31.12 22.04 -19.39
CA ASN A 139 -29.85 21.34 -19.54
C ASN A 139 -29.67 20.18 -18.56
N LEU A 140 -30.54 20.06 -17.56
CA LEU A 140 -30.44 18.93 -16.63
C LEU A 140 -30.55 17.63 -17.41
N GLN A 141 -29.51 16.80 -17.31
CA GLN A 141 -29.43 15.58 -18.10
C GLN A 141 -29.09 14.34 -17.30
N GLU A 142 -28.65 14.46 -16.04
CA GLU A 142 -28.27 13.29 -15.28
C GLU A 142 -28.39 13.58 -13.79
N ILE A 143 -28.79 12.56 -13.04
CA ILE A 143 -28.83 12.59 -11.58
C ILE A 143 -28.13 11.30 -11.13
N LEU A 144 -26.87 11.43 -10.70
CA LEU A 144 -26.03 10.25 -10.51
C LEU A 144 -26.59 9.30 -9.47
N HIS A 145 -27.28 9.82 -8.45
CA HIS A 145 -27.86 8.97 -7.42
C HIS A 145 -29.13 9.63 -6.89
N GLY A 146 -30.15 8.82 -6.65
CA GLY A 146 -31.34 9.30 -5.98
C GLY A 146 -32.51 9.50 -6.92
N ALA A 147 -33.70 9.43 -6.35
CA ALA A 147 -34.95 9.60 -7.09
C ALA A 147 -35.29 11.09 -7.20
N VAL A 148 -36.50 11.39 -7.63
CA VAL A 148 -36.97 12.76 -7.83
C VAL A 148 -38.41 12.84 -7.34
N ARG A 149 -38.73 13.90 -6.59
CA ARG A 149 -40.08 14.07 -6.06
C ARG A 149 -40.61 15.44 -6.47
N PHE A 150 -41.75 15.45 -7.16
CA PHE A 150 -42.54 16.64 -7.38
C PHE A 150 -43.87 16.44 -6.66
N SER A 151 -44.35 17.48 -5.99
CA SER A 151 -45.59 17.31 -5.23
C SER A 151 -46.17 18.66 -4.85
N ASN A 152 -47.48 18.80 -5.01
CA ASN A 152 -48.30 19.78 -4.31
C ASN A 152 -48.05 21.22 -4.75
N ASN A 153 -47.55 21.45 -5.97
CA ASN A 153 -47.30 22.79 -6.49
C ASN A 153 -48.21 23.08 -7.67
N PRO A 154 -49.48 23.42 -7.41
CA PRO A 154 -50.45 23.55 -8.50
C PRO A 154 -50.31 24.83 -9.30
N ALA A 155 -49.08 25.21 -9.64
CA ALA A 155 -48.90 26.23 -10.67
C ALA A 155 -47.79 25.90 -11.66
N LEU A 156 -46.91 24.96 -11.37
CA LEU A 156 -45.83 24.59 -12.29
C LEU A 156 -46.40 23.70 -13.38
N CYS A 157 -46.28 24.14 -14.63
CA CYS A 157 -46.77 23.35 -15.75
C CYS A 157 -45.72 23.34 -16.86
N ASN A 158 -45.99 22.47 -17.84
CA ASN A 158 -45.13 22.10 -18.96
C ASN A 158 -43.99 21.20 -18.51
N VAL A 159 -43.76 21.05 -17.22
CA VAL A 159 -43.00 19.90 -16.70
C VAL A 159 -44.06 18.89 -16.30
N GLU A 160 -44.60 18.20 -17.31
CA GLU A 160 -45.57 17.14 -17.08
C GLU A 160 -45.37 15.97 -18.02
N SER A 161 -44.44 16.07 -18.96
CA SER A 161 -44.23 15.06 -19.97
C SER A 161 -42.77 14.62 -20.07
N ILE A 162 -41.87 15.26 -19.34
CA ILE A 162 -40.45 14.93 -19.37
C ILE A 162 -40.28 13.45 -19.07
N GLN A 163 -39.62 12.73 -19.97
CA GLN A 163 -39.33 11.32 -19.75
C GLN A 163 -38.26 11.24 -18.68
N TRP A 164 -38.65 10.81 -17.48
CA TRP A 164 -37.76 10.85 -16.32
C TRP A 164 -36.88 9.61 -16.21
N ARG A 165 -36.89 8.74 -17.22
CA ARG A 165 -35.96 7.63 -17.26
C ARG A 165 -34.73 7.91 -18.09
N ASP A 166 -34.69 9.04 -18.79
CA ASP A 166 -33.51 9.48 -19.49
C ASP A 166 -32.55 10.26 -18.58
N ILE A 167 -33.05 10.77 -17.46
CA ILE A 167 -32.25 11.60 -16.56
C ILE A 167 -31.81 10.78 -15.36
N VAL A 168 -32.78 10.28 -14.59
CA VAL A 168 -32.48 9.50 -13.40
C VAL A 168 -31.69 8.26 -13.77
N SER A 169 -30.83 7.82 -12.85
CA SER A 169 -30.10 6.57 -13.05
C SER A 169 -31.07 5.40 -13.07
N SER A 170 -30.79 4.44 -13.94
CA SER A 170 -31.71 3.33 -14.20
C SER A 170 -32.01 2.47 -12.98
N ASP A 171 -31.31 2.70 -11.86
CA ASP A 171 -31.50 1.86 -10.68
C ASP A 171 -32.64 2.35 -9.82
N PHE A 172 -32.82 3.65 -9.71
CA PHE A 172 -33.73 4.25 -8.75
C PHE A 172 -35.13 4.50 -9.28
N LEU A 173 -35.46 4.01 -10.49
CA LEU A 173 -36.77 4.30 -11.05
C LEU A 173 -37.92 3.66 -10.28
N SER A 174 -37.65 2.90 -9.23
CA SER A 174 -38.68 2.33 -8.39
C SER A 174 -39.04 3.24 -7.21
N ASN A 175 -38.26 4.28 -6.96
CA ASN A 175 -38.40 5.09 -5.77
C ASN A 175 -38.79 6.55 -6.08
N MET A 176 -39.27 6.82 -7.29
CA MET A 176 -39.59 8.16 -7.73
C MET A 176 -41.07 8.44 -7.50
N SER A 177 -41.37 9.57 -6.88
CA SER A 177 -42.74 10.03 -6.67
C SER A 177 -43.00 11.24 -7.55
N MET A 178 -44.17 11.28 -8.18
CA MET A 178 -44.54 12.35 -9.09
C MET A 178 -46.03 12.63 -8.98
N ASP A 179 -46.40 13.89 -8.85
CA ASP A 179 -47.80 14.29 -8.69
C ASP A 179 -47.98 15.63 -9.40
N PHE A 180 -48.53 15.60 -10.62
CA PHE A 180 -48.73 16.79 -11.43
C PHE A 180 -50.23 17.10 -11.45
N GLN A 181 -50.62 18.20 -10.81
CA GLN A 181 -52.01 18.60 -10.69
C GLN A 181 -52.16 20.09 -10.97
N ASN A 182 -51.59 20.53 -12.10
CA ASN A 182 -51.68 21.94 -12.45
C ASN A 182 -53.10 22.29 -12.88
N HIS A 183 -53.93 22.65 -11.91
CA HIS A 183 -55.34 22.97 -12.14
C HIS A 183 -55.60 24.47 -12.04
N LEU A 184 -54.62 25.30 -12.39
CA LEU A 184 -54.75 26.75 -12.30
C LEU A 184 -54.70 27.32 -13.69
N GLY A 185 -55.87 27.58 -14.27
CA GLY A 185 -55.94 28.07 -15.63
C GLY A 185 -55.30 27.09 -16.59
N SER A 186 -54.58 27.64 -17.57
CA SER A 186 -53.84 26.86 -18.53
C SER A 186 -52.49 27.54 -18.76
N CYS A 187 -51.71 26.99 -19.69
CA CYS A 187 -50.43 27.58 -20.05
C CYS A 187 -50.02 27.12 -21.44
N GLN A 188 -48.95 27.73 -21.95
CA GLN A 188 -48.55 27.58 -23.33
C GLN A 188 -48.16 26.14 -23.66
N LYS A 189 -47.97 25.89 -24.95
CA LYS A 189 -47.61 24.58 -25.49
C LYS A 189 -46.15 24.58 -25.92
N CYS A 190 -45.69 23.42 -26.36
CA CYS A 190 -44.33 23.25 -26.87
C CYS A 190 -44.40 22.48 -28.18
N ASP A 191 -43.97 23.13 -29.26
CA ASP A 191 -44.18 22.69 -30.64
C ASP A 191 -43.63 21.29 -30.90
N PRO A 192 -44.17 20.56 -31.89
CA PRO A 192 -43.71 19.20 -32.19
C PRO A 192 -42.40 19.15 -32.96
N SER A 193 -41.42 19.94 -32.50
CA SER A 193 -40.06 19.84 -33.07
C SER A 193 -39.24 19.10 -32.00
N CYS A 194 -39.90 18.72 -30.90
CA CYS A 194 -39.23 18.01 -29.79
C CYS A 194 -39.84 16.60 -29.64
N PRO A 195 -39.14 15.62 -29.01
CA PRO A 195 -39.64 14.25 -28.88
C PRO A 195 -41.01 14.13 -28.19
N ASN A 196 -42.00 13.55 -28.88
CA ASN A 196 -43.37 13.31 -28.30
C ASN A 196 -43.75 14.35 -27.24
N GLY A 197 -43.73 15.64 -27.58
CA GLY A 197 -44.16 16.67 -26.65
C GLY A 197 -43.56 16.58 -25.27
N SER A 198 -42.26 16.32 -25.19
CA SER A 198 -41.54 16.28 -23.91
C SER A 198 -40.69 17.54 -23.84
N CYS A 199 -41.14 18.51 -23.06
CA CYS A 199 -40.52 19.82 -22.99
C CYS A 199 -40.37 20.25 -21.54
N TRP A 200 -39.37 21.08 -21.29
CA TRP A 200 -39.10 21.62 -19.96
C TRP A 200 -39.78 22.95 -19.72
N GLY A 201 -40.05 23.70 -20.77
CA GLY A 201 -40.73 24.98 -20.67
C GLY A 201 -41.74 25.16 -21.78
N ALA A 202 -41.64 26.27 -22.50
CA ALA A 202 -42.48 26.53 -23.66
C ALA A 202 -41.64 27.28 -24.68
N GLY A 203 -41.27 26.61 -25.75
CA GLY A 203 -40.41 27.21 -26.76
C GLY A 203 -39.64 26.14 -27.49
N GLU A 204 -38.63 26.58 -28.22
CA GLU A 204 -37.83 25.66 -29.02
C GLU A 204 -36.66 25.09 -28.23
N GLU A 205 -35.98 25.93 -27.45
CA GLU A 205 -34.84 25.45 -26.68
C GLU A 205 -35.28 24.73 -25.42
N ASN A 206 -36.36 25.20 -24.77
CA ASN A 206 -36.81 24.62 -23.51
C ASN A 206 -37.58 23.32 -23.75
N CYS A 207 -36.89 22.34 -24.32
CA CYS A 207 -37.48 21.01 -24.45
C CYS A 207 -36.38 19.97 -24.45
N GLN A 208 -36.71 18.80 -23.89
CA GLN A 208 -35.71 17.82 -23.48
C GLN A 208 -34.85 17.37 -24.65
N LYS A 209 -33.63 16.92 -24.32
CA LYS A 209 -32.67 16.41 -25.29
C LYS A 209 -32.12 15.10 -24.71
N LEU A 210 -32.67 13.97 -25.16
CA LEU A 210 -32.35 12.70 -24.52
C LEU A 210 -30.97 12.21 -24.91
N THR A 211 -30.32 11.50 -23.98
CA THR A 211 -29.02 10.92 -24.25
C THR A 211 -28.83 9.52 -23.67
N LYS A 212 -29.89 8.85 -23.21
CA LYS A 212 -29.71 7.54 -22.61
C LYS A 212 -30.67 6.50 -23.19
N ILE A 213 -31.87 6.90 -23.56
CA ILE A 213 -32.84 5.98 -24.14
C ILE A 213 -33.04 6.23 -25.63
N ILE A 214 -32.06 6.84 -26.29
CA ILE A 214 -32.00 6.89 -27.74
C ILE A 214 -30.68 6.37 -28.27
N CYS A 215 -29.77 5.94 -27.40
CA CYS A 215 -28.46 5.49 -27.80
C CYS A 215 -28.55 4.26 -28.69
N ALA A 216 -27.41 3.87 -29.24
CA ALA A 216 -27.32 2.67 -30.05
C ALA A 216 -27.40 1.43 -29.14
N GLN A 217 -27.23 0.26 -29.75
CA GLN A 217 -27.34 -1.00 -29.05
C GLN A 217 -25.98 -1.58 -28.67
N GLN A 218 -24.91 -0.77 -28.74
CA GLN A 218 -23.58 -1.28 -28.42
C GLN A 218 -22.75 -0.28 -27.63
N CYS A 219 -23.38 0.66 -26.92
CA CYS A 219 -22.68 1.61 -26.06
C CYS A 219 -23.40 1.69 -24.73
N SER A 220 -22.76 1.19 -23.67
CA SER A 220 -23.32 1.20 -22.32
C SER A 220 -22.95 2.51 -21.65
N GLY A 221 -23.70 3.56 -21.98
CA GLY A 221 -23.47 4.87 -21.42
C GLY A 221 -24.35 5.91 -22.07
N ARG A 222 -23.87 7.15 -22.15
CA ARG A 222 -24.62 8.21 -22.81
C ARG A 222 -24.37 8.16 -24.32
N CYS A 223 -24.90 9.14 -25.03
CA CYS A 223 -24.69 9.24 -26.48
C CYS A 223 -25.04 10.66 -26.91
N ARG A 224 -24.90 10.91 -28.21
CA ARG A 224 -25.33 12.18 -28.79
C ARG A 224 -25.96 11.98 -30.15
N GLY A 225 -26.55 10.81 -30.39
CA GLY A 225 -27.17 10.53 -31.68
C GLY A 225 -27.72 9.13 -31.81
N LYS A 226 -28.72 8.94 -32.67
CA LYS A 226 -29.35 7.65 -32.88
C LYS A 226 -28.49 6.78 -33.80
N SER A 227 -27.25 6.55 -33.37
CA SER A 227 -26.29 5.81 -34.19
C SER A 227 -25.20 5.30 -33.27
N PRO A 228 -24.49 4.23 -33.68
CA PRO A 228 -23.29 3.81 -32.94
C PRO A 228 -22.07 4.65 -33.24
N SER A 229 -22.16 5.58 -34.20
CA SER A 229 -21.01 6.36 -34.62
C SER A 229 -20.65 7.49 -33.66
N ASP A 230 -21.49 7.78 -32.67
CA ASP A 230 -21.22 8.91 -31.79
C ASP A 230 -21.51 8.60 -30.32
N CYS A 231 -21.56 7.33 -29.92
CA CYS A 231 -21.74 7.00 -28.52
C CYS A 231 -20.58 7.53 -27.69
N CYS A 232 -20.89 8.00 -26.49
CA CYS A 232 -19.93 8.72 -25.67
C CYS A 232 -19.03 7.77 -24.89
N HIS A 233 -18.03 8.35 -24.25
CA HIS A 233 -17.12 7.59 -23.41
C HIS A 233 -17.86 7.01 -22.21
N ASN A 234 -17.26 5.98 -21.61
CA ASN A 234 -17.87 5.35 -20.44
C ASN A 234 -17.84 6.26 -19.23
N GLN A 235 -16.99 7.28 -19.21
CA GLN A 235 -16.82 8.14 -18.05
C GLN A 235 -17.56 9.46 -18.15
N CYS A 236 -18.12 9.79 -19.31
CA CYS A 236 -18.97 10.98 -19.40
C CYS A 236 -20.23 10.78 -18.58
N ALA A 237 -20.64 11.82 -17.85
CA ALA A 237 -21.73 11.70 -16.91
C ALA A 237 -23.03 12.33 -17.39
N ALA A 238 -22.97 13.35 -18.23
CA ALA A 238 -24.18 13.97 -18.76
C ALA A 238 -24.32 13.86 -20.25
N GLY A 239 -23.24 13.60 -20.98
CA GLY A 239 -23.27 13.54 -22.43
C GLY A 239 -22.06 14.24 -23.00
N CYS A 240 -21.35 13.59 -23.91
CA CYS A 240 -20.08 14.10 -24.39
C CYS A 240 -20.29 15.12 -25.50
N THR A 241 -19.20 15.77 -25.90
CA THR A 241 -19.13 16.54 -27.14
C THR A 241 -18.07 15.94 -28.07
N GLY A 242 -17.68 14.70 -27.81
CA GLY A 242 -16.68 14.01 -28.59
C GLY A 242 -16.48 12.61 -28.04
N PRO A 243 -16.05 11.70 -28.88
CA PRO A 243 -15.97 10.28 -28.50
C PRO A 243 -14.68 9.90 -27.78
N ARG A 244 -14.34 10.66 -26.75
CA ARG A 244 -13.11 10.41 -26.00
C ARG A 244 -13.36 10.71 -24.52
N GLU A 245 -12.33 10.45 -23.71
CA GLU A 245 -12.40 10.73 -22.29
C GLU A 245 -12.08 12.18 -21.96
N SER A 246 -11.47 12.92 -22.88
CA SER A 246 -11.17 14.32 -22.68
C SER A 246 -12.25 15.25 -23.23
N ASP A 247 -13.40 14.70 -23.62
CA ASP A 247 -14.48 15.48 -24.21
C ASP A 247 -15.78 15.37 -23.42
N CYS A 248 -15.75 14.75 -22.24
CA CYS A 248 -16.95 14.66 -21.43
C CYS A 248 -17.38 16.04 -20.95
N LEU A 249 -18.70 16.23 -20.83
CA LEU A 249 -19.22 17.47 -20.26
C LEU A 249 -18.91 17.54 -18.76
N VAL A 250 -19.36 16.55 -18.02
CA VAL A 250 -19.11 16.46 -16.58
C VAL A 250 -18.48 15.10 -16.31
N CYS A 251 -17.37 15.10 -15.57
CA CYS A 251 -16.71 13.86 -15.22
C CYS A 251 -17.56 13.08 -14.22
N ARG A 252 -17.45 11.76 -14.26
CA ARG A 252 -18.33 10.92 -13.45
C ARG A 252 -17.72 10.59 -12.09
N LYS A 253 -16.48 10.11 -12.07
CA LYS A 253 -15.84 9.72 -10.82
C LYS A 253 -14.64 10.61 -10.47
N PHE A 254 -13.65 10.72 -11.36
CA PHE A 254 -12.46 11.49 -11.04
C PHE A 254 -12.17 12.53 -12.11
N ARG A 255 -11.04 13.24 -11.98
CA ARG A 255 -10.69 14.27 -12.96
C ARG A 255 -9.17 14.43 -12.93
N ASN A 256 -8.49 13.85 -13.93
CA ASN A 256 -7.01 13.93 -14.01
C ASN A 256 -6.63 15.04 -15.00
N GLU A 257 -6.77 16.30 -14.59
CA GLU A 257 -6.38 17.46 -15.44
C GLU A 257 -7.11 17.39 -16.80
N ALA A 258 -8.42 17.64 -16.81
CA ALA A 258 -9.20 17.71 -18.04
C ALA A 258 -9.33 16.37 -18.75
N THR A 259 -9.18 15.26 -18.02
CA THR A 259 -9.46 13.93 -18.56
C THR A 259 -10.20 13.17 -17.46
N CYS A 260 -11.48 12.87 -17.70
CA CYS A 260 -12.33 12.26 -16.69
C CYS A 260 -11.95 10.78 -16.56
N LYS A 261 -10.92 10.52 -15.77
CA LYS A 261 -10.46 9.16 -15.52
C LYS A 261 -11.47 8.43 -14.63
N ASP A 262 -11.16 7.17 -14.35
CA ASP A 262 -11.94 6.34 -13.44
C ASP A 262 -11.26 6.15 -12.10
N THR A 263 -9.96 5.88 -12.11
CA THR A 263 -9.12 5.89 -10.92
C THR A 263 -7.84 6.61 -11.26
N CYS A 264 -7.38 7.46 -10.35
CA CYS A 264 -6.17 8.24 -10.62
C CYS A 264 -5.01 7.30 -10.97
N PRO A 265 -4.12 7.71 -11.87
CA PRO A 265 -3.02 6.84 -12.28
C PRO A 265 -2.19 6.43 -11.07
N PRO A 266 -1.92 5.13 -10.91
CA PRO A 266 -1.21 4.67 -9.72
C PRO A 266 0.22 5.20 -9.70
N LEU A 267 0.86 5.02 -8.55
CA LEU A 267 2.24 5.44 -8.40
C LEU A 267 3.21 4.34 -8.83
N MET A 268 2.86 3.08 -8.61
CA MET A 268 3.70 1.95 -8.98
C MET A 268 2.86 0.96 -9.77
N LEU A 269 3.27 0.67 -11.00
CA LEU A 269 2.58 -0.28 -11.85
C LEU A 269 3.24 -1.64 -11.77
N TYR A 270 2.43 -2.68 -11.97
CA TYR A 270 2.97 -4.02 -12.11
C TYR A 270 3.75 -4.13 -13.42
N ASN A 271 4.51 -5.21 -13.56
CA ASN A 271 5.30 -5.45 -14.76
C ASN A 271 5.14 -6.91 -15.15
N PRO A 272 4.25 -7.21 -16.10
CA PRO A 272 3.99 -8.60 -16.46
C PRO A 272 5.22 -9.34 -16.99
N THR A 273 6.20 -8.61 -17.52
CA THR A 273 7.38 -9.27 -18.07
C THR A 273 8.25 -9.88 -16.99
N THR A 274 8.44 -9.17 -15.87
CA THR A 274 9.43 -9.54 -14.88
C THR A 274 8.86 -9.74 -13.48
N TYR A 275 7.54 -9.79 -13.33
CA TYR A 275 6.89 -10.03 -12.04
C TYR A 275 7.45 -9.10 -10.97
N GLN A 276 7.46 -7.80 -11.27
CA GLN A 276 8.05 -6.82 -10.37
C GLN A 276 7.21 -5.54 -10.44
N MET A 277 7.64 -4.53 -9.70
CA MET A 277 7.00 -3.23 -9.68
C MET A 277 7.89 -2.20 -10.34
N ASP A 278 7.29 -1.05 -10.67
CA ASP A 278 7.99 0.03 -11.35
C ASP A 278 7.56 1.34 -10.72
N VAL A 279 7.89 2.45 -11.37
CA VAL A 279 7.49 3.78 -10.93
C VAL A 279 6.80 4.48 -12.10
N ASN A 280 5.61 4.99 -11.85
CA ASN A 280 4.85 5.65 -12.91
C ASN A 280 5.49 7.01 -13.20
N PRO A 281 5.86 7.29 -14.45
CA PRO A 281 6.31 8.65 -14.78
C PRO A 281 5.21 9.68 -14.61
N GLU A 282 3.95 9.28 -14.72
CA GLU A 282 2.80 10.15 -14.51
C GLU A 282 1.85 9.44 -13.54
N GLY A 283 2.09 9.63 -12.25
CA GLY A 283 1.24 9.05 -11.23
C GLY A 283 0.85 10.10 -10.20
N LYS A 284 -0.44 10.22 -9.93
CA LYS A 284 -0.95 11.30 -9.11
C LYS A 284 -1.55 10.75 -7.82
N TYR A 285 -1.76 11.65 -6.87
CA TYR A 285 -2.38 11.32 -5.60
C TYR A 285 -3.88 11.59 -5.67
N SER A 286 -4.68 10.68 -5.12
CA SER A 286 -6.13 10.79 -5.18
C SER A 286 -6.61 11.69 -4.04
N PHE A 287 -6.78 12.97 -4.33
CA PHE A 287 -7.22 13.95 -3.34
C PHE A 287 -8.71 14.23 -3.56
N GLY A 288 -9.55 13.36 -3.00
CA GLY A 288 -10.98 13.60 -2.96
C GLY A 288 -11.69 13.28 -4.26
N ALA A 289 -11.63 14.17 -5.23
CA ALA A 289 -12.25 13.93 -6.53
C ALA A 289 -11.39 14.44 -7.67
N THR A 290 -10.08 14.48 -7.46
CA THR A 290 -9.17 14.97 -8.50
C THR A 290 -7.80 14.35 -8.26
N CYS A 291 -7.03 14.23 -9.33
CA CYS A 291 -5.68 13.69 -9.26
C CYS A 291 -4.71 14.85 -9.09
N VAL A 292 -4.08 14.94 -7.93
CA VAL A 292 -3.17 16.02 -7.61
C VAL A 292 -1.74 15.50 -7.63
N LYS A 293 -0.80 16.43 -7.77
CA LYS A 293 0.61 16.06 -7.80
C LYS A 293 1.11 15.64 -6.42
N LYS A 294 0.75 16.41 -5.39
CA LYS A 294 1.15 16.12 -4.03
C LYS A 294 0.01 16.45 -3.08
N CYS A 295 -0.17 15.60 -2.07
CA CYS A 295 -1.20 15.84 -1.08
C CYS A 295 -0.93 17.15 -0.34
N PRO A 296 -1.97 17.82 0.14
CA PRO A 296 -1.76 18.98 1.02
C PRO A 296 -1.08 18.56 2.30
N ARG A 297 -0.21 19.43 2.81
CA ARG A 297 0.74 19.07 3.85
C ARG A 297 0.08 18.70 5.18
N ASN A 298 -1.24 18.77 5.31
CA ASN A 298 -1.91 18.40 6.55
C ASN A 298 -2.85 17.21 6.37
N TYR A 299 -2.61 16.38 5.35
CA TYR A 299 -3.41 15.19 5.09
C TYR A 299 -2.53 13.96 5.17
N VAL A 300 -3.07 12.89 5.76
CA VAL A 300 -2.33 11.64 5.88
C VAL A 300 -2.12 11.04 4.49
N VAL A 301 -0.86 10.72 4.18
CA VAL A 301 -0.51 10.17 2.87
C VAL A 301 -0.26 8.68 3.04
N THR A 302 -1.14 7.86 2.47
CA THR A 302 -0.94 6.42 2.49
C THR A 302 0.13 6.02 1.48
N ASP A 303 0.39 4.71 1.39
CA ASP A 303 1.40 4.21 0.47
C ASP A 303 0.90 4.20 -0.96
N HIS A 304 -0.35 3.79 -1.18
CA HIS A 304 -0.91 3.76 -2.52
C HIS A 304 -0.85 5.14 -3.17
N GLY A 305 -0.98 6.18 -2.36
CA GLY A 305 -1.13 7.53 -2.84
C GLY A 305 -2.57 7.97 -2.70
N SER A 306 -2.86 8.64 -1.59
CA SER A 306 -4.22 9.06 -1.26
C SER A 306 -4.17 10.05 -0.10
N CYS A 307 -4.85 11.19 -0.23
CA CYS A 307 -4.89 12.16 0.84
C CYS A 307 -6.00 11.75 1.79
N VAL A 308 -5.70 10.88 2.72
CA VAL A 308 -6.69 10.37 3.67
C VAL A 308 -6.77 11.32 4.85
N ARG A 309 -7.97 11.48 5.40
CA ARG A 309 -8.16 12.36 6.55
C ARG A 309 -7.65 11.73 7.83
N ALA A 310 -7.96 10.46 8.06
CA ALA A 310 -7.44 9.73 9.22
C ALA A 310 -7.38 8.27 8.83
N CYS A 311 -6.18 7.72 8.73
CA CYS A 311 -6.01 6.38 8.17
C CYS A 311 -6.56 5.32 9.13
N GLY A 312 -6.39 4.06 8.74
CA GLY A 312 -7.05 2.94 9.37
C GLY A 312 -6.97 2.85 10.88
N ALA A 313 -7.87 2.07 11.48
CA ALA A 313 -7.92 1.94 12.92
C ALA A 313 -6.62 1.35 13.48
N ASP A 314 -5.97 0.47 12.72
CA ASP A 314 -4.73 -0.13 13.19
C ASP A 314 -3.59 0.88 13.13
N SER A 315 -3.37 1.50 11.96
CA SER A 315 -2.24 2.39 11.78
C SER A 315 -2.36 3.62 12.69
N TYR A 316 -1.25 4.32 12.84
CA TYR A 316 -1.19 5.52 13.64
C TYR A 316 -0.29 6.54 12.95
N GLU A 317 -0.74 7.80 12.95
CA GLU A 317 0.01 8.85 12.28
C GLU A 317 1.35 9.09 12.97
N MET A 318 2.33 9.53 12.18
CA MET A 318 3.65 9.89 12.69
C MET A 318 4.35 10.73 11.63
N GLU A 319 4.95 11.83 12.06
CA GLU A 319 5.52 12.79 11.13
C GLU A 319 6.76 12.21 10.46
N GLU A 320 6.77 12.22 9.13
CA GLU A 320 7.94 11.85 8.35
C GLU A 320 8.76 13.10 8.05
N ASP A 321 9.71 13.01 7.12
CA ASP A 321 10.62 14.11 6.84
C ASP A 321 9.91 15.25 6.10
N GLY A 322 8.99 15.92 6.79
CA GLY A 322 8.28 17.05 6.23
C GLY A 322 6.85 16.77 5.81
N VAL A 323 6.41 15.51 5.84
CA VAL A 323 5.05 15.14 5.49
C VAL A 323 4.51 14.21 6.58
N ARG A 324 3.22 13.94 6.50
CA ARG A 324 2.55 13.05 7.45
C ARG A 324 2.23 11.72 6.77
N LYS A 325 2.59 10.64 7.45
CA LYS A 325 2.25 9.29 7.01
C LYS A 325 1.69 8.55 8.22
N CYS A 326 1.46 7.25 8.07
CA CYS A 326 1.04 6.45 9.21
C CYS A 326 1.42 5.00 8.98
N LYS A 327 1.98 4.38 10.02
CA LYS A 327 2.48 3.01 9.97
C LYS A 327 1.70 2.15 10.96
N LYS A 328 1.96 0.84 10.91
CA LYS A 328 1.21 -0.11 11.71
C LYS A 328 1.46 0.10 13.20
N CYS A 329 0.63 -0.54 14.02
CA CYS A 329 0.72 -0.44 15.47
C CYS A 329 1.27 -1.75 16.03
N GLU A 330 2.31 -1.64 16.85
CA GLU A 330 2.88 -2.80 17.52
C GLU A 330 2.36 -2.89 18.94
N GLY A 331 2.07 -4.11 19.38
CA GLY A 331 1.57 -4.34 20.71
C GLY A 331 0.27 -3.61 20.99
N PRO A 332 0.33 -2.61 21.87
CA PRO A 332 -0.88 -1.85 22.19
C PRO A 332 -1.32 -0.94 21.04
N CYS A 333 -2.41 -1.31 20.38
CA CYS A 333 -2.99 -0.50 19.31
C CYS A 333 -4.02 0.41 19.95
N ARG A 334 -3.61 1.63 20.27
CA ARG A 334 -4.41 2.52 21.11
C ARG A 334 -5.72 2.88 20.43
N LYS A 335 -6.69 3.24 21.25
CA LYS A 335 -8.01 3.67 20.76
C LYS A 335 -7.92 5.04 20.12
N VAL A 336 -8.85 5.31 19.21
CA VAL A 336 -9.01 6.63 18.61
C VAL A 336 -10.46 7.04 18.79
N CYS A 337 -10.69 8.34 18.88
CA CYS A 337 -12.01 8.89 19.21
C CYS A 337 -12.54 9.69 18.02
N ASN A 338 -13.71 9.30 17.54
CA ASN A 338 -14.34 10.03 16.45
C ASN A 338 -14.96 11.33 16.96
N GLY A 339 -14.85 12.39 16.18
CA GLY A 339 -15.42 13.66 16.55
C GLY A 339 -16.92 13.68 16.40
N ILE A 340 -17.50 14.87 16.33
CA ILE A 340 -18.94 15.02 16.17
C ILE A 340 -19.26 15.13 14.68
N GLY A 341 -20.32 14.48 14.26
CA GLY A 341 -20.68 14.45 12.86
C GLY A 341 -20.05 13.35 12.06
N ILE A 342 -19.57 12.29 12.71
CA ILE A 342 -18.92 11.18 12.03
C ILE A 342 -18.94 9.99 12.98
N GLY A 343 -18.82 8.79 12.41
CA GLY A 343 -18.83 7.60 13.24
C GLY A 343 -20.16 7.41 13.95
N GLU A 344 -20.09 6.85 15.15
CA GLU A 344 -21.30 6.67 15.95
C GLU A 344 -21.92 8.00 16.35
N PHE A 345 -21.15 9.09 16.29
CA PHE A 345 -21.67 10.43 16.50
C PHE A 345 -22.03 11.06 15.14
N LYS A 346 -22.90 10.37 14.41
CA LYS A 346 -23.26 10.78 13.07
C LYS A 346 -24.30 11.89 13.05
N ASP A 347 -25.31 11.82 13.91
CA ASP A 347 -26.35 12.83 13.97
C ASP A 347 -26.40 13.46 15.35
N SER A 348 -25.23 13.76 15.91
CA SER A 348 -25.12 14.49 17.15
C SER A 348 -24.73 15.94 16.85
N LEU A 349 -25.25 16.86 17.65
CA LEU A 349 -24.98 18.29 17.45
C LEU A 349 -23.82 18.76 18.31
N SER A 350 -23.92 18.58 19.63
CA SER A 350 -22.87 18.95 20.56
C SER A 350 -22.37 17.70 21.28
N ILE A 351 -21.44 17.91 22.21
CA ILE A 351 -21.02 16.84 23.12
C ILE A 351 -21.95 16.93 24.33
N ASN A 352 -23.12 16.33 24.19
CA ASN A 352 -24.13 16.37 25.22
C ASN A 352 -23.85 15.32 26.28
N ALA A 353 -24.66 15.31 27.34
CA ALA A 353 -24.45 14.37 28.42
C ALA A 353 -25.05 13.01 28.08
N THR A 354 -24.75 12.52 26.89
CA THR A 354 -24.99 11.13 26.53
C THR A 354 -23.88 10.57 25.65
N ASN A 355 -22.86 11.36 25.34
CA ASN A 355 -21.71 10.88 24.58
C ASN A 355 -20.41 11.47 25.09
N ILE A 356 -20.40 12.03 26.30
CA ILE A 356 -19.16 12.59 26.82
C ILE A 356 -18.29 11.49 27.42
N LYS A 357 -18.89 10.41 27.90
CA LYS A 357 -18.11 9.30 28.43
C LYS A 357 -17.25 8.65 27.35
N HIS A 358 -17.69 8.72 26.09
CA HIS A 358 -16.91 8.16 25.00
C HIS A 358 -15.60 8.90 24.77
N PHE A 359 -15.44 10.08 25.35
CA PHE A 359 -14.20 10.84 25.30
C PHE A 359 -13.37 10.67 26.58
N LYS A 360 -13.43 9.49 27.19
CA LYS A 360 -12.98 9.35 28.58
C LYS A 360 -11.49 9.66 28.73
N ASN A 361 -10.66 9.14 27.83
CA ASN A 361 -9.23 9.34 27.96
C ASN A 361 -8.57 9.63 26.61
N CYS A 362 -9.28 10.27 25.70
CA CYS A 362 -8.74 10.55 24.39
C CYS A 362 -7.55 11.49 24.47
N THR A 363 -6.64 11.37 23.49
CA THR A 363 -5.56 12.32 23.31
C THR A 363 -5.51 12.89 21.91
N SER A 364 -6.45 12.51 21.04
CA SER A 364 -6.50 13.04 19.68
C SER A 364 -7.90 12.79 19.15
N ILE A 365 -8.64 13.86 18.88
CA ILE A 365 -10.00 13.75 18.38
C ILE A 365 -9.92 13.60 16.87
N SER A 366 -10.18 12.39 16.37
CA SER A 366 -10.20 12.12 14.93
C SER A 366 -11.53 12.61 14.37
N GLY A 367 -11.68 13.93 14.37
CA GLY A 367 -12.92 14.55 13.98
C GLY A 367 -12.91 16.02 14.33
N ASP A 368 -13.95 16.50 14.99
CA ASP A 368 -14.09 17.92 15.29
C ASP A 368 -15.07 18.10 16.42
N LEU A 369 -14.76 19.02 17.33
CA LEU A 369 -15.50 19.19 18.57
C LEU A 369 -16.48 20.35 18.43
N HIS A 370 -17.77 20.07 18.57
CA HIS A 370 -18.80 21.09 18.66
C HIS A 370 -19.28 21.19 20.09
N ILE A 371 -19.29 22.40 20.64
CA ILE A 371 -19.88 22.68 21.93
C ILE A 371 -20.94 23.75 21.72
N LEU A 372 -22.18 23.42 21.99
CA LEU A 372 -23.32 24.28 21.75
C LEU A 372 -24.12 24.42 23.03
N PRO A 373 -24.92 25.49 23.16
CA PRO A 373 -25.67 25.69 24.41
C PRO A 373 -26.61 24.55 24.75
N VAL A 374 -26.97 23.71 23.79
CA VAL A 374 -27.80 22.55 24.09
C VAL A 374 -27.06 21.55 24.96
N ALA A 375 -25.74 21.63 25.03
CA ALA A 375 -24.97 20.71 25.87
C ALA A 375 -25.26 20.94 27.34
N PHE A 376 -25.31 22.21 27.76
CA PHE A 376 -25.51 22.54 29.16
C PHE A 376 -26.98 22.62 29.53
N ARG A 377 -27.74 23.46 28.84
CA ARG A 377 -29.16 23.59 29.11
C ARG A 377 -29.89 22.25 28.99
N GLY A 378 -29.39 21.36 28.14
CA GLY A 378 -30.02 20.07 27.97
C GLY A 378 -31.23 20.13 27.06
N ASP A 379 -31.40 19.11 26.22
CA ASP A 379 -32.48 19.07 25.26
C ASP A 379 -33.63 18.21 25.77
N SER A 380 -34.82 18.49 25.25
CA SER A 380 -35.99 17.67 25.52
C SER A 380 -36.51 16.94 24.29
N PHE A 381 -36.19 17.42 23.09
CA PHE A 381 -36.64 16.79 21.87
C PHE A 381 -36.05 15.39 21.74
N THR A 382 -34.73 15.28 21.61
CA THR A 382 -34.10 13.97 21.52
C THR A 382 -33.59 13.47 22.87
N HIS A 383 -34.46 13.56 23.89
CA HIS A 383 -34.30 12.87 25.18
C HIS A 383 -32.85 12.85 25.67
N THR A 384 -32.31 14.04 25.91
CA THR A 384 -30.92 14.19 26.32
C THR A 384 -30.82 15.02 27.59
N PRO A 385 -30.48 14.43 28.73
CA PRO A 385 -30.43 15.19 29.99
C PRO A 385 -29.29 16.20 29.97
N PRO A 386 -29.37 17.22 30.81
CA PRO A 386 -28.33 18.27 30.80
C PRO A 386 -26.99 17.74 31.24
N LEU A 387 -25.97 18.59 31.07
CA LEU A 387 -24.60 18.26 31.39
C LEU A 387 -24.19 18.87 32.72
N ASP A 388 -23.26 18.20 33.40
CA ASP A 388 -22.64 18.73 34.60
C ASP A 388 -21.35 19.43 34.21
N PRO A 389 -21.23 20.74 34.43
CA PRO A 389 -20.04 21.46 33.93
C PRO A 389 -18.72 20.92 34.47
N GLN A 390 -18.75 20.14 35.55
CA GLN A 390 -17.53 19.49 36.02
C GLN A 390 -17.08 18.40 35.07
N GLU A 391 -18.02 17.76 34.39
CA GLU A 391 -17.66 16.71 33.42
C GLU A 391 -16.90 17.26 32.23
N LEU A 392 -16.94 18.58 32.02
CA LEU A 392 -16.19 19.19 30.92
C LEU A 392 -14.69 19.10 31.11
N ASP A 393 -14.23 18.69 32.30
CA ASP A 393 -12.80 18.55 32.55
C ASP A 393 -12.19 17.32 31.90
N ILE A 394 -13.02 16.41 31.39
CA ILE A 394 -12.50 15.20 30.75
C ILE A 394 -11.71 15.55 29.50
N LEU A 395 -12.00 16.71 28.89
CA LEU A 395 -11.30 17.14 27.69
C LEU A 395 -9.88 17.63 27.97
N LYS A 396 -9.48 17.72 29.24
CA LYS A 396 -8.17 18.27 29.55
C LYS A 396 -7.02 17.40 29.07
N THR A 397 -7.29 16.20 28.60
CA THR A 397 -6.24 15.32 28.08
C THR A 397 -6.10 15.41 26.57
N VAL A 398 -7.03 16.06 25.88
CA VAL A 398 -6.94 16.19 24.43
C VAL A 398 -5.69 16.97 24.07
N LYS A 399 -4.93 16.46 23.11
CA LYS A 399 -3.68 17.09 22.71
C LYS A 399 -3.69 17.65 21.30
N GLU A 400 -4.61 17.21 20.44
CA GLU A 400 -4.73 17.75 19.11
C GLU A 400 -6.08 17.36 18.53
N ILE A 401 -6.57 18.19 17.62
CA ILE A 401 -7.85 17.98 16.96
C ILE A 401 -7.62 18.02 15.45
N THR A 402 -8.11 16.99 14.75
CA THR A 402 -7.86 16.89 13.32
C THR A 402 -8.79 17.77 12.50
N GLY A 403 -9.95 18.12 13.03
CA GLY A 403 -10.89 18.94 12.29
C GLY A 403 -10.90 20.39 12.70
N PHE A 404 -11.90 20.79 13.49
CA PHE A 404 -11.98 22.16 13.98
C PHE A 404 -12.61 22.16 15.35
N LEU A 405 -12.57 23.34 15.98
CA LEU A 405 -13.10 23.53 17.32
C LEU A 405 -14.12 24.65 17.28
N LEU A 406 -15.38 24.32 17.58
CA LEU A 406 -16.47 25.28 17.56
C LEU A 406 -17.04 25.37 18.97
N ILE A 407 -16.67 26.44 19.69
CA ILE A 407 -17.16 26.67 21.04
C ILE A 407 -18.25 27.73 20.96
N GLN A 408 -19.39 27.45 21.56
CA GLN A 408 -20.52 28.37 21.52
C GLN A 408 -21.17 28.58 22.87
N ALA A 409 -20.73 27.88 23.92
CA ALA A 409 -21.30 28.03 25.25
C ALA A 409 -20.32 27.45 26.26
N TRP A 410 -20.14 28.15 27.37
CA TRP A 410 -19.24 27.77 28.43
C TRP A 410 -19.92 28.02 29.77
N PRO A 411 -19.54 27.31 30.83
CA PRO A 411 -20.05 27.65 32.14
C PRO A 411 -19.71 29.09 32.51
N GLU A 412 -20.71 29.83 32.99
CA GLU A 412 -20.54 31.25 33.21
C GLU A 412 -19.59 31.54 34.37
N ASN A 413 -19.56 30.66 35.37
CA ASN A 413 -18.62 30.85 36.47
C ASN A 413 -17.17 30.77 36.01
N ARG A 414 -16.93 30.15 34.86
CA ARG A 414 -15.58 30.00 34.35
C ARG A 414 -15.13 31.29 33.68
N THR A 415 -13.84 31.60 33.79
CA THR A 415 -13.27 32.82 33.25
C THR A 415 -12.29 32.57 32.12
N ASP A 416 -12.16 31.33 31.66
CA ASP A 416 -11.23 31.02 30.59
C ASP A 416 -11.50 29.61 30.10
N LEU A 417 -10.95 29.28 28.94
CA LEU A 417 -11.07 27.94 28.37
C LEU A 417 -10.15 27.01 29.15
N HIS A 418 -10.65 26.54 30.29
CA HIS A 418 -9.82 25.76 31.19
C HIS A 418 -9.63 24.33 30.71
N ALA A 419 -10.66 23.74 30.09
CA ALA A 419 -10.59 22.35 29.66
C ALA A 419 -9.68 22.14 28.47
N PHE A 420 -9.09 23.20 27.90
CA PHE A 420 -8.24 23.07 26.72
C PHE A 420 -6.84 23.61 26.97
N GLU A 421 -6.38 23.60 28.22
CA GLU A 421 -5.06 24.11 28.54
C GLU A 421 -3.95 23.21 27.97
N ASN A 422 -4.33 22.09 27.37
CA ASN A 422 -3.38 21.17 26.78
C ASN A 422 -3.53 21.02 25.28
N LEU A 423 -4.48 21.72 24.67
CA LEU A 423 -4.60 21.71 23.21
C LEU A 423 -3.32 22.25 22.59
N GLU A 424 -2.81 21.53 21.60
CA GLU A 424 -1.53 21.89 21.00
C GLU A 424 -1.61 22.14 19.50
N ILE A 425 -2.41 21.37 18.77
CA ILE A 425 -2.47 21.49 17.32
C ILE A 425 -3.91 21.31 16.87
N ILE A 426 -4.45 22.28 16.14
CA ILE A 426 -5.71 22.13 15.44
C ILE A 426 -5.37 21.93 13.98
N ARG A 427 -5.53 20.70 13.49
CA ARG A 427 -5.09 20.37 12.15
C ARG A 427 -5.84 21.17 11.10
N GLY A 428 -7.17 21.08 11.10
CA GLY A 428 -7.96 21.82 10.14
C GLY A 428 -8.21 21.06 8.85
N ARG A 429 -8.73 19.85 8.98
CA ARG A 429 -9.14 19.06 7.82
C ARG A 429 -10.61 19.27 7.50
N THR A 430 -11.48 19.04 8.48
CA THR A 430 -12.87 19.47 8.37
C THR A 430 -12.99 20.88 8.91
N LYS A 431 -13.83 21.69 8.29
CA LYS A 431 -13.98 23.09 8.67
C LYS A 431 -15.45 23.43 8.85
N GLN A 432 -15.70 24.49 9.61
CA GLN A 432 -17.05 24.98 9.84
C GLN A 432 -17.41 26.01 8.79
N HIS A 433 -18.57 25.82 8.15
CA HIS A 433 -18.97 26.61 6.99
C HIS A 433 -17.86 26.66 5.94
N GLY A 434 -17.08 25.59 5.85
CA GLY A 434 -16.02 25.47 4.89
C GLY A 434 -14.88 26.46 5.03
N GLN A 435 -14.91 27.34 6.03
CA GLN A 435 -13.85 28.33 6.19
C GLN A 435 -13.13 28.26 7.52
N PHE A 436 -13.86 28.21 8.64
CA PHE A 436 -13.26 28.45 9.94
C PHE A 436 -12.82 27.16 10.61
N SER A 437 -11.68 27.22 11.29
CA SER A 437 -11.14 26.10 12.03
C SER A 437 -11.09 26.31 13.54
N LEU A 438 -11.18 27.54 14.01
CA LEU A 438 -11.30 27.84 15.44
C LEU A 438 -12.33 28.94 15.60
N ALA A 439 -13.47 28.61 16.20
CA ALA A 439 -14.56 29.57 16.38
C ALA A 439 -14.89 29.68 17.85
N VAL A 440 -14.83 30.90 18.39
CA VAL A 440 -15.21 31.19 19.77
C VAL A 440 -16.12 32.39 19.70
N VAL A 441 -17.43 32.16 19.67
CA VAL A 441 -18.41 33.21 19.45
C VAL A 441 -19.38 33.26 20.63
N SER A 442 -19.72 34.48 21.04
CA SER A 442 -20.76 34.73 22.04
C SER A 442 -20.50 33.95 23.33
N LEU A 443 -19.35 34.22 23.94
CA LEU A 443 -18.96 33.58 25.18
C LEU A 443 -18.81 34.62 26.29
N ASN A 444 -18.95 34.16 27.53
CA ASN A 444 -18.74 34.99 28.71
C ASN A 444 -17.50 34.44 29.42
N ILE A 445 -16.33 34.87 28.95
CA ILE A 445 -15.05 34.44 29.51
C ILE A 445 -14.08 35.62 29.39
N THR A 446 -13.34 35.90 30.46
CA THR A 446 -12.56 37.13 30.51
C THR A 446 -11.23 37.01 29.78
N SER A 447 -10.70 35.80 29.64
CA SER A 447 -9.44 35.58 28.95
C SER A 447 -9.49 34.26 28.21
N LEU A 448 -8.91 34.23 27.01
CA LEU A 448 -9.01 33.05 26.16
C LEU A 448 -8.45 31.82 26.87
N GLY A 449 -7.16 31.84 27.19
CA GLY A 449 -6.60 30.84 28.07
C GLY A 449 -6.15 29.56 27.43
N LEU A 450 -5.81 29.57 26.13
CA LEU A 450 -5.16 28.42 25.50
C LEU A 450 -3.65 28.65 25.57
N ARG A 451 -3.08 28.33 26.73
CA ARG A 451 -1.67 28.60 26.98
C ARG A 451 -0.77 27.46 26.56
N SER A 452 -1.22 26.60 25.65
CA SER A 452 -0.34 25.57 25.10
C SER A 452 -0.55 25.37 23.61
N LEU A 453 -1.19 26.32 22.92
CA LEU A 453 -1.41 26.19 21.49
C LEU A 453 -0.14 26.54 20.73
N LYS A 454 0.14 25.79 19.69
CA LYS A 454 1.35 26.02 18.91
C LYS A 454 1.07 26.25 17.43
N GLU A 455 0.17 25.48 16.83
CA GLU A 455 -0.03 25.52 15.38
C GLU A 455 -1.48 25.27 15.05
N ILE A 456 -2.07 26.16 14.25
CA ILE A 456 -3.35 25.92 13.60
C ILE A 456 -3.03 25.66 12.14
N SER A 457 -2.97 24.38 11.77
CA SER A 457 -2.34 24.00 10.51
C SER A 457 -3.09 24.52 9.29
N ASP A 458 -4.41 24.68 9.38
CA ASP A 458 -5.17 25.14 8.23
C ASP A 458 -6.54 25.63 8.69
N GLY A 459 -7.05 26.63 7.99
CA GLY A 459 -8.32 27.25 8.31
C GLY A 459 -8.16 28.71 8.67
N ASP A 460 -9.24 29.27 9.19
CA ASP A 460 -9.26 30.63 9.67
C ASP A 460 -9.55 30.64 11.17
N VAL A 461 -9.66 31.84 11.74
CA VAL A 461 -9.88 32.00 13.17
C VAL A 461 -10.85 33.14 13.38
N ILE A 462 -12.00 32.86 13.97
CA ILE A 462 -12.98 33.88 14.31
C ILE A 462 -13.15 33.90 15.82
N ILE A 463 -12.97 35.07 16.42
CA ILE A 463 -13.21 35.28 17.83
C ILE A 463 -13.97 36.59 17.98
N SER A 464 -15.29 36.50 18.10
CA SER A 464 -16.12 37.70 18.11
C SER A 464 -17.33 37.48 18.99
N GLY A 465 -17.87 38.58 19.52
CA GLY A 465 -19.05 38.54 20.34
C GLY A 465 -18.82 38.18 21.79
N ASN A 466 -17.58 38.20 22.26
CA ASN A 466 -17.27 37.94 23.66
C ASN A 466 -17.35 39.26 24.40
N LYS A 467 -18.45 39.46 25.13
CA LYS A 467 -18.76 40.79 25.65
C LYS A 467 -17.70 41.29 26.63
N ASN A 468 -16.98 40.37 27.29
CA ASN A 468 -15.87 40.76 28.17
C ASN A 468 -14.73 39.75 27.97
N LEU A 469 -13.87 40.03 27.00
CA LEU A 469 -12.72 39.17 26.73
C LEU A 469 -11.62 40.05 26.15
N CYS A 470 -10.54 40.24 26.91
CA CYS A 470 -9.50 41.19 26.51
C CYS A 470 -8.55 40.60 25.49
N TYR A 471 -7.87 39.50 25.84
CA TYR A 471 -6.68 39.05 25.15
C TYR A 471 -7.07 38.27 23.90
N ALA A 472 -7.19 38.96 22.79
CA ALA A 472 -7.49 38.27 21.55
C ALA A 472 -6.52 38.59 20.43
N ASN A 473 -6.09 39.85 20.31
CA ASN A 473 -5.21 40.27 19.22
C ASN A 473 -3.81 40.64 19.69
N THR A 474 -3.52 40.48 20.99
CA THR A 474 -2.15 40.66 21.45
C THR A 474 -1.26 39.54 20.91
N ILE A 475 -1.80 38.33 20.80
CA ILE A 475 -1.04 37.22 20.24
C ILE A 475 -0.81 37.46 18.76
N ASN A 476 0.42 37.26 18.31
CA ASN A 476 0.76 37.36 16.89
C ASN A 476 0.30 36.07 16.21
N TRP A 477 -0.98 36.06 15.83
CA TRP A 477 -1.60 34.87 15.25
C TRP A 477 -0.94 34.44 13.94
N LYS A 478 -0.18 35.32 13.29
CA LYS A 478 0.38 34.98 11.99
C LYS A 478 1.48 33.93 12.08
N LYS A 479 1.90 33.53 13.28
CA LYS A 479 2.91 32.50 13.44
C LYS A 479 2.36 31.20 14.02
N LEU A 480 1.08 31.16 14.34
CA LEU A 480 0.43 29.88 14.63
C LEU A 480 0.00 29.16 13.37
N PHE A 481 -0.35 29.90 12.33
CA PHE A 481 -0.78 29.31 11.07
C PHE A 481 0.41 28.73 10.32
N GLY A 482 0.13 27.81 9.41
CA GLY A 482 1.17 27.16 8.66
C GLY A 482 0.84 26.95 7.19
N THR A 483 -0.06 27.78 6.66
CA THR A 483 -0.43 27.70 5.25
C THR A 483 -0.81 29.10 4.79
N SER A 484 -0.34 29.48 3.61
CA SER A 484 -0.65 30.79 3.05
C SER A 484 -2.16 30.92 2.83
N GLY A 485 -2.65 32.13 3.03
CA GLY A 485 -4.08 32.39 2.87
C GLY A 485 -4.90 31.99 4.08
N GLN A 486 -4.49 32.43 5.27
CA GLN A 486 -5.24 32.23 6.50
C GLN A 486 -5.44 33.58 7.15
N LYS A 487 -6.70 33.93 7.42
CA LYS A 487 -7.05 35.23 7.95
C LYS A 487 -7.67 35.08 9.34
N THR A 488 -7.78 36.21 10.03
CA THR A 488 -8.32 36.24 11.38
C THR A 488 -9.40 37.31 11.47
N LYS A 489 -10.46 37.00 12.21
CA LYS A 489 -11.59 37.92 12.40
C LYS A 489 -11.82 38.06 13.90
N ILE A 490 -11.46 39.21 14.46
CA ILE A 490 -11.59 39.46 15.90
C ILE A 490 -12.23 40.83 16.05
N ILE A 491 -13.53 40.85 16.31
CA ILE A 491 -14.30 42.08 16.49
C ILE A 491 -15.29 41.87 17.62
N SER A 492 -15.97 42.95 18.00
CA SER A 492 -17.10 42.91 18.93
C SER A 492 -16.76 42.29 20.28
N ASN A 493 -15.47 42.21 20.62
CA ASN A 493 -15.06 41.75 21.94
C ASN A 493 -15.16 42.91 22.92
N ARG A 494 -14.62 42.74 24.12
CA ARG A 494 -14.52 43.86 25.05
C ARG A 494 -13.42 44.79 24.59
N GLY A 495 -13.79 46.03 24.28
CA GLY A 495 -12.89 47.01 23.69
C GLY A 495 -11.54 47.12 24.37
N GLU A 496 -10.49 47.30 23.57
CA GLU A 496 -9.15 47.37 24.11
C GLU A 496 -9.00 48.54 25.08
N ASN A 497 -9.57 49.69 24.73
CA ASN A 497 -9.46 50.86 25.58
C ASN A 497 -10.20 50.73 26.90
N SER A 498 -10.92 49.63 27.11
CA SER A 498 -11.51 49.34 28.42
C SER A 498 -10.66 48.39 29.23
N CYS A 499 -9.95 47.47 28.58
CA CYS A 499 -9.00 46.62 29.29
C CYS A 499 -7.93 47.46 29.97
N LYS A 500 -7.53 48.56 29.33
CA LYS A 500 -6.54 49.45 29.93
C LYS A 500 -7.11 50.13 31.17
N ALA A 501 -8.41 50.40 31.18
CA ALA A 501 -9.02 51.12 32.29
C ALA A 501 -8.98 50.30 33.57
N THR A 502 -9.54 49.09 33.54
CA THR A 502 -9.67 48.27 34.74
C THR A 502 -8.37 47.55 35.10
N GLY A 503 -7.24 47.96 34.53
CA GLY A 503 -5.97 47.34 34.85
C GLY A 503 -5.93 45.87 34.48
N GLN A 504 -6.00 45.58 33.19
CA GLN A 504 -6.09 44.20 32.71
C GLN A 504 -5.05 43.84 31.67
N VAL A 505 -4.10 44.72 31.35
CA VAL A 505 -3.03 44.35 30.44
C VAL A 505 -2.17 43.27 31.11
N CYS A 506 -1.55 42.42 30.28
CA CYS A 506 -0.83 41.27 30.81
C CYS A 506 0.46 41.71 31.51
N HIS A 507 1.13 40.73 32.10
CA HIS A 507 2.21 40.98 33.04
C HIS A 507 3.41 41.65 32.36
N ALA A 508 4.27 42.24 33.19
CA ALA A 508 5.48 42.89 32.71
C ALA A 508 6.58 41.90 32.35
N LEU A 509 6.36 40.60 32.54
CA LEU A 509 7.38 39.60 32.25
C LEU A 509 7.27 39.07 30.83
N CYS A 510 6.05 38.82 30.35
CA CYS A 510 5.85 38.29 29.01
C CYS A 510 6.54 39.19 27.99
N SER A 511 7.29 38.58 27.08
CA SER A 511 7.93 39.30 26.01
C SER A 511 6.88 40.01 25.14
N PRO A 512 7.27 41.04 24.40
CA PRO A 512 6.30 41.73 23.54
C PRO A 512 5.87 40.85 22.38
N GLU A 513 5.39 39.65 22.70
CA GLU A 513 4.97 38.67 21.71
C GLU A 513 3.50 38.31 21.85
N GLY A 514 3.03 38.12 23.09
CA GLY A 514 1.64 37.78 23.31
C GLY A 514 1.45 37.35 24.75
N CYS A 515 0.17 37.25 25.13
CA CYS A 515 -0.16 36.84 26.49
C CYS A 515 -1.58 36.26 26.49
N TRP A 516 -1.67 34.94 26.64
CA TRP A 516 -2.98 34.28 26.71
C TRP A 516 -3.75 34.63 27.97
N GLY A 517 -3.17 35.40 28.89
CA GLY A 517 -3.85 35.73 30.11
C GLY A 517 -3.09 36.73 30.96
N PRO A 518 -3.69 37.12 32.10
CA PRO A 518 -3.01 38.09 32.96
C PRO A 518 -1.86 37.50 33.76
N GLU A 519 -1.95 36.23 34.15
CA GLU A 519 -0.95 35.64 35.01
C GLU A 519 0.39 35.53 34.29
N PRO A 520 1.50 35.52 35.03
CA PRO A 520 2.80 35.28 34.40
C PRO A 520 2.95 33.89 33.83
N ARG A 521 2.22 32.90 34.35
CA ARG A 521 2.27 31.53 33.85
C ARG A 521 1.51 31.36 32.54
N ASP A 522 1.06 32.45 31.93
CA ASP A 522 0.22 32.38 30.74
C ASP A 522 0.82 33.17 29.57
N CYS A 523 2.11 33.47 29.62
CA CYS A 523 2.75 34.24 28.57
C CYS A 523 2.95 33.34 27.36
N VAL A 524 3.67 33.83 26.35
CA VAL A 524 4.09 32.99 25.23
C VAL A 524 5.60 32.82 25.17
N SER A 525 6.37 33.72 25.76
CA SER A 525 7.82 33.56 25.86
C SER A 525 8.31 34.44 27.00
N CYS A 526 8.80 33.81 28.06
CA CYS A 526 9.30 34.55 29.21
C CYS A 526 10.51 35.38 28.80
N ARG A 527 10.53 36.64 29.25
CA ARG A 527 11.56 37.56 28.79
C ARG A 527 12.96 37.07 29.19
N ASN A 528 13.11 36.63 30.43
CA ASN A 528 14.43 36.27 30.93
C ASN A 528 14.55 34.78 31.25
N VAL A 529 13.71 34.25 32.14
CA VAL A 529 13.84 32.87 32.60
C VAL A 529 12.47 32.32 32.93
N SER A 530 12.36 30.99 32.90
CA SER A 530 11.09 30.27 33.09
C SER A 530 11.26 29.18 34.14
N ARG A 531 10.96 29.50 35.39
CA ARG A 531 10.98 28.49 36.45
C ARG A 531 9.84 27.52 36.21
N GLY A 532 10.16 26.34 35.69
CA GLY A 532 9.13 25.38 35.32
C GLY A 532 8.28 25.87 34.16
N ARG A 533 7.03 26.19 34.43
CA ARG A 533 6.10 26.71 33.44
C ARG A 533 5.48 28.02 33.94
N GLU A 534 6.32 28.92 34.43
CA GLU A 534 5.87 30.26 34.81
C GLU A 534 7.06 31.20 34.73
N CYS A 535 6.82 32.40 34.21
CA CYS A 535 7.89 33.32 33.87
C CYS A 535 8.41 34.04 35.11
N VAL A 536 9.73 34.21 35.16
CA VAL A 536 10.39 35.00 36.20
C VAL A 536 11.48 35.82 35.51
N ASP A 537 11.94 36.87 36.20
CA ASP A 537 12.95 37.74 35.63
C ASP A 537 14.38 37.34 35.98
N LYS A 538 14.60 36.71 37.12
CA LYS A 538 15.95 36.32 37.54
C LYS A 538 15.86 35.04 38.36
N CYS A 539 16.61 34.01 37.95
CA CYS A 539 16.75 32.85 38.81
C CYS A 539 17.49 33.24 40.09
N ASN A 540 17.33 32.39 41.10
CA ASN A 540 18.04 32.59 42.38
C ASN A 540 19.48 32.12 42.19
N LEU A 541 20.41 33.05 42.01
CA LEU A 541 21.80 32.70 41.75
C LEU A 541 22.70 32.83 42.98
N LEU A 542 22.33 33.64 43.95
CA LEU A 542 23.11 33.77 45.18
C LEU A 542 22.31 33.48 46.44
N GLU A 543 21.07 33.94 46.52
CA GLU A 543 20.22 33.75 47.67
C GLU A 543 19.12 32.74 47.34
N GLY A 544 18.28 32.43 48.34
CA GLY A 544 17.17 31.49 48.12
C GLY A 544 17.63 30.03 48.18
N GLU A 545 16.78 29.16 48.74
CA GLU A 545 17.11 27.70 48.78
C GLU A 545 17.45 27.21 47.37
N PRO A 546 16.61 27.39 46.31
CA PRO A 546 16.91 26.83 44.99
C PRO A 546 17.95 27.62 44.18
N ARG A 547 19.23 27.47 44.51
CA ARG A 547 20.27 28.10 43.69
C ARG A 547 20.45 27.28 42.41
N GLU A 548 19.96 27.83 41.30
CA GLU A 548 19.82 27.12 40.04
C GLU A 548 20.84 27.65 39.04
N PHE A 549 20.76 27.17 37.81
CA PHE A 549 21.58 27.68 36.72
C PHE A 549 20.69 28.00 35.52
N VAL A 550 21.21 28.84 34.63
CA VAL A 550 20.40 29.50 33.62
C VAL A 550 20.56 28.80 32.27
N GLU A 551 20.97 27.54 32.29
CA GLU A 551 21.09 26.77 31.06
C GLU A 551 19.76 26.78 30.31
N ASN A 552 19.83 27.07 29.01
CA ASN A 552 18.65 27.17 28.14
C ASN A 552 17.63 28.15 28.72
N SER A 553 18.11 29.18 29.44
CA SER A 553 17.27 30.21 30.04
C SER A 553 16.13 29.62 30.86
N GLU A 554 16.38 28.46 31.47
CA GLU A 554 15.41 27.78 32.33
C GLU A 554 16.10 27.47 33.65
N CYS A 555 15.60 28.06 34.74
CA CYS A 555 16.19 27.82 36.04
C CYS A 555 16.08 26.34 36.42
N ILE A 556 17.21 25.66 36.54
CA ILE A 556 17.26 24.24 36.87
C ILE A 556 18.05 24.08 38.16
N GLN A 557 17.44 23.46 39.17
CA GLN A 557 18.07 23.27 40.47
C GLN A 557 18.92 22.01 40.48
N CYS A 558 19.73 21.88 41.51
CA CYS A 558 20.70 20.80 41.64
C CYS A 558 20.42 19.97 42.88
N HIS A 559 21.30 19.03 43.15
CA HIS A 559 21.20 18.15 44.30
C HIS A 559 21.16 18.97 45.58
N PRO A 560 20.16 18.78 46.45
CA PRO A 560 20.08 19.58 47.68
C PRO A 560 21.27 19.42 48.60
N GLU A 561 21.89 18.23 48.61
CA GLU A 561 23.01 17.97 49.49
C GLU A 561 24.29 18.72 49.11
N CYS A 562 24.23 19.61 48.12
CA CYS A 562 25.40 20.40 47.76
C CYS A 562 25.57 21.57 48.71
N LEU A 563 26.82 21.96 48.91
CA LEU A 563 27.12 22.96 49.94
C LEU A 563 26.57 24.32 49.52
N PRO A 564 25.81 24.99 50.38
CA PRO A 564 25.34 26.35 50.07
C PRO A 564 26.36 27.39 50.49
N GLN A 565 26.74 28.26 49.55
CA GLN A 565 27.70 29.32 49.80
C GLN A 565 27.07 30.67 49.49
N ALA A 566 27.26 31.63 50.38
CA ALA A 566 26.60 32.92 50.23
C ALA A 566 27.34 33.83 49.25
N MET A 567 28.66 33.67 49.13
CA MET A 567 29.44 34.48 48.19
C MET A 567 29.36 33.90 46.79
N ASN A 568 29.81 32.66 46.61
CA ASN A 568 29.84 32.02 45.31
C ASN A 568 28.58 31.18 45.10
N ILE A 569 28.48 30.59 43.92
CA ILE A 569 27.32 29.79 43.52
C ILE A 569 27.30 28.47 44.28
N THR A 570 26.16 27.76 44.19
CA THR A 570 26.06 26.40 44.71
C THR A 570 26.45 25.35 43.68
N CYS A 571 26.04 25.52 42.43
CA CYS A 571 26.18 24.44 41.45
C CYS A 571 26.12 25.00 40.04
N THR A 572 26.68 24.23 39.10
CA THR A 572 26.60 24.50 37.67
C THR A 572 26.16 23.23 36.94
N GLY A 573 25.15 22.56 37.49
CA GLY A 573 24.67 21.33 36.88
C GLY A 573 23.77 20.53 37.79
N ARG A 574 22.89 19.72 37.21
CA ARG A 574 22.01 18.88 38.02
C ARG A 574 22.79 17.83 38.77
N GLY A 575 23.87 17.31 38.17
CA GLY A 575 24.70 16.32 38.81
C GLY A 575 25.30 16.81 40.11
N PRO A 576 25.52 15.89 41.05
CA PRO A 576 26.07 16.28 42.36
C PRO A 576 27.57 16.52 42.31
N ASP A 577 28.13 16.61 41.12
CA ASP A 577 29.57 16.80 40.94
C ASP A 577 29.96 18.24 40.68
N ASN A 578 29.15 18.97 39.89
CA ASN A 578 29.49 20.34 39.53
C ASN A 578 29.50 21.31 40.70
N CYS A 579 29.07 20.86 41.88
CA CYS A 579 29.01 21.74 43.04
C CYS A 579 30.41 22.06 43.55
N ILE A 580 30.56 23.24 44.15
CA ILE A 580 31.87 23.65 44.66
C ILE A 580 32.34 22.68 45.74
N GLN A 581 31.61 22.60 46.84
CA GLN A 581 31.87 21.61 47.88
C GLN A 581 30.55 20.90 48.19
N CYS A 582 30.57 20.05 49.22
CA CYS A 582 29.42 19.24 49.57
C CYS A 582 29.07 19.45 51.03
N ALA A 583 27.77 19.36 51.35
CA ALA A 583 27.31 19.46 52.72
C ALA A 583 27.56 18.19 53.52
N HIS A 584 28.10 17.15 52.89
CA HIS A 584 28.36 15.87 53.55
C HIS A 584 29.61 15.26 52.92
N TYR A 585 29.80 13.96 53.15
CA TYR A 585 30.98 13.27 52.65
C TYR A 585 31.10 13.39 51.14
N ILE A 586 32.34 13.37 50.66
CA ILE A 586 32.65 13.42 49.23
C ILE A 586 33.41 12.16 48.87
N ASP A 587 33.06 11.56 47.72
CA ASP A 587 33.69 10.34 47.24
C ASP A 587 34.27 10.64 45.84
N GLY A 588 35.48 11.18 45.80
CA GLY A 588 36.10 11.54 44.56
C GLY A 588 35.44 12.74 43.91
N PRO A 589 35.13 12.63 42.61
CA PRO A 589 34.45 13.74 41.93
C PRO A 589 32.98 13.84 42.25
N HIS A 590 32.40 12.86 42.94
CA HIS A 590 30.99 12.83 43.28
C HIS A 590 30.82 12.76 44.79
N CYS A 591 29.83 13.47 45.32
CA CYS A 591 29.56 13.47 46.74
C CYS A 591 28.12 13.10 46.99
N VAL A 592 27.83 12.66 48.22
CA VAL A 592 26.50 12.22 48.60
C VAL A 592 26.45 12.23 50.13
N LYS A 593 25.23 12.25 50.67
CA LYS A 593 25.01 12.32 52.12
C LYS A 593 25.94 11.42 52.91
N THR A 594 26.07 10.16 52.51
CA THR A 594 26.96 9.23 53.20
C THR A 594 27.62 8.30 52.19
N CYS A 595 28.90 8.06 52.39
CA CYS A 595 29.67 7.19 51.51
C CYS A 595 29.36 5.72 51.79
N PRO A 596 29.69 4.82 50.83
CA PRO A 596 29.28 3.42 50.94
C PRO A 596 29.40 2.78 52.32
N ALA A 597 28.26 2.27 52.81
CA ALA A 597 28.19 1.58 54.09
C ALA A 597 27.37 0.29 53.94
N GLY A 598 27.65 -0.47 52.89
CA GLY A 598 26.89 -1.68 52.61
C GLY A 598 26.27 -1.67 51.23
N VAL A 599 26.88 -0.94 50.30
CA VAL A 599 26.34 -0.80 48.95
C VAL A 599 26.82 -1.97 48.10
N MET A 600 26.16 -2.14 46.95
CA MET A 600 26.49 -3.18 45.99
C MET A 600 27.57 -2.69 45.04
N GLY A 601 28.47 -3.60 44.66
CA GLY A 601 29.57 -3.22 43.79
C GLY A 601 29.74 -4.13 42.58
N GLU A 602 30.98 -4.47 42.26
CA GLU A 602 31.29 -5.36 41.16
C GLU A 602 31.77 -6.71 41.69
N ASN A 603 31.47 -7.77 40.95
CA ASN A 603 31.87 -9.14 41.28
C ASN A 603 31.30 -9.59 42.63
N ASN A 604 30.10 -9.10 42.96
CA ASN A 604 29.36 -9.52 44.14
C ASN A 604 30.15 -9.25 45.43
N THR A 605 30.38 -7.97 45.70
CA THR A 605 31.00 -7.53 46.93
C THR A 605 30.18 -6.42 47.56
N LEU A 606 30.14 -6.41 48.90
CA LEU A 606 29.48 -5.33 49.65
C LEU A 606 30.52 -4.24 49.88
N VAL A 607 30.52 -3.23 49.02
CA VAL A 607 31.53 -2.19 49.08
C VAL A 607 31.28 -1.31 50.30
N TRP A 608 32.30 -1.16 51.14
CA TRP A 608 32.26 -0.27 52.29
C TRP A 608 33.36 0.77 52.15
N LYS A 609 33.08 1.97 52.65
CA LYS A 609 33.97 3.11 52.41
C LYS A 609 33.99 3.97 53.66
N TYR A 610 35.16 4.05 54.31
CA TYR A 610 35.31 4.81 55.54
C TYR A 610 35.62 6.27 55.25
N ALA A 611 35.34 7.12 56.23
CA ALA A 611 35.45 8.56 56.06
C ALA A 611 36.83 9.07 56.49
N ASP A 612 37.04 10.37 56.32
CA ASP A 612 38.29 11.03 56.69
C ASP A 612 37.93 12.34 57.37
N ALA A 613 38.94 13.20 57.57
CA ALA A 613 38.72 14.47 58.25
C ALA A 613 38.01 15.46 57.34
N GLY A 614 38.48 15.59 56.09
CA GLY A 614 37.86 16.51 55.15
C GLY A 614 36.67 15.91 54.44
N HIS A 615 36.06 14.90 55.05
CA HIS A 615 34.91 14.16 54.51
C HIS A 615 35.24 13.43 53.21
N VAL A 616 36.52 13.30 52.86
CA VAL A 616 36.94 12.55 51.68
C VAL A 616 36.98 11.07 52.06
N CYS A 617 35.87 10.37 51.81
CA CYS A 617 35.79 8.97 52.21
C CYS A 617 36.76 8.11 51.41
N HIS A 618 37.20 7.03 52.03
CA HIS A 618 38.12 6.08 51.42
C HIS A 618 37.58 4.67 51.62
N LEU A 619 37.77 3.81 50.62
CA LEU A 619 37.17 2.48 50.63
C LEU A 619 37.72 1.64 51.77
N CYS A 620 36.81 0.96 52.48
CA CYS A 620 37.18 0.16 53.64
C CYS A 620 37.99 -1.06 53.21
N HIS A 621 38.68 -1.65 54.19
CA HIS A 621 39.45 -2.84 53.93
C HIS A 621 38.50 -4.01 53.62
N PRO A 622 38.86 -4.89 52.69
CA PRO A 622 37.92 -5.92 52.23
C PRO A 622 37.53 -6.96 53.28
N ASN A 623 38.01 -6.81 54.52
CA ASN A 623 37.73 -7.80 55.54
C ASN A 623 36.35 -7.61 56.16
N CYS A 624 36.13 -6.47 56.81
CA CYS A 624 34.97 -6.27 57.65
C CYS A 624 33.79 -5.70 56.86
N THR A 625 32.59 -6.21 57.21
CA THR A 625 31.32 -5.85 56.52
C THR A 625 30.36 -5.14 57.48
N TYR A 626 30.79 -4.90 58.73
CA TYR A 626 29.94 -4.16 59.70
C TYR A 626 30.64 -2.86 60.09
N GLY A 627 30.02 -1.71 59.80
CA GLY A 627 30.57 -0.41 60.25
C GLY A 627 31.91 -0.02 59.62
N CYS A 628 32.38 1.20 59.87
CA CYS A 628 33.69 1.69 59.34
C CYS A 628 33.92 3.13 59.83
N THR A 629 34.74 3.30 60.86
CA THR A 629 35.01 4.66 61.40
C THR A 629 36.49 5.02 61.22
N GLY A 630 37.39 4.02 61.28
CA GLY A 630 38.79 4.27 61.08
C GLY A 630 39.26 3.62 59.79
N PRO A 631 40.48 3.94 59.36
CA PRO A 631 41.00 3.34 58.12
C PRO A 631 41.18 1.84 58.24
N GLY A 632 40.38 1.08 57.49
CA GLY A 632 40.50 -0.36 57.48
C GLY A 632 39.77 -0.99 58.65
N LEU A 633 40.49 -1.80 59.43
CA LEU A 633 39.92 -2.56 60.54
C LEU A 633 39.89 -1.77 61.84
N GLU A 634 39.95 -0.44 61.77
CA GLU A 634 39.90 0.40 62.95
C GLU A 634 38.49 0.85 63.30
N GLY A 635 37.48 0.33 62.60
CA GLY A 635 36.10 0.65 62.89
C GLY A 635 35.20 -0.56 62.87
N CYS A 636 35.73 -1.71 63.26
CA CYS A 636 35.04 -3.01 63.15
C CYS A 636 34.92 -3.64 64.52
N PRO A 637 33.92 -3.24 65.31
CA PRO A 637 33.72 -3.87 66.61
C PRO A 637 33.09 -5.26 66.46
N THR A 638 33.03 -5.99 67.57
CA THR A 638 32.44 -7.35 67.54
C THR A 638 31.39 -7.48 68.65
N VAL B 1 -58.76 31.28 3.24
CA VAL B 1 -57.34 31.29 2.81
C VAL B 1 -56.61 30.18 3.55
N VAL B 2 -56.31 29.09 2.84
CA VAL B 2 -55.59 27.93 3.44
C VAL B 2 -54.37 28.48 4.19
N SER B 3 -54.25 28.09 5.45
CA SER B 3 -53.14 28.61 6.27
C SER B 3 -51.77 28.21 5.72
N HIS B 4 -51.58 26.94 5.27
CA HIS B 4 -50.19 26.63 4.94
C HIS B 4 -49.25 26.77 6.13
N PHE B 5 -49.73 27.19 7.30
CA PHE B 5 -48.92 27.25 8.50
C PHE B 5 -49.85 27.15 9.72
N ASN B 6 -49.39 26.43 10.74
CA ASN B 6 -50.11 26.40 12.02
C ASN B 6 -49.10 26.15 13.14
N ASP B 7 -49.51 26.51 14.35
CA ASP B 7 -48.61 26.49 15.50
C ASP B 7 -47.95 25.13 15.65
N CYS B 8 -46.70 25.17 16.12
CA CYS B 8 -45.90 23.96 16.23
C CYS B 8 -46.53 23.02 17.26
N PRO B 9 -46.76 21.75 16.93
CA PRO B 9 -47.47 20.86 17.85
C PRO B 9 -46.65 20.57 19.10
N ASP B 10 -47.34 20.06 20.13
CA ASP B 10 -46.67 19.77 21.39
C ASP B 10 -45.98 18.42 21.31
N SER B 11 -45.20 18.22 20.25
CA SER B 11 -44.24 17.13 20.17
C SER B 11 -42.89 17.58 19.66
N HIS B 12 -42.81 18.71 18.99
CA HIS B 12 -41.55 19.36 18.63
C HIS B 12 -41.46 20.74 19.27
N THR B 13 -41.93 20.86 20.50
CA THR B 13 -41.68 22.05 21.29
C THR B 13 -40.29 21.94 21.92
N GLN B 14 -39.61 23.10 22.02
CA GLN B 14 -38.20 23.17 22.38
C GLN B 14 -37.32 22.46 21.34
N PHE B 15 -37.90 22.13 20.18
CA PHE B 15 -37.16 21.55 19.08
C PHE B 15 -36.30 22.58 18.37
N CYS B 16 -36.64 23.85 18.48
CA CYS B 16 -35.94 24.91 17.78
C CYS B 16 -35.07 25.65 18.79
N PHE B 17 -33.77 25.75 18.49
CA PHE B 17 -32.84 26.32 19.46
C PHE B 17 -32.97 27.83 19.54
N HIS B 18 -32.68 28.53 18.44
CA HIS B 18 -32.64 29.98 18.43
C HIS B 18 -33.74 30.59 17.56
N GLY B 19 -34.83 29.86 17.35
CA GLY B 19 -35.92 30.37 16.54
C GLY B 19 -37.24 29.88 17.06
N THR B 20 -38.30 30.27 16.36
CA THR B 20 -39.66 29.87 16.72
C THR B 20 -40.14 28.78 15.78
N CYS B 21 -40.64 27.69 16.35
CA CYS B 21 -41.10 26.58 15.54
C CYS B 21 -42.44 26.93 14.90
N ARG B 22 -42.79 26.15 13.88
CA ARG B 22 -44.04 26.29 13.17
C ARG B 22 -44.19 25.07 12.28
N PHE B 23 -45.43 24.69 12.00
CA PHE B 23 -45.72 23.45 11.28
C PHE B 23 -46.38 23.78 9.95
N LEU B 24 -45.57 23.86 8.89
CA LEU B 24 -46.12 23.88 7.55
C LEU B 24 -46.77 22.52 7.27
N VAL B 25 -48.06 22.55 6.98
CA VAL B 25 -48.87 21.34 7.06
C VAL B 25 -48.86 20.52 5.78
N GLN B 26 -48.61 21.15 4.63
CA GLN B 26 -48.82 20.50 3.34
C GLN B 26 -48.05 19.19 3.21
N GLU B 27 -46.85 19.13 3.80
CA GLU B 27 -46.00 17.91 3.70
C GLU B 27 -45.72 17.30 5.09
N ASP B 28 -46.42 17.76 6.13
CA ASP B 28 -46.29 17.17 7.50
C ASP B 28 -44.83 17.21 8.00
N LYS B 29 -44.20 18.38 8.01
CA LYS B 29 -42.85 18.55 8.53
C LYS B 29 -42.74 19.92 9.19
N PRO B 30 -42.09 20.00 10.34
CA PRO B 30 -41.91 21.30 11.00
C PRO B 30 -40.77 22.10 10.37
N ALA B 31 -40.71 23.37 10.74
CA ALA B 31 -39.72 24.27 10.17
C ALA B 31 -39.49 25.45 11.12
N CYS B 32 -38.26 25.66 11.53
CA CYS B 32 -37.92 26.76 12.40
C CYS B 32 -38.09 28.10 11.68
N VAL B 33 -37.93 29.18 12.44
CA VAL B 33 -37.71 30.52 11.90
C VAL B 33 -36.55 31.11 12.68
N CYS B 34 -35.33 30.95 12.15
CA CYS B 34 -34.15 31.41 12.88
C CYS B 34 -34.17 32.92 13.05
N HIS B 35 -33.56 33.38 14.14
CA HIS B 35 -33.35 34.81 14.34
C HIS B 35 -32.28 35.31 13.38
N SER B 36 -32.00 36.61 13.44
CA SER B 36 -31.01 37.20 12.56
C SER B 36 -29.63 36.87 13.10
N GLY B 37 -28.95 35.92 12.45
CA GLY B 37 -27.62 35.53 12.87
C GLY B 37 -27.51 34.08 13.29
N TYR B 38 -28.34 33.21 12.74
CA TYR B 38 -28.28 31.79 13.05
C TYR B 38 -28.72 30.99 11.85
N VAL B 39 -27.89 30.03 11.45
CA VAL B 39 -28.20 29.16 10.32
C VAL B 39 -28.36 27.74 10.84
N GLY B 40 -28.69 26.82 9.96
CA GLY B 40 -28.85 25.44 10.38
C GLY B 40 -30.30 25.00 10.28
N ALA B 41 -30.48 23.72 9.96
CA ALA B 41 -31.82 23.17 9.80
C ALA B 41 -32.65 23.27 11.08
N ARG B 42 -31.99 23.33 12.23
CA ARG B 42 -32.66 23.38 13.53
C ARG B 42 -32.31 24.66 14.28
N CYS B 43 -31.83 25.67 13.56
CA CYS B 43 -31.30 26.90 14.15
C CYS B 43 -30.24 26.57 15.20
N GLU B 44 -29.23 25.82 14.77
CA GLU B 44 -28.20 25.33 15.68
C GLU B 44 -26.99 26.27 15.73
N HIS B 45 -26.37 26.48 14.58
CA HIS B 45 -25.09 27.18 14.52
C HIS B 45 -25.29 28.68 14.35
N ALA B 46 -24.20 29.42 14.45
CA ALA B 46 -24.18 30.84 14.20
C ALA B 46 -23.42 31.12 12.92
N ASP B 47 -23.98 31.96 12.06
CA ASP B 47 -23.37 32.24 10.76
C ASP B 47 -22.10 33.06 10.98
N LEU B 48 -20.97 32.37 11.05
CA LEU B 48 -19.72 33.02 11.40
C LEU B 48 -19.34 34.11 10.40
N LEU B 49 -19.78 33.95 9.15
CA LEU B 49 -19.54 34.97 8.11
C LEU B 49 -20.59 36.08 8.26
N ALA B 50 -20.63 36.74 9.42
CA ALA B 50 -21.55 37.87 9.63
C ALA B 50 -20.93 38.88 10.61
N LEU C 25 -10.22 -25.77 -23.46
CA LEU C 25 -10.83 -25.48 -22.17
C LEU C 25 -10.61 -24.00 -21.85
N GLU C 26 -10.82 -23.61 -20.60
CA GLU C 26 -10.66 -22.21 -20.22
C GLU C 26 -9.24 -21.71 -20.42
N GLU C 27 -8.26 -22.61 -20.38
CA GLU C 27 -6.87 -22.27 -20.60
C GLU C 27 -6.35 -22.96 -21.85
N LYS C 28 -5.31 -22.37 -22.44
CA LYS C 28 -4.74 -22.84 -23.69
C LYS C 28 -3.42 -23.56 -23.44
N LYS C 29 -3.17 -24.60 -24.22
CA LYS C 29 -1.94 -25.38 -24.06
C LYS C 29 -0.72 -24.51 -24.36
N VAL C 30 0.24 -24.51 -23.44
CA VAL C 30 1.39 -23.63 -23.50
C VAL C 30 2.66 -24.44 -23.74
N CYS C 31 3.43 -24.04 -24.74
CA CYS C 31 4.79 -24.52 -24.92
C CYS C 31 5.71 -23.74 -23.98
N GLN C 32 7.02 -23.89 -24.15
CA GLN C 32 7.98 -23.17 -23.33
C GLN C 32 8.94 -22.31 -24.12
N GLY C 33 9.21 -22.64 -25.38
CA GLY C 33 10.04 -21.78 -26.21
C GLY C 33 11.52 -21.98 -26.01
N THR C 34 12.27 -22.01 -27.12
CA THR C 34 13.71 -22.21 -27.07
C THR C 34 14.41 -20.87 -26.86
N SER C 35 15.72 -20.93 -26.63
CA SER C 35 16.52 -19.72 -26.54
C SER C 35 17.87 -19.86 -27.24
N ASN C 36 18.14 -20.98 -27.89
CA ASN C 36 19.36 -21.15 -28.66
C ASN C 36 19.19 -20.50 -30.02
N LYS C 37 19.89 -19.40 -30.24
CA LYS C 37 19.64 -18.56 -31.40
C LYS C 37 19.88 -19.28 -32.71
N LEU C 38 21.13 -19.65 -32.99
CA LEU C 38 21.48 -20.25 -34.27
C LEU C 38 22.16 -21.60 -34.10
N THR C 39 22.01 -22.23 -32.94
CA THR C 39 22.63 -23.51 -32.69
C THR C 39 21.85 -24.63 -33.37
N GLN C 40 22.56 -25.64 -33.84
CA GLN C 40 21.97 -26.84 -34.44
C GLN C 40 22.22 -27.99 -33.47
N LEU C 41 21.17 -28.43 -32.79
CA LEU C 41 21.31 -29.40 -31.72
C LEU C 41 21.53 -30.82 -32.25
N GLY C 42 22.67 -31.06 -32.89
CA GLY C 42 23.00 -32.39 -33.34
C GLY C 42 23.11 -32.52 -34.84
N THR C 43 22.22 -33.30 -35.43
CA THR C 43 22.14 -33.44 -36.88
C THR C 43 20.76 -33.01 -37.34
N PHE C 44 20.57 -32.99 -38.66
CA PHE C 44 19.36 -32.41 -39.25
C PHE C 44 18.11 -33.11 -38.74
N GLU C 45 18.21 -34.40 -38.41
CA GLU C 45 17.01 -35.13 -38.02
C GLU C 45 16.88 -35.27 -36.51
N ASP C 46 17.94 -34.97 -35.75
CA ASP C 46 17.79 -34.84 -34.31
C ASP C 46 17.36 -33.42 -33.92
N HIS C 47 17.82 -32.42 -34.68
CA HIS C 47 17.31 -31.07 -34.49
C HIS C 47 15.80 -31.02 -34.68
N PHE C 48 15.33 -31.48 -35.84
CA PHE C 48 13.90 -31.47 -36.12
C PHE C 48 13.12 -32.24 -35.06
N LEU C 49 13.64 -33.40 -34.64
CA LEU C 49 12.93 -34.19 -33.65
C LEU C 49 12.84 -33.46 -32.32
N SER C 50 13.91 -32.78 -31.91
CA SER C 50 13.85 -31.96 -30.71
C SER C 50 12.96 -30.75 -30.90
N LEU C 51 12.79 -30.31 -32.15
CA LEU C 51 11.85 -29.22 -32.44
C LEU C 51 10.41 -29.72 -32.34
N GLN C 52 10.12 -30.85 -32.98
CA GLN C 52 8.78 -31.42 -32.94
C GLN C 52 8.39 -31.78 -31.51
N ARG C 53 9.35 -32.22 -30.71
CA ARG C 53 9.04 -32.70 -29.36
C ARG C 53 8.58 -31.57 -28.44
N MET C 54 8.77 -30.31 -28.84
CA MET C 54 8.38 -29.18 -28.01
C MET C 54 7.14 -28.46 -28.52
N PHE C 55 7.15 -28.05 -29.78
CA PHE C 55 6.06 -27.27 -30.35
C PHE C 55 4.92 -28.12 -30.86
N ASN C 56 4.85 -29.39 -30.46
CA ASN C 56 3.71 -30.23 -30.80
C ASN C 56 2.62 -30.06 -29.76
N ASN C 57 1.39 -29.83 -30.24
CA ASN C 57 0.21 -29.78 -29.40
C ASN C 57 0.31 -28.68 -28.33
N CYS C 58 0.40 -27.45 -28.80
CA CYS C 58 0.30 -26.29 -27.92
C CYS C 58 -0.15 -25.09 -28.75
N GLU C 59 -0.58 -24.04 -28.04
CA GLU C 59 -1.18 -22.88 -28.69
C GLU C 59 -0.58 -21.55 -28.29
N VAL C 60 0.21 -21.48 -27.23
CA VAL C 60 0.81 -20.23 -26.76
C VAL C 60 2.24 -20.52 -26.38
N VAL C 61 3.19 -19.86 -27.03
CA VAL C 61 4.61 -20.02 -26.73
C VAL C 61 4.99 -18.98 -25.69
N LEU C 62 5.21 -19.43 -24.46
CA LEU C 62 5.56 -18.51 -23.39
C LEU C 62 6.95 -17.93 -23.54
N GLY C 63 7.77 -18.53 -24.39
CA GLY C 63 9.15 -18.07 -24.54
C GLY C 63 9.42 -17.49 -25.90
N ASN C 64 10.15 -18.22 -26.73
CA ASN C 64 10.56 -17.74 -28.03
C ASN C 64 10.30 -18.84 -29.06
N LEU C 65 10.04 -18.44 -30.29
CA LEU C 65 9.82 -19.38 -31.38
C LEU C 65 11.03 -19.33 -32.30
N GLU C 66 11.70 -20.46 -32.45
CA GLU C 66 12.90 -20.55 -33.27
C GLU C 66 12.78 -21.77 -34.16
N ILE C 67 12.87 -21.55 -35.47
CA ILE C 67 12.70 -22.60 -36.46
C ILE C 67 13.92 -22.53 -37.38
N THR C 68 14.89 -23.40 -37.15
CA THR C 68 16.14 -23.39 -37.91
C THR C 68 16.50 -24.79 -38.35
N TYR C 69 17.05 -24.90 -39.57
CA TYR C 69 17.53 -26.16 -40.14
C TYR C 69 16.42 -27.22 -40.19
N VAL C 70 15.42 -26.94 -41.02
CA VAL C 70 14.23 -27.78 -41.15
C VAL C 70 14.19 -28.35 -42.57
N GLN C 71 15.35 -28.78 -43.06
CA GLN C 71 15.62 -29.14 -44.45
C GLN C 71 14.49 -29.89 -45.15
N ARG C 72 14.36 -29.65 -46.46
CA ARG C 72 13.25 -30.04 -47.31
C ARG C 72 12.71 -31.44 -47.05
N ASN C 73 11.40 -31.59 -47.21
CA ASN C 73 10.65 -32.84 -47.06
C ASN C 73 10.48 -33.25 -45.60
N TYR C 74 10.55 -32.31 -44.67
CA TYR C 74 10.14 -32.53 -43.29
C TYR C 74 8.83 -31.79 -43.07
N ASP C 75 7.85 -32.48 -42.49
CA ASP C 75 6.53 -31.90 -42.33
C ASP C 75 6.47 -31.01 -41.10
N LEU C 76 5.89 -29.82 -41.26
CA LEU C 76 5.73 -28.86 -40.19
C LEU C 76 4.27 -28.59 -39.88
N SER C 77 3.43 -29.61 -40.03
CA SER C 77 1.99 -29.44 -39.81
C SER C 77 1.63 -29.24 -38.34
N PHE C 78 2.60 -29.21 -37.44
CA PHE C 78 2.34 -29.02 -36.01
C PHE C 78 2.46 -27.56 -35.60
N LEU C 79 2.77 -26.66 -36.53
CA LEU C 79 2.85 -25.24 -36.22
C LEU C 79 1.53 -24.52 -36.40
N LYS C 80 0.54 -25.15 -37.02
CA LYS C 80 -0.71 -24.46 -37.31
C LYS C 80 -1.57 -24.25 -36.07
N THR C 81 -1.12 -24.67 -34.89
CA THR C 81 -1.87 -24.44 -33.66
C THR C 81 -1.33 -23.27 -32.85
N ILE C 82 -0.12 -22.79 -33.13
CA ILE C 82 0.46 -21.70 -32.37
C ILE C 82 -0.30 -20.42 -32.67
N GLN C 83 -0.72 -19.73 -31.61
CA GLN C 83 -1.49 -18.50 -31.76
C GLN C 83 -0.77 -17.26 -31.26
N GLU C 84 0.13 -17.39 -30.29
CA GLU C 84 0.87 -16.24 -29.78
C GLU C 84 2.32 -16.65 -29.53
N VAL C 85 3.19 -15.65 -29.53
CA VAL C 85 4.61 -15.83 -29.24
C VAL C 85 5.01 -14.70 -28.30
N ALA C 86 5.15 -15.00 -27.03
CA ALA C 86 5.45 -13.98 -26.03
C ALA C 86 6.88 -13.48 -26.10
N GLY C 87 7.66 -13.88 -27.09
CA GLY C 87 9.02 -13.42 -27.24
C GLY C 87 9.30 -12.88 -28.62
N TYR C 88 10.30 -13.43 -29.29
CA TYR C 88 10.59 -13.09 -30.68
C TYR C 88 10.36 -14.32 -31.55
N VAL C 89 10.51 -14.14 -32.86
CA VAL C 89 10.32 -15.21 -33.82
C VAL C 89 11.50 -15.16 -34.78
N LEU C 90 12.33 -16.18 -34.77
CA LEU C 90 13.48 -16.28 -35.65
C LEU C 90 13.29 -17.46 -36.58
N ILE C 91 13.46 -17.22 -37.88
CA ILE C 91 13.24 -18.22 -38.91
C ILE C 91 14.43 -18.15 -39.84
N ALA C 92 15.40 -19.04 -39.65
CA ALA C 92 16.67 -18.94 -40.35
C ALA C 92 17.11 -20.30 -40.86
N LEU C 93 17.78 -20.29 -42.01
CA LEU C 93 18.51 -21.43 -42.57
C LEU C 93 17.61 -22.62 -42.88
N ASN C 94 16.31 -22.39 -43.01
CA ASN C 94 15.40 -23.44 -43.45
C ASN C 94 15.40 -23.57 -44.97
N THR C 95 14.98 -24.73 -45.45
CA THR C 95 14.77 -24.94 -46.87
C THR C 95 13.44 -25.61 -47.18
N VAL C 96 12.65 -25.93 -46.15
CA VAL C 96 11.34 -26.54 -46.38
C VAL C 96 10.48 -25.63 -47.24
N GLU C 97 9.53 -26.23 -47.94
CA GLU C 97 8.68 -25.48 -48.86
C GLU C 97 7.89 -24.41 -48.13
N ARG C 98 7.00 -24.83 -47.23
CA ARG C 98 6.09 -23.92 -46.57
C ARG C 98 6.15 -24.11 -45.06
N ILE C 99 6.25 -22.99 -44.34
CA ILE C 99 6.19 -22.98 -42.88
C ILE C 99 4.77 -22.58 -42.49
N PRO C 100 3.89 -23.53 -42.20
CA PRO C 100 2.49 -23.18 -41.98
C PRO C 100 2.24 -22.54 -40.63
N LEU C 101 2.46 -21.22 -40.53
CA LEU C 101 2.16 -20.44 -39.34
C LEU C 101 0.84 -19.69 -39.49
N GLU C 102 -0.15 -20.33 -40.14
CA GLU C 102 -1.38 -19.65 -40.52
C GLU C 102 -2.08 -19.01 -39.33
N ASN C 103 -2.08 -19.69 -38.18
CA ASN C 103 -2.90 -19.28 -37.06
C ASN C 103 -2.20 -18.31 -36.10
N LEU C 104 -0.95 -17.95 -36.37
CA LEU C 104 -0.27 -16.98 -35.53
C LEU C 104 -0.96 -15.63 -35.61
N GLN C 105 -1.13 -14.98 -34.47
CA GLN C 105 -1.87 -13.73 -34.40
C GLN C 105 -1.07 -12.56 -33.85
N ILE C 106 -0.22 -12.77 -32.86
CA ILE C 106 0.45 -11.65 -32.19
C ILE C 106 1.79 -12.13 -31.69
N ILE C 107 2.77 -11.24 -31.72
CA ILE C 107 4.12 -11.48 -31.22
C ILE C 107 4.40 -10.39 -30.21
N ARG C 108 4.24 -10.70 -28.92
CA ARG C 108 4.34 -9.67 -27.89
C ARG C 108 5.70 -8.99 -27.84
N GLY C 109 6.71 -9.53 -28.52
CA GLY C 109 7.99 -8.86 -28.64
C GLY C 109 8.66 -8.50 -27.33
N ASN C 110 8.44 -9.31 -26.29
CA ASN C 110 9.07 -9.06 -25.00
C ASN C 110 10.59 -9.03 -25.11
N MET C 111 11.17 -10.16 -25.54
CA MET C 111 12.60 -10.20 -25.78
C MET C 111 12.90 -9.62 -27.16
N TYR C 112 14.14 -9.75 -27.61
CA TYR C 112 14.54 -9.26 -28.92
C TYR C 112 15.66 -10.13 -29.45
N TYR C 113 15.68 -10.31 -30.77
CA TYR C 113 16.81 -10.92 -31.44
C TYR C 113 17.69 -9.80 -32.00
N GLU C 114 18.98 -9.83 -31.67
CA GLU C 114 19.93 -8.82 -32.10
C GLU C 114 19.54 -7.42 -31.60
N ASN C 115 18.92 -7.37 -30.42
CA ASN C 115 18.69 -6.16 -29.64
C ASN C 115 17.65 -5.23 -30.25
N SER C 116 17.19 -5.53 -31.46
CA SER C 116 16.23 -4.66 -32.13
C SER C 116 14.94 -5.36 -32.51
N TYR C 117 15.02 -6.54 -33.11
CA TYR C 117 13.91 -7.13 -33.83
C TYR C 117 13.11 -8.09 -32.97
N ALA C 118 11.83 -8.26 -33.34
CA ALA C 118 10.96 -9.24 -32.75
C ALA C 118 10.40 -10.21 -33.77
N LEU C 119 10.78 -10.08 -35.04
CA LEU C 119 10.51 -11.11 -36.04
C LEU C 119 11.63 -11.01 -37.06
N ALA C 120 12.46 -12.04 -37.14
CA ALA C 120 13.58 -12.06 -38.06
C ALA C 120 13.47 -13.28 -38.95
N VAL C 121 13.45 -13.06 -40.26
CA VAL C 121 13.41 -14.13 -41.26
C VAL C 121 14.62 -13.89 -42.16
N LEU C 122 15.69 -14.65 -41.93
CA LEU C 122 16.98 -14.32 -42.52
C LEU C 122 17.72 -15.57 -42.97
N SER C 123 18.28 -15.51 -44.18
CA SER C 123 19.16 -16.55 -44.72
C SER C 123 18.46 -17.91 -44.77
N ASN C 124 17.43 -18.00 -45.59
CA ASN C 124 16.61 -19.21 -45.70
C ASN C 124 16.82 -19.95 -47.01
N TYR C 125 18.06 -19.99 -47.52
CA TYR C 125 18.38 -20.74 -48.73
C TYR C 125 19.63 -21.57 -48.48
N ASP C 126 19.58 -22.86 -48.83
CA ASP C 126 20.68 -23.74 -48.48
C ASP C 126 21.97 -23.38 -49.20
N ALA C 127 22.07 -23.73 -50.48
CA ALA C 127 23.16 -23.25 -51.31
C ALA C 127 22.79 -23.14 -52.79
N ASN C 128 21.57 -23.47 -53.17
CA ASN C 128 21.19 -23.67 -54.56
C ASN C 128 19.83 -23.08 -54.87
N LYS C 129 19.45 -22.02 -54.17
CA LYS C 129 18.24 -21.25 -54.41
C LYS C 129 16.97 -22.07 -54.19
N THR C 130 17.07 -23.19 -53.48
CA THR C 130 15.89 -23.94 -53.04
C THR C 130 15.42 -23.46 -51.67
N GLY C 131 15.23 -22.15 -51.56
CA GLY C 131 14.99 -21.52 -50.29
C GLY C 131 13.58 -21.70 -49.77
N LEU C 132 13.23 -20.87 -48.79
CA LEU C 132 11.90 -20.88 -48.21
C LEU C 132 10.92 -20.28 -49.21
N LYS C 133 9.93 -21.07 -49.63
CA LYS C 133 9.03 -20.60 -50.68
C LYS C 133 7.95 -19.69 -50.13
N GLU C 134 7.13 -20.19 -49.23
CA GLU C 134 5.95 -19.46 -48.77
C GLU C 134 5.89 -19.45 -47.24
N LEU C 135 5.63 -18.27 -46.70
CA LEU C 135 5.46 -18.08 -45.26
C LEU C 135 4.09 -17.45 -45.08
N PRO C 136 3.04 -18.27 -45.03
CA PRO C 136 1.66 -17.79 -45.10
C PRO C 136 1.08 -17.32 -43.76
N MET C 137 1.77 -16.40 -43.11
CA MET C 137 1.28 -15.82 -41.86
C MET C 137 0.18 -14.83 -42.19
N ARG C 138 -0.98 -15.36 -42.53
CA ARG C 138 -2.11 -14.54 -42.96
C ARG C 138 -2.90 -13.95 -41.80
N ASN C 139 -2.70 -14.44 -40.58
CA ASN C 139 -3.39 -13.89 -39.41
C ASN C 139 -2.48 -13.02 -38.54
N LEU C 140 -1.18 -12.98 -38.82
CA LEU C 140 -0.31 -12.09 -38.08
C LEU C 140 -0.75 -10.65 -38.27
N GLN C 141 -1.23 -10.02 -37.20
CA GLN C 141 -1.80 -8.69 -37.28
C GLN C 141 -1.03 -7.66 -36.46
N GLU C 142 -0.63 -8.02 -35.24
CA GLU C 142 -0.03 -7.06 -34.32
C GLU C 142 1.29 -7.60 -33.79
N ILE C 143 2.33 -6.75 -33.84
CA ILE C 143 3.62 -7.03 -33.22
C ILE C 143 3.80 -5.95 -32.16
N LEU C 144 3.58 -6.30 -30.90
CA LEU C 144 3.50 -5.30 -29.85
C LEU C 144 4.80 -4.53 -29.63
N HIS C 145 5.94 -5.11 -30.00
CA HIS C 145 7.22 -4.47 -29.74
C HIS C 145 8.24 -4.92 -30.77
N GLY C 146 9.27 -4.11 -30.97
CA GLY C 146 10.37 -4.46 -31.83
C GLY C 146 10.07 -4.33 -33.31
N ALA C 147 11.11 -4.19 -34.11
CA ALA C 147 10.97 -4.07 -35.56
C ALA C 147 10.99 -5.45 -36.20
N VAL C 148 11.12 -5.47 -37.53
CA VAL C 148 11.09 -6.71 -38.31
C VAL C 148 12.28 -6.69 -39.25
N ARG C 149 12.81 -7.87 -39.58
CA ARG C 149 13.92 -7.98 -40.52
C ARG C 149 13.74 -9.18 -41.42
N PHE C 150 13.70 -8.93 -42.73
CA PHE C 150 13.83 -9.96 -43.75
C PHE C 150 15.13 -9.70 -44.50
N SER C 151 15.93 -10.74 -44.71
CA SER C 151 17.21 -10.52 -45.37
C SER C 151 17.74 -11.81 -45.96
N ASN C 152 18.27 -11.72 -47.16
CA ASN C 152 19.01 -12.80 -47.83
C ASN C 152 18.24 -14.10 -47.85
N ASN C 153 17.01 -14.13 -48.35
CA ASN C 153 16.24 -15.38 -48.49
C ASN C 153 15.41 -15.33 -49.75
N PRO C 154 16.01 -15.67 -50.89
CA PRO C 154 15.24 -15.72 -52.14
C PRO C 154 14.23 -16.84 -52.13
N ALA C 155 13.51 -16.99 -53.24
CA ALA C 155 12.45 -18.00 -53.40
C ALA C 155 11.26 -17.73 -52.49
N LEU C 156 11.31 -16.66 -51.70
CA LEU C 156 10.19 -16.25 -50.85
C LEU C 156 9.37 -15.22 -51.61
N CYS C 157 8.17 -15.60 -52.01
CA CYS C 157 7.35 -14.79 -52.90
C CYS C 157 6.16 -14.18 -52.16
N ASN C 158 5.85 -12.95 -52.58
CA ASN C 158 4.64 -12.18 -52.29
C ASN C 158 4.60 -11.62 -50.88
N VAL C 159 5.55 -11.93 -50.00
CA VAL C 159 5.62 -11.28 -48.71
C VAL C 159 6.23 -9.88 -48.83
N GLU C 160 6.76 -9.54 -50.00
CA GLU C 160 7.36 -8.23 -50.24
C GLU C 160 6.34 -7.14 -50.50
N SER C 161 5.04 -7.46 -50.49
CA SER C 161 4.00 -6.49 -50.76
C SER C 161 3.19 -6.12 -49.53
N ILE C 162 3.37 -6.81 -48.41
CA ILE C 162 2.63 -6.49 -47.20
C ILE C 162 2.96 -5.08 -46.74
N GLN C 163 1.95 -4.39 -46.21
CA GLN C 163 2.14 -3.05 -45.65
C GLN C 163 2.38 -3.21 -44.15
N TRP C 164 3.60 -2.91 -43.71
CA TRP C 164 4.01 -3.31 -42.37
C TRP C 164 3.60 -2.32 -41.31
N ARG C 165 3.36 -1.05 -41.67
CA ARG C 165 2.89 -0.09 -40.67
C ARG C 165 1.53 -0.48 -40.11
N ASP C 166 0.82 -1.39 -40.77
CA ASP C 166 -0.39 -1.95 -40.20
C ASP C 166 -0.09 -2.95 -39.09
N ILE C 167 1.15 -3.45 -39.01
CA ILE C 167 1.53 -4.50 -38.07
C ILE C 167 2.44 -3.96 -36.98
N VAL C 168 3.61 -3.44 -37.36
CA VAL C 168 4.54 -2.89 -36.37
C VAL C 168 3.96 -1.63 -35.77
N SER C 169 4.44 -1.27 -34.58
CA SER C 169 4.02 -0.05 -33.94
C SER C 169 4.48 1.16 -34.73
N SER C 170 4.03 2.34 -34.30
CA SER C 170 4.32 3.57 -35.02
C SER C 170 5.67 4.17 -34.66
N ASP C 171 6.29 3.72 -33.56
CA ASP C 171 7.56 4.25 -33.12
C ASP C 171 8.73 3.29 -33.36
N PHE C 172 8.47 2.11 -33.91
CA PHE C 172 9.52 1.17 -34.26
C PHE C 172 9.81 1.13 -35.75
N LEU C 173 9.11 1.93 -36.55
CA LEU C 173 9.28 1.91 -38.00
C LEU C 173 10.63 2.44 -38.45
N SER C 174 11.38 3.10 -37.57
CA SER C 174 12.70 3.60 -37.91
C SER C 174 13.80 2.55 -37.76
N ASN C 175 13.43 1.31 -37.46
CA ASN C 175 14.40 0.23 -37.30
C ASN C 175 14.18 -0.92 -38.27
N MET C 176 13.04 -0.98 -38.97
CA MET C 176 12.75 -2.06 -39.89
C MET C 176 13.74 -2.11 -41.04
N SER C 177 14.45 -3.23 -41.18
CA SER C 177 15.38 -3.45 -42.27
C SER C 177 14.96 -4.70 -43.02
N MET C 178 14.52 -4.54 -44.26
CA MET C 178 13.99 -5.66 -45.02
C MET C 178 14.24 -5.44 -46.50
N ASP C 179 14.92 -6.39 -47.14
CA ASP C 179 15.15 -6.37 -48.57
C ASP C 179 14.59 -7.64 -49.19
N PHE C 180 14.03 -7.51 -50.40
CA PHE C 180 13.41 -8.63 -51.11
C PHE C 180 13.92 -8.63 -52.54
N GLN C 181 14.65 -9.68 -52.90
CA GLN C 181 15.32 -9.75 -54.20
C GLN C 181 15.15 -11.12 -54.83
N ASN C 182 13.95 -11.69 -54.73
CA ASN C 182 13.70 -13.04 -55.21
C ASN C 182 14.04 -13.17 -56.69
N HIS C 183 15.05 -13.99 -57.00
CA HIS C 183 15.42 -14.23 -58.39
C HIS C 183 14.38 -15.05 -59.11
N LEU C 184 14.10 -16.25 -58.59
CA LEU C 184 13.16 -17.19 -59.23
C LEU C 184 11.73 -16.71 -59.04
N GLY C 185 11.35 -15.74 -59.87
CA GLY C 185 10.04 -15.12 -59.80
C GLY C 185 8.89 -16.03 -60.20
N SER C 186 9.17 -17.31 -60.38
CA SER C 186 8.14 -18.25 -60.81
C SER C 186 7.16 -18.51 -59.67
N CYS C 187 6.21 -17.60 -59.49
CA CYS C 187 5.27 -17.67 -58.40
C CYS C 187 4.06 -16.81 -58.72
N GLN C 188 2.91 -17.22 -58.19
CA GLN C 188 1.64 -16.65 -58.60
C GLN C 188 1.44 -15.26 -58.01
N LYS C 189 1.11 -14.30 -58.88
CA LYS C 189 0.66 -13.00 -58.42
C LYS C 189 -0.76 -13.12 -57.91
N CYS C 190 -1.05 -12.47 -56.78
CA CYS C 190 -2.29 -12.73 -56.07
C CYS C 190 -3.48 -12.08 -56.75
N ASP C 191 -4.66 -12.50 -56.31
CA ASP C 191 -5.91 -11.99 -56.83
C ASP C 191 -6.02 -10.48 -56.60
N PRO C 192 -6.89 -9.80 -57.35
CA PRO C 192 -7.15 -8.38 -57.07
C PRO C 192 -8.13 -8.15 -55.94
N SER C 193 -8.71 -9.20 -55.37
CA SER C 193 -9.77 -9.09 -54.37
C SER C 193 -9.28 -8.59 -53.02
N CYS C 194 -8.06 -8.14 -52.84
CA CYS C 194 -7.57 -7.73 -51.53
C CYS C 194 -6.77 -6.44 -51.64
N PRO C 195 -6.75 -5.64 -50.57
CA PRO C 195 -6.40 -4.21 -50.71
C PRO C 195 -5.00 -3.98 -51.22
N ASN C 196 -4.86 -2.98 -52.10
CA ASN C 196 -3.59 -2.35 -52.46
C ASN C 196 -2.54 -3.35 -52.92
N GLY C 197 -2.96 -4.54 -53.32
CA GLY C 197 -2.02 -5.57 -53.72
C GLY C 197 -1.10 -5.96 -52.58
N SER C 198 -1.67 -6.37 -51.45
CA SER C 198 -0.91 -6.77 -50.26
C SER C 198 -1.39 -8.15 -49.85
N CYS C 199 -0.78 -9.18 -50.42
CA CYS C 199 -1.15 -10.57 -50.20
C CYS C 199 -0.01 -11.31 -49.54
N TRP C 200 -0.32 -12.48 -49.00
CA TRP C 200 0.68 -13.34 -48.37
C TRP C 200 1.13 -14.49 -49.27
N GLY C 201 0.67 -14.54 -50.51
CA GLY C 201 1.25 -15.46 -51.47
C GLY C 201 0.35 -16.22 -52.43
N ALA C 202 -0.85 -16.62 -52.02
CA ALA C 202 -1.69 -17.44 -52.90
C ALA C 202 -3.04 -17.65 -52.24
N GLY C 203 -4.02 -18.01 -53.05
CA GLY C 203 -5.35 -18.30 -52.56
C GLY C 203 -6.13 -17.04 -52.22
N GLU C 204 -7.43 -17.24 -52.03
CA GLU C 204 -8.32 -16.12 -51.74
C GLU C 204 -8.19 -15.60 -50.31
N GLU C 205 -7.55 -16.36 -49.42
CA GLU C 205 -7.45 -15.96 -48.02
C GLU C 205 -6.13 -15.29 -47.68
N ASN C 206 -5.04 -15.67 -48.34
CA ASN C 206 -3.73 -15.08 -48.05
C ASN C 206 -3.69 -13.67 -48.64
N CYS C 207 -4.45 -12.78 -48.00
CA CYS C 207 -4.46 -11.36 -48.34
C CYS C 207 -4.61 -10.57 -47.06
N GLN C 208 -3.75 -9.59 -46.86
CA GLN C 208 -3.66 -8.90 -45.58
C GLN C 208 -5.01 -8.31 -45.21
N LYS C 209 -5.43 -8.56 -43.97
CA LYS C 209 -6.68 -8.05 -43.43
C LYS C 209 -6.32 -6.86 -42.54
N LEU C 210 -6.20 -5.69 -43.15
CA LEU C 210 -5.75 -4.52 -42.43
C LEU C 210 -6.75 -4.14 -41.35
N THR C 211 -6.22 -3.69 -40.20
CA THR C 211 -7.08 -3.29 -39.09
C THR C 211 -6.58 -2.03 -38.38
N LYS C 212 -5.60 -1.33 -38.91
CA LYS C 212 -5.10 -0.18 -38.18
C LYS C 212 -5.06 1.09 -39.00
N ILE C 213 -4.69 1.01 -40.28
CA ILE C 213 -4.54 2.21 -41.09
C ILE C 213 -5.79 2.46 -41.92
N ILE C 214 -6.87 1.75 -41.61
CA ILE C 214 -8.16 1.98 -42.26
C ILE C 214 -9.22 2.50 -41.30
N CYS C 215 -8.92 2.56 -40.00
CA CYS C 215 -9.88 3.07 -39.03
C CYS C 215 -10.04 4.58 -39.18
N ALA C 216 -11.26 5.05 -39.07
CA ALA C 216 -11.51 6.49 -39.06
C ALA C 216 -10.93 7.10 -37.79
N GLN C 217 -10.56 8.38 -37.87
CA GLN C 217 -9.90 9.05 -36.75
C GLN C 217 -10.75 9.05 -35.49
N GLN C 218 -12.04 8.71 -35.57
CA GLN C 218 -12.84 8.57 -34.37
C GLN C 218 -12.37 7.39 -33.52
N CYS C 219 -11.80 6.38 -34.15
CA CYS C 219 -11.29 5.22 -33.42
C CYS C 219 -9.98 5.55 -32.72
N SER C 220 -9.76 4.90 -31.57
CA SER C 220 -8.53 5.05 -30.81
C SER C 220 -7.59 3.88 -31.06
N GLY C 221 -8.05 2.66 -30.82
CA GLY C 221 -7.25 1.48 -31.08
C GLY C 221 -7.37 1.00 -32.50
N ARG C 222 -7.58 -0.29 -32.69
CA ARG C 222 -7.75 -0.88 -34.01
C ARG C 222 -9.23 -1.14 -34.27
N CYS C 223 -9.55 -1.42 -35.54
CA CYS C 223 -10.94 -1.57 -35.93
C CYS C 223 -11.21 -2.87 -36.68
N ARG C 224 -12.41 -3.00 -37.21
CA ARG C 224 -12.78 -4.10 -38.10
C ARG C 224 -13.58 -3.59 -39.28
N GLY C 225 -13.33 -2.34 -39.69
CA GLY C 225 -14.08 -1.69 -40.74
C GLY C 225 -13.81 -0.20 -40.76
N LYS C 226 -14.06 0.45 -41.90
CA LYS C 226 -13.75 1.87 -42.03
C LYS C 226 -14.79 2.77 -41.39
N SER C 227 -16.02 2.29 -41.20
CA SER C 227 -17.04 3.11 -40.59
C SER C 227 -16.71 3.36 -39.12
N PRO C 228 -17.04 4.53 -38.58
CA PRO C 228 -16.73 4.80 -37.16
C PRO C 228 -17.58 3.99 -36.20
N SER C 229 -18.45 3.13 -36.75
CA SER C 229 -19.23 2.18 -35.97
C SER C 229 -18.52 0.84 -35.79
N ASP C 230 -17.18 0.83 -35.89
CA ASP C 230 -16.43 -0.42 -35.90
C ASP C 230 -15.23 -0.41 -34.96
N CYS C 231 -14.99 0.67 -34.22
CA CYS C 231 -13.84 0.75 -33.35
C CYS C 231 -13.85 -0.39 -32.33
N CYS C 232 -12.67 -0.95 -32.06
CA CYS C 232 -12.51 -1.93 -31.01
C CYS C 232 -12.02 -1.26 -29.74
N HIS C 233 -12.05 -2.01 -28.64
CA HIS C 233 -11.63 -1.47 -27.36
C HIS C 233 -10.16 -1.09 -27.38
N ASN C 234 -9.74 -0.32 -26.36
CA ASN C 234 -8.36 0.10 -26.27
C ASN C 234 -7.42 -1.04 -25.92
N GLN C 235 -7.93 -2.14 -25.36
CA GLN C 235 -7.12 -3.27 -24.98
C GLN C 235 -7.11 -4.39 -26.02
N CYS C 236 -7.84 -4.24 -27.10
CA CYS C 236 -7.80 -5.23 -28.17
C CYS C 236 -6.47 -5.13 -28.89
N ALA C 237 -5.69 -6.22 -28.88
CA ALA C 237 -4.36 -6.19 -29.46
C ALA C 237 -4.38 -6.40 -30.96
N ALA C 238 -4.87 -7.54 -31.42
CA ALA C 238 -4.92 -7.81 -32.85
C ALA C 238 -6.13 -7.15 -33.50
N GLY C 239 -7.31 -7.56 -33.09
CA GLY C 239 -8.54 -7.00 -33.62
C GLY C 239 -9.65 -7.24 -32.63
N CYS C 240 -10.86 -7.36 -33.14
CA CYS C 240 -12.01 -7.61 -32.28
C CYS C 240 -13.12 -8.26 -33.09
N THR C 241 -14.12 -8.78 -32.38
CA THR C 241 -15.34 -9.29 -32.97
C THR C 241 -16.53 -8.40 -32.69
N GLY C 242 -16.59 -7.79 -31.51
CA GLY C 242 -17.59 -6.83 -31.18
C GLY C 242 -16.97 -5.51 -30.76
N PRO C 243 -17.79 -4.59 -30.26
CA PRO C 243 -17.30 -3.26 -29.87
C PRO C 243 -16.93 -3.10 -28.40
N ARG C 244 -17.11 -4.12 -27.58
CA ARG C 244 -16.86 -4.02 -26.15
C ARG C 244 -15.46 -4.52 -25.82
N GLU C 245 -15.17 -4.64 -24.53
CA GLU C 245 -13.88 -5.10 -24.06
C GLU C 245 -13.83 -6.60 -23.80
N SER C 246 -14.96 -7.29 -23.88
CA SER C 246 -15.01 -8.73 -23.70
C SER C 246 -14.94 -9.49 -25.03
N ASP C 247 -14.70 -8.79 -26.13
CA ASP C 247 -14.66 -9.41 -27.45
C ASP C 247 -13.29 -9.36 -28.09
N CYS C 248 -12.27 -8.89 -27.38
CA CYS C 248 -10.93 -8.80 -27.95
C CYS C 248 -10.44 -10.17 -28.38
N LEU C 249 -9.70 -10.21 -29.49
CA LEU C 249 -9.08 -11.46 -29.93
C LEU C 249 -8.06 -11.93 -28.89
N VAL C 250 -7.02 -11.15 -28.67
CA VAL C 250 -6.06 -11.39 -27.59
C VAL C 250 -5.87 -10.08 -26.84
N CYS C 251 -5.71 -10.18 -25.52
CA CYS C 251 -5.58 -9.00 -24.70
C CYS C 251 -4.23 -8.33 -24.91
N ARG C 252 -4.14 -7.06 -24.53
CA ARG C 252 -2.93 -6.29 -24.74
C ARG C 252 -2.00 -6.33 -23.54
N LYS C 253 -2.51 -6.01 -22.34
CA LYS C 253 -1.67 -6.00 -21.15
C LYS C 253 -2.08 -7.07 -20.15
N PHE C 254 -3.32 -7.09 -19.70
CA PHE C 254 -3.77 -8.04 -18.69
C PHE C 254 -4.97 -8.80 -19.21
N ARG C 255 -5.42 -9.78 -18.42
CA ARG C 255 -6.56 -10.62 -18.79
C ARG C 255 -7.29 -11.01 -17.51
N ASN C 256 -8.47 -10.44 -17.32
CA ASN C 256 -9.26 -10.69 -16.08
C ASN C 256 -10.43 -11.63 -16.40
N GLU C 257 -10.20 -12.94 -16.46
CA GLU C 257 -11.30 -13.91 -16.67
C GLU C 257 -12.10 -13.55 -17.93
N ALA C 258 -11.48 -13.60 -19.12
CA ALA C 258 -12.13 -13.39 -20.41
C ALA C 258 -12.54 -11.93 -20.62
N THR C 259 -12.03 -11.01 -19.81
CA THR C 259 -12.24 -9.58 -20.01
C THR C 259 -10.87 -8.91 -20.00
N CYS C 260 -10.45 -8.40 -21.15
CA CYS C 260 -9.10 -7.86 -21.30
C CYS C 260 -9.04 -6.49 -20.63
N LYS C 261 -8.68 -6.50 -19.34
CA LYS C 261 -8.51 -5.28 -18.57
C LYS C 261 -7.22 -4.60 -18.97
N ASP C 262 -6.88 -3.52 -18.28
CA ASP C 262 -5.59 -2.86 -18.43
C ASP C 262 -4.77 -2.86 -17.15
N THR C 263 -5.41 -2.78 -15.99
CA THR C 263 -4.80 -3.02 -14.70
C THR C 263 -5.79 -3.80 -13.87
N CYS C 264 -5.31 -4.80 -13.14
CA CYS C 264 -6.22 -5.60 -12.33
C CYS C 264 -6.99 -4.71 -11.37
N PRO C 265 -8.28 -4.96 -11.18
CA PRO C 265 -9.08 -4.14 -10.27
C PRO C 265 -8.46 -4.13 -8.88
N PRO C 266 -8.10 -2.96 -8.36
CA PRO C 266 -7.35 -2.91 -7.10
C PRO C 266 -8.14 -3.52 -5.95
N LEU C 267 -7.40 -3.90 -4.90
CA LEU C 267 -8.03 -4.53 -3.75
C LEU C 267 -8.82 -3.52 -2.93
N MET C 268 -8.41 -2.26 -2.94
CA MET C 268 -9.05 -1.22 -2.15
C MET C 268 -9.30 0.00 -3.02
N LEU C 269 -10.57 0.41 -3.10
CA LEU C 269 -10.95 1.59 -3.87
C LEU C 269 -10.98 2.82 -2.97
N TYR C 270 -10.72 3.97 -3.56
CA TYR C 270 -10.65 5.24 -2.83
C TYR C 270 -12.03 5.89 -2.87
N ASN C 271 -12.67 5.99 -1.72
CA ASN C 271 -13.98 6.63 -1.62
C ASN C 271 -13.81 8.12 -1.89
N PRO C 272 -14.42 8.67 -2.94
CA PRO C 272 -14.15 10.07 -3.28
C PRO C 272 -14.84 11.09 -2.39
N THR C 273 -15.82 10.68 -1.60
CA THR C 273 -16.58 11.61 -0.76
C THR C 273 -15.98 11.73 0.64
N THR C 274 -15.84 10.61 1.34
CA THR C 274 -15.37 10.61 2.72
C THR C 274 -13.85 10.53 2.83
N TYR C 275 -13.13 10.62 1.72
CA TYR C 275 -11.67 10.65 1.69
C TYR C 275 -11.04 9.41 2.31
N GLN C 276 -11.81 8.34 2.51
CA GLN C 276 -11.29 7.10 3.06
C GLN C 276 -11.17 6.05 1.95
N MET C 277 -10.76 4.85 2.34
CA MET C 277 -10.58 3.74 1.42
C MET C 277 -11.57 2.64 1.75
N ASP C 278 -12.09 1.99 0.71
CA ASP C 278 -13.07 0.93 0.86
C ASP C 278 -12.59 -0.33 0.17
N VAL C 279 -12.92 -1.48 0.76
CA VAL C 279 -12.52 -2.75 0.18
C VAL C 279 -13.30 -2.99 -1.11
N ASN C 280 -12.59 -3.33 -2.17
CA ASN C 280 -13.24 -3.60 -3.44
C ASN C 280 -13.86 -5.00 -3.40
N PRO C 281 -15.14 -5.15 -3.72
CA PRO C 281 -15.74 -6.50 -3.73
C PRO C 281 -15.24 -7.37 -4.86
N GLU C 282 -14.64 -6.80 -5.90
CA GLU C 282 -14.16 -7.55 -7.05
C GLU C 282 -12.66 -7.40 -7.25
N GLY C 283 -11.93 -7.03 -6.20
CA GLY C 283 -10.49 -6.91 -6.32
C GLY C 283 -9.82 -8.25 -6.55
N LYS C 284 -8.71 -8.22 -7.27
CA LYS C 284 -7.98 -9.44 -7.62
C LYS C 284 -6.48 -9.16 -7.59
N TYR C 285 -5.72 -10.18 -7.24
CA TYR C 285 -4.27 -10.08 -7.20
C TYR C 285 -3.71 -10.27 -8.61
N SER C 286 -2.77 -9.40 -8.99
CA SER C 286 -2.21 -9.41 -10.34
C SER C 286 -1.02 -10.36 -10.36
N PHE C 287 -1.26 -11.61 -10.74
CA PHE C 287 -0.23 -12.63 -10.80
C PHE C 287 0.33 -12.70 -12.22
N GLY C 288 1.35 -11.90 -12.49
CA GLY C 288 2.07 -11.98 -13.74
C GLY C 288 1.37 -11.30 -14.90
N ALA C 289 0.38 -11.97 -15.49
CA ALA C 289 -0.38 -11.35 -16.58
C ALA C 289 -1.86 -11.69 -16.50
N THR C 290 -2.32 -12.30 -15.42
CA THR C 290 -3.73 -12.67 -15.27
C THR C 290 -4.19 -12.29 -13.88
N CYS C 291 -5.32 -11.60 -13.78
CA CYS C 291 -5.86 -11.20 -12.50
C CYS C 291 -6.38 -12.43 -11.77
N VAL C 292 -5.71 -12.85 -10.72
CA VAL C 292 -6.11 -14.00 -9.93
C VAL C 292 -6.68 -13.52 -8.60
N LYS C 293 -7.47 -14.38 -7.98
CA LYS C 293 -8.06 -14.09 -6.68
C LYS C 293 -7.20 -14.56 -5.51
N LYS C 294 -6.02 -15.14 -5.79
CA LYS C 294 -5.12 -15.60 -4.73
C LYS C 294 -3.75 -15.92 -5.30
N CYS C 295 -2.71 -15.36 -4.70
CA CYS C 295 -1.34 -15.60 -5.15
C CYS C 295 -0.96 -17.07 -4.95
N PRO C 296 0.06 -17.54 -5.67
CA PRO C 296 0.60 -18.88 -5.41
C PRO C 296 1.19 -18.97 -4.02
N ARG C 297 1.40 -20.22 -3.59
CA ARG C 297 1.84 -20.45 -2.21
C ARG C 297 3.28 -19.97 -1.98
N ASN C 298 4.10 -19.92 -3.03
CA ASN C 298 5.50 -19.57 -2.90
C ASN C 298 5.82 -18.21 -3.52
N TYR C 299 4.86 -17.30 -3.53
CA TYR C 299 5.05 -15.95 -4.03
C TYR C 299 4.70 -14.96 -2.93
N VAL C 300 5.54 -13.93 -2.77
CA VAL C 300 5.35 -12.99 -1.68
C VAL C 300 4.24 -12.01 -2.07
N VAL C 301 3.13 -12.06 -1.33
CA VAL C 301 1.99 -11.18 -1.57
C VAL C 301 2.38 -9.77 -1.09
N THR C 302 2.53 -8.85 -2.03
CA THR C 302 2.86 -7.48 -1.67
C THR C 302 1.66 -6.83 -0.98
N ASP C 303 1.83 -5.56 -0.58
CA ASP C 303 0.77 -4.86 0.12
C ASP C 303 -0.44 -4.64 -0.77
N HIS C 304 -0.27 -3.92 -1.88
CA HIS C 304 -1.40 -3.60 -2.74
C HIS C 304 -1.69 -4.72 -3.73
N GLY C 305 -1.83 -5.94 -3.21
CA GLY C 305 -2.35 -7.07 -3.98
C GLY C 305 -1.73 -7.33 -5.33
N SER C 306 -0.47 -7.76 -5.36
CA SER C 306 0.18 -8.11 -6.62
C SER C 306 1.24 -9.17 -6.31
N CYS C 307 1.02 -10.38 -6.80
CA CYS C 307 1.99 -11.45 -6.65
C CYS C 307 3.31 -11.05 -7.28
N VAL C 308 4.35 -10.93 -6.44
CA VAL C 308 5.64 -10.44 -6.88
C VAL C 308 6.71 -11.45 -6.48
N ARG C 309 7.83 -11.43 -7.19
CA ARG C 309 8.89 -12.41 -6.97
C ARG C 309 9.72 -12.04 -5.74
N ALA C 310 10.34 -10.87 -5.75
CA ALA C 310 11.13 -10.39 -4.63
C ALA C 310 11.03 -8.87 -4.57
N CYS C 311 10.70 -8.34 -3.40
CA CYS C 311 10.38 -6.93 -3.28
C CYS C 311 11.65 -6.10 -3.06
N GLY C 312 11.46 -4.79 -2.88
CA GLY C 312 12.58 -3.87 -2.94
C GLY C 312 13.51 -3.97 -1.74
N ALA C 313 14.70 -3.40 -1.92
CA ALA C 313 15.72 -3.44 -0.88
C ALA C 313 15.26 -2.76 0.40
N ASP C 314 14.34 -1.80 0.29
CA ASP C 314 13.80 -1.14 1.48
C ASP C 314 13.04 -2.10 2.38
N SER C 315 12.68 -3.28 1.89
CA SER C 315 11.88 -4.25 2.62
C SER C 315 12.66 -5.54 2.80
N TYR C 316 12.05 -6.49 3.51
CA TYR C 316 12.62 -7.82 3.68
C TYR C 316 11.50 -8.79 3.99
N GLU C 317 11.68 -10.03 3.54
CA GLU C 317 10.62 -11.03 3.59
C GLU C 317 10.28 -11.41 5.02
N MET C 318 9.05 -11.89 5.21
CA MET C 318 8.59 -12.41 6.49
C MET C 318 7.32 -13.22 6.24
N GLU C 319 7.16 -14.32 6.98
CA GLU C 319 6.06 -15.24 6.79
C GLU C 319 5.03 -15.08 7.90
N GLU C 320 3.78 -15.41 7.57
CA GLU C 320 2.70 -15.39 8.55
C GLU C 320 1.47 -16.09 7.97
N ASP C 321 0.78 -16.86 8.82
CA ASP C 321 -0.34 -17.73 8.48
C ASP C 321 -0.16 -18.50 7.17
N GLY C 322 1.06 -18.96 6.90
CA GLY C 322 1.32 -19.78 5.73
C GLY C 322 1.52 -19.02 4.44
N VAL C 323 1.32 -17.70 4.44
CA VAL C 323 1.60 -16.88 3.27
C VAL C 323 2.81 -16.01 3.61
N ARG C 324 3.40 -15.42 2.58
CA ARG C 324 4.60 -14.61 2.75
C ARG C 324 4.33 -13.17 2.34
N LYS C 325 5.00 -12.25 3.03
CA LYS C 325 4.92 -10.83 2.73
C LYS C 325 6.30 -10.23 2.95
N CYS C 326 6.40 -8.93 2.78
CA CYS C 326 7.63 -8.23 3.13
C CYS C 326 7.29 -6.83 3.60
N LYS C 327 7.89 -6.43 4.72
CA LYS C 327 7.62 -5.15 5.37
C LYS C 327 8.92 -4.33 5.44
N LYS C 328 8.76 -3.06 5.82
CA LYS C 328 9.92 -2.20 5.99
C LYS C 328 10.83 -2.73 7.08
N CYS C 329 12.13 -2.50 6.91
CA CYS C 329 13.13 -2.97 7.87
C CYS C 329 13.52 -1.84 8.80
N GLU C 330 13.95 -2.23 10.01
CA GLU C 330 14.35 -1.26 11.03
C GLU C 330 15.69 -0.65 10.63
N GLY C 331 15.68 0.64 10.31
CA GLY C 331 16.88 1.31 9.86
C GLY C 331 17.37 0.74 8.54
N PRO C 332 18.67 0.49 8.45
CA PRO C 332 19.20 -0.20 7.26
C PRO C 332 18.88 -1.69 7.32
N CYS C 333 18.56 -2.25 6.16
CA CYS C 333 18.21 -3.66 6.07
C CYS C 333 19.48 -4.51 6.07
N ARG C 334 19.33 -5.81 5.84
CA ARG C 334 20.47 -6.70 5.70
C ARG C 334 20.86 -6.78 4.22
N LYS C 335 21.74 -7.72 3.88
CA LYS C 335 22.21 -7.87 2.51
C LYS C 335 21.49 -9.04 1.85
N VAL C 336 20.94 -8.80 0.66
CA VAL C 336 20.35 -9.83 -0.18
C VAL C 336 21.03 -9.74 -1.54
N CYS C 337 21.36 -10.90 -2.12
CA CYS C 337 22.24 -10.98 -3.27
C CYS C 337 21.49 -11.54 -4.47
N ASN C 338 21.54 -10.81 -5.58
CA ASN C 338 20.91 -11.27 -6.81
C ASN C 338 21.56 -12.57 -7.29
N GLY C 339 20.74 -13.50 -7.73
CA GLY C 339 21.25 -14.74 -8.27
C GLY C 339 21.85 -14.54 -9.65
N ILE C 340 22.13 -15.65 -10.31
CA ILE C 340 22.70 -15.63 -11.64
C ILE C 340 21.59 -15.46 -12.66
N GLY C 341 21.76 -14.52 -13.58
CA GLY C 341 20.79 -14.27 -14.63
C GLY C 341 19.82 -13.14 -14.35
N ILE C 342 19.75 -12.65 -13.12
CA ILE C 342 18.81 -11.61 -12.73
C ILE C 342 19.58 -10.35 -12.41
N GLY C 343 19.06 -9.21 -12.88
CA GLY C 343 19.64 -7.93 -12.51
C GLY C 343 20.95 -7.66 -13.23
N GLU C 344 21.97 -7.29 -12.46
CA GLU C 344 23.25 -6.94 -13.04
C GLU C 344 23.91 -8.12 -13.73
N PHE C 345 23.53 -9.35 -13.40
CA PHE C 345 24.09 -10.54 -14.02
C PHE C 345 23.23 -10.90 -15.22
N LYS C 346 23.68 -10.50 -16.41
CA LYS C 346 23.02 -10.90 -17.65
C LYS C 346 24.06 -11.41 -18.63
N ASP C 347 25.30 -10.96 -18.44
CA ASP C 347 26.42 -11.49 -19.22
C ASP C 347 26.91 -12.83 -18.70
N SER C 348 26.47 -13.24 -17.52
CA SER C 348 27.02 -14.39 -16.82
C SER C 348 26.17 -15.63 -17.03
N LEU C 349 26.86 -16.78 -17.14
CA LEU C 349 26.21 -18.07 -17.26
C LEU C 349 26.28 -18.89 -15.98
N SER C 350 27.36 -18.79 -15.22
CA SER C 350 27.50 -19.49 -13.95
C SER C 350 28.17 -18.55 -12.97
N ILE C 351 28.60 -19.08 -11.83
CA ILE C 351 29.35 -18.29 -10.84
C ILE C 351 30.82 -18.44 -11.20
N ASN C 352 31.26 -17.63 -12.16
CA ASN C 352 32.65 -17.66 -12.59
C ASN C 352 33.54 -17.04 -11.51
N ALA C 353 34.84 -17.05 -11.75
CA ALA C 353 35.79 -16.60 -10.75
C ALA C 353 35.63 -15.12 -10.42
N THR C 354 35.03 -14.34 -11.32
CA THR C 354 34.89 -12.90 -11.10
C THR C 354 33.79 -12.60 -10.08
N ASN C 355 32.56 -13.01 -10.38
CA ASN C 355 31.42 -12.60 -9.56
C ASN C 355 31.28 -13.39 -8.26
N ILE C 356 32.23 -14.27 -7.93
CA ILE C 356 32.04 -15.07 -6.72
C ILE C 356 32.28 -14.25 -5.47
N LYS C 357 33.06 -13.18 -5.56
CA LYS C 357 33.31 -12.34 -4.39
C LYS C 357 32.11 -11.53 -3.98
N HIS C 358 31.03 -11.54 -4.75
CA HIS C 358 29.83 -10.79 -4.41
C HIS C 358 28.87 -11.59 -3.52
N PHE C 359 29.20 -12.83 -3.19
CA PHE C 359 28.35 -13.69 -2.36
C PHE C 359 28.88 -13.83 -0.94
N LYS C 360 29.44 -12.75 -0.38
CA LYS C 360 30.26 -12.84 0.83
C LYS C 360 29.50 -13.52 1.97
N ASN C 361 28.43 -12.88 2.45
CA ASN C 361 27.68 -13.40 3.59
C ASN C 361 26.20 -13.49 3.28
N CYS C 362 25.85 -13.79 2.03
CA CYS C 362 24.45 -13.89 1.64
C CYS C 362 23.75 -15.00 2.41
N THR C 363 22.80 -14.64 3.27
CA THR C 363 21.97 -15.65 3.90
C THR C 363 20.83 -16.09 3.01
N SER C 364 20.66 -15.47 1.85
CA SER C 364 19.65 -15.86 0.89
C SER C 364 20.14 -15.49 -0.50
N ILE C 365 19.52 -16.11 -1.50
CA ILE C 365 19.86 -15.85 -2.91
C ILE C 365 18.55 -15.52 -3.62
N SER C 366 18.24 -14.22 -3.71
CA SER C 366 17.05 -13.77 -4.44
C SER C 366 17.35 -13.86 -5.92
N GLY C 367 17.35 -15.09 -6.43
CA GLY C 367 17.70 -15.35 -7.81
C GLY C 367 17.91 -16.82 -8.07
N ASP C 368 18.93 -17.14 -8.86
CA ASP C 368 19.21 -18.52 -9.25
C ASP C 368 20.62 -18.89 -8.80
N LEU C 369 21.05 -20.09 -9.18
CA LEU C 369 22.43 -20.50 -8.92
C LEU C 369 22.83 -21.52 -9.99
N HIS C 370 23.55 -21.07 -11.00
CA HIS C 370 24.10 -21.94 -12.03
C HIS C 370 25.56 -22.18 -11.73
N ILE C 371 25.98 -23.44 -11.75
CA ILE C 371 27.38 -23.81 -11.59
C ILE C 371 27.72 -24.69 -12.79
N LEU C 372 28.23 -24.08 -13.84
CA LEU C 372 28.57 -24.77 -15.08
C LEU C 372 30.01 -25.26 -15.04
N PRO C 373 30.36 -26.25 -15.86
CA PRO C 373 31.76 -26.72 -15.88
C PRO C 373 32.76 -25.67 -16.30
N VAL C 374 32.31 -24.55 -16.87
CA VAL C 374 33.23 -23.50 -17.29
C VAL C 374 33.81 -22.76 -16.10
N ALA C 375 33.12 -22.75 -14.96
CA ALA C 375 33.61 -22.02 -13.79
C ALA C 375 34.96 -22.54 -13.33
N PHE C 376 35.09 -23.87 -13.24
CA PHE C 376 36.34 -24.46 -12.77
C PHE C 376 37.38 -24.62 -13.87
N ARG C 377 36.96 -24.61 -15.14
CA ARG C 377 37.91 -24.82 -16.23
C ARG C 377 38.62 -23.52 -16.61
N GLY C 378 37.86 -22.44 -16.72
CA GLY C 378 38.42 -21.16 -17.11
C GLY C 378 37.93 -20.69 -18.46
N ASP C 379 37.05 -19.69 -18.46
CA ASP C 379 36.43 -19.19 -19.67
C ASP C 379 37.41 -18.28 -20.39
N SER C 380 37.98 -18.76 -21.50
CA SER C 380 38.93 -17.96 -22.25
C SER C 380 38.24 -16.84 -23.01
N PHE C 381 37.03 -17.09 -23.49
CA PHE C 381 36.32 -16.11 -24.31
C PHE C 381 36.03 -14.84 -23.51
N THR C 382 35.20 -14.94 -22.48
CA THR C 382 34.83 -13.75 -21.73
C THR C 382 35.78 -13.48 -20.57
N HIS C 383 37.08 -13.53 -20.89
CA HIS C 383 38.17 -12.94 -20.11
C HIS C 383 37.97 -13.08 -18.60
N THR C 384 37.93 -14.33 -18.14
CA THR C 384 37.86 -14.60 -16.71
C THR C 384 38.76 -15.78 -16.38
N PRO C 385 39.41 -15.76 -15.22
CA PRO C 385 40.35 -16.83 -14.87
C PRO C 385 39.63 -18.03 -14.29
N PRO C 386 40.32 -19.17 -14.16
CA PRO C 386 39.68 -20.34 -13.54
C PRO C 386 39.42 -20.13 -12.06
N LEU C 387 38.33 -20.71 -11.57
CA LEU C 387 37.99 -20.61 -10.17
C LEU C 387 38.85 -21.54 -9.34
N ASP C 388 39.17 -21.10 -8.11
CA ASP C 388 39.86 -21.93 -7.15
C ASP C 388 38.86 -22.83 -6.45
N PRO C 389 39.02 -24.15 -6.49
CA PRO C 389 38.03 -25.03 -5.85
C PRO C 389 37.79 -24.76 -4.38
N GLN C 390 38.76 -24.15 -3.68
CA GLN C 390 38.56 -23.86 -2.26
C GLN C 390 37.59 -22.70 -2.07
N GLU C 391 37.60 -21.73 -2.99
CA GLU C 391 36.71 -20.58 -2.89
C GLU C 391 35.23 -20.97 -2.90
N LEU C 392 34.89 -22.19 -3.30
CA LEU C 392 33.50 -22.62 -3.26
C LEU C 392 33.16 -23.08 -1.86
N ASP C 393 33.49 -22.24 -0.88
CA ASP C 393 32.98 -22.36 0.47
C ASP C 393 32.39 -21.04 0.95
N ILE C 394 32.51 -19.98 0.16
CA ILE C 394 31.80 -18.74 0.43
C ILE C 394 30.30 -19.01 0.50
N LEU C 395 29.84 -20.01 -0.24
CA LEU C 395 28.43 -20.39 -0.23
C LEU C 395 28.15 -21.41 0.86
N LYS C 396 28.60 -21.13 2.08
CA LYS C 396 28.19 -21.90 3.24
C LYS C 396 27.27 -21.12 4.16
N THR C 397 27.11 -19.82 3.93
CA THR C 397 26.13 -19.02 4.64
C THR C 397 24.78 -19.00 3.97
N VAL C 398 24.72 -19.39 2.69
CA VAL C 398 23.46 -19.42 1.95
C VAL C 398 22.52 -20.41 2.62
N LYS C 399 21.34 -19.93 3.03
CA LYS C 399 20.37 -20.76 3.71
C LYS C 399 19.12 -21.05 2.89
N GLU C 400 18.76 -20.18 1.96
CA GLU C 400 17.61 -20.40 1.11
C GLU C 400 17.94 -19.94 -0.31
N ILE C 401 17.11 -20.37 -1.25
CA ILE C 401 17.24 -19.99 -2.66
C ILE C 401 15.85 -19.75 -3.21
N THR C 402 15.58 -18.51 -3.62
CA THR C 402 14.28 -18.19 -4.19
C THR C 402 14.03 -18.96 -5.48
N GLY C 403 14.95 -18.86 -6.43
CA GLY C 403 14.78 -19.55 -7.69
C GLY C 403 15.16 -21.01 -7.60
N PHE C 404 15.88 -21.52 -8.58
CA PHE C 404 16.25 -22.91 -8.66
C PHE C 404 17.74 -23.07 -8.37
N LEU C 405 18.22 -24.30 -8.53
CA LEU C 405 19.63 -24.63 -8.28
C LEU C 405 20.08 -25.61 -9.33
N LEU C 406 21.01 -25.17 -10.19
CA LEU C 406 21.54 -26.00 -11.27
C LEU C 406 23.02 -26.21 -11.04
N ILE C 407 23.41 -27.45 -10.78
CA ILE C 407 24.81 -27.81 -10.53
C ILE C 407 25.21 -28.82 -11.61
N GLN C 408 26.25 -28.48 -12.37
CA GLN C 408 26.80 -29.37 -13.37
C GLN C 408 28.29 -29.58 -13.21
N ALA C 409 28.91 -29.04 -12.17
CA ALA C 409 30.35 -29.16 -11.98
C ALA C 409 30.65 -29.14 -10.50
N TRP C 410 31.79 -29.72 -10.14
CA TRP C 410 32.23 -29.78 -8.76
C TRP C 410 33.70 -30.11 -8.73
N PRO C 411 34.42 -29.73 -7.70
CA PRO C 411 35.85 -30.07 -7.63
C PRO C 411 36.04 -31.55 -7.38
N GLU C 412 36.10 -32.35 -8.45
CA GLU C 412 35.89 -33.79 -8.34
C GLU C 412 37.04 -34.46 -7.61
N ASN C 413 37.23 -34.08 -6.35
CA ASN C 413 37.90 -34.88 -5.34
C ASN C 413 37.17 -34.85 -4.01
N ARG C 414 36.14 -33.99 -3.88
CA ARG C 414 35.27 -33.97 -2.71
C ARG C 414 34.02 -34.75 -3.03
N THR C 415 33.76 -35.80 -2.27
CA THR C 415 32.65 -36.71 -2.55
C THR C 415 31.38 -36.33 -1.80
N ASP C 416 30.96 -35.08 -1.94
CA ASP C 416 29.68 -34.59 -1.40
C ASP C 416 29.53 -33.13 -1.83
N LEU C 417 28.30 -32.63 -1.67
CA LEU C 417 28.03 -31.20 -1.87
C LEU C 417 28.41 -30.47 -0.58
N HIS C 418 29.71 -30.24 -0.40
CA HIS C 418 30.20 -29.69 0.85
C HIS C 418 29.82 -28.23 1.01
N ALA C 419 29.60 -27.50 -0.09
CA ALA C 419 29.26 -26.09 0.02
C ALA C 419 27.85 -25.91 0.54
N PHE C 420 26.87 -26.46 -0.17
CA PHE C 420 25.46 -26.41 0.25
C PHE C 420 25.25 -27.46 1.34
N GLU C 421 25.83 -27.19 2.50
CA GLU C 421 25.73 -28.09 3.65
C GLU C 421 24.63 -27.68 4.62
N ASN C 422 24.42 -26.38 4.80
CA ASN C 422 23.37 -25.87 5.68
C ASN C 422 22.19 -25.31 4.91
N LEU C 423 22.17 -25.45 3.59
CA LEU C 423 21.04 -24.99 2.79
C LEU C 423 19.76 -25.65 3.28
N GLU C 424 18.68 -24.87 3.32
CA GLU C 424 17.45 -25.33 3.95
C GLU C 424 16.24 -25.33 3.03
N ILE C 425 16.05 -24.30 2.22
CA ILE C 425 14.80 -24.11 1.49
C ILE C 425 15.12 -23.70 0.06
N ILE C 426 14.41 -24.29 -0.90
CA ILE C 426 14.47 -23.89 -2.31
C ILE C 426 13.06 -23.49 -2.70
N ARG C 427 12.81 -22.19 -2.81
CA ARG C 427 11.47 -21.72 -3.16
C ARG C 427 11.08 -22.15 -4.57
N GLY C 428 12.02 -22.09 -5.50
CA GLY C 428 11.74 -22.48 -6.87
C GLY C 428 10.74 -21.59 -7.55
N ARG C 429 10.88 -20.27 -7.39
CA ARG C 429 10.03 -19.34 -8.12
C ARG C 429 10.34 -19.39 -9.61
N THR C 430 11.59 -19.11 -9.97
CA THR C 430 12.06 -19.36 -11.33
C THR C 430 12.54 -20.81 -11.42
N LYS C 431 12.32 -21.42 -12.58
CA LYS C 431 12.69 -22.82 -12.79
C LYS C 431 13.53 -22.95 -14.05
N GLN C 432 14.38 -23.97 -14.06
CA GLN C 432 15.21 -24.25 -15.22
C GLN C 432 14.42 -25.05 -16.24
N HIS C 433 14.48 -24.62 -17.50
CA HIS C 433 13.70 -25.24 -18.58
C HIS C 433 12.20 -25.21 -18.26
N GLY C 434 11.79 -24.25 -17.43
CA GLY C 434 10.40 -24.07 -17.08
C GLY C 434 9.78 -25.20 -16.28
N GLN C 435 10.56 -26.20 -15.89
CA GLN C 435 9.99 -27.33 -15.16
C GLN C 435 10.79 -27.78 -13.95
N PHE C 436 12.09 -27.51 -13.87
CA PHE C 436 12.95 -28.14 -12.86
C PHE C 436 13.44 -27.11 -11.86
N SER C 437 13.54 -27.53 -10.61
CA SER C 437 14.02 -26.68 -9.52
C SER C 437 15.39 -27.11 -9.01
N LEU C 438 15.55 -28.37 -8.64
CA LEU C 438 16.84 -28.90 -8.24
C LEU C 438 17.36 -29.77 -9.37
N ALA C 439 18.56 -29.47 -9.85
CA ALA C 439 19.13 -30.18 -11.00
C ALA C 439 20.60 -30.46 -10.73
N VAL C 440 20.92 -31.73 -10.50
CA VAL C 440 22.28 -32.17 -10.24
C VAL C 440 22.60 -33.25 -11.28
N VAL C 441 23.21 -32.85 -12.40
CA VAL C 441 23.51 -33.77 -13.47
C VAL C 441 24.99 -33.74 -13.77
N SER C 442 25.52 -34.88 -14.23
CA SER C 442 26.89 -35.00 -14.71
C SER C 442 27.90 -34.61 -13.63
N LEU C 443 27.93 -35.38 -12.55
CA LEU C 443 28.86 -35.15 -11.46
C LEU C 443 29.59 -36.45 -11.12
N ASN C 444 30.65 -36.30 -10.33
CA ASN C 444 31.48 -37.41 -9.89
C ASN C 444 31.57 -37.44 -8.37
N ILE C 445 30.44 -37.20 -7.72
CA ILE C 445 30.37 -37.20 -6.28
C ILE C 445 29.78 -38.54 -5.83
N THR C 446 29.91 -38.85 -4.54
CA THR C 446 29.50 -40.14 -4.02
C THR C 446 28.21 -40.08 -3.20
N SER C 447 28.04 -39.06 -2.37
CA SER C 447 26.80 -38.87 -1.62
C SER C 447 26.30 -37.45 -1.84
N LEU C 448 24.99 -37.28 -1.70
CA LEU C 448 24.39 -35.97 -1.95
C LEU C 448 24.94 -34.92 -1.01
N GLY C 449 24.71 -35.09 0.29
CA GLY C 449 25.27 -34.21 1.29
C GLY C 449 24.39 -33.04 1.69
N LEU C 450 23.23 -32.88 1.06
CA LEU C 450 22.32 -31.81 1.44
C LEU C 450 21.56 -32.19 2.69
N ARG C 451 22.28 -32.45 3.78
CA ARG C 451 21.72 -33.03 4.98
C ARG C 451 20.79 -32.09 5.75
N SER C 452 20.53 -30.90 5.22
CA SER C 452 19.65 -29.95 5.89
C SER C 452 18.54 -29.42 4.98
N LEU C 453 18.48 -29.85 3.73
CA LEU C 453 17.43 -29.43 2.82
C LEU C 453 16.09 -29.92 3.36
N LYS C 454 15.25 -29.00 3.81
CA LYS C 454 14.01 -29.36 4.48
C LYS C 454 12.79 -29.28 3.58
N GLU C 455 12.78 -28.39 2.60
CA GLU C 455 11.64 -28.30 1.71
C GLU C 455 12.07 -27.77 0.35
N ILE C 456 11.43 -28.29 -0.68
CA ILE C 456 11.56 -27.78 -2.04
C ILE C 456 10.17 -27.25 -2.41
N SER C 457 9.97 -25.94 -2.19
CA SER C 457 8.62 -25.39 -2.18
C SER C 457 7.89 -25.59 -3.50
N ASP C 458 8.62 -25.64 -4.61
CA ASP C 458 7.99 -25.81 -5.91
C ASP C 458 9.04 -26.24 -6.92
N GLY C 459 8.60 -26.99 -7.91
CA GLY C 459 9.46 -27.45 -8.98
C GLY C 459 9.59 -28.96 -9.00
N ASP C 460 10.54 -29.43 -9.79
CA ASP C 460 10.80 -30.85 -9.95
C ASP C 460 12.30 -31.11 -9.82
N VAL C 461 12.63 -32.26 -9.26
CA VAL C 461 14.01 -32.61 -8.93
C VAL C 461 14.51 -33.66 -9.92
N ILE C 462 15.66 -33.40 -10.51
CA ILE C 462 16.33 -34.36 -11.38
C ILE C 462 17.72 -34.63 -10.86
N ILE C 463 18.09 -35.90 -10.74
CA ILE C 463 19.43 -36.31 -10.35
C ILE C 463 19.85 -37.46 -11.25
N SER C 464 20.63 -37.15 -12.29
CA SER C 464 21.03 -38.15 -13.27
C SER C 464 22.50 -37.98 -13.60
N GLY C 465 23.03 -38.94 -14.36
CA GLY C 465 24.40 -38.85 -14.85
C GLY C 465 25.46 -39.13 -13.81
N ASN C 466 25.11 -39.06 -12.53
CA ASN C 466 26.07 -39.28 -11.46
C ASN C 466 26.47 -40.74 -11.45
N LYS C 467 27.68 -41.04 -11.93
CA LYS C 467 28.07 -42.42 -12.20
C LYS C 467 28.14 -43.25 -10.91
N ASN C 468 28.60 -42.66 -9.81
CA ASN C 468 28.78 -43.40 -8.55
C ASN C 468 28.17 -42.60 -7.41
N LEU C 469 26.87 -42.78 -7.18
CA LEU C 469 26.14 -42.04 -6.16
C LEU C 469 24.92 -42.88 -5.78
N CYS C 470 24.92 -43.40 -4.55
CA CYS C 470 23.93 -44.41 -4.17
C CYS C 470 22.89 -43.91 -3.18
N TYR C 471 23.24 -43.07 -2.22
CA TYR C 471 22.30 -42.68 -1.19
C TYR C 471 21.41 -41.53 -1.66
N ALA C 472 20.76 -41.70 -2.81
CA ALA C 472 19.82 -40.71 -3.32
C ALA C 472 18.40 -41.25 -3.40
N ASN C 473 18.22 -42.44 -3.95
CA ASN C 473 16.90 -43.04 -4.04
C ASN C 473 16.58 -43.77 -2.73
N THR C 474 16.73 -43.07 -1.62
CA THR C 474 16.36 -43.60 -0.31
C THR C 474 15.49 -42.55 0.38
N ILE C 475 15.61 -41.30 -0.04
CA ILE C 475 14.84 -40.21 0.54
C ILE C 475 13.49 -40.15 -0.16
N ASN C 476 12.42 -40.23 0.63
CA ASN C 476 11.06 -40.07 0.11
C ASN C 476 10.84 -38.58 -0.12
N TRP C 477 11.01 -38.15 -1.37
CA TRP C 477 10.94 -36.72 -1.68
C TRP C 477 9.54 -36.16 -1.46
N LYS C 478 8.51 -37.01 -1.51
CA LYS C 478 7.13 -36.55 -1.44
C LYS C 478 6.88 -35.67 -0.21
N LYS C 479 7.65 -35.85 0.86
CA LYS C 479 7.50 -35.03 2.04
C LYS C 479 8.41 -33.81 2.02
N LEU C 480 9.00 -33.49 0.87
CA LEU C 480 9.80 -32.28 0.71
C LEU C 480 9.17 -31.25 -0.20
N PHE C 481 8.27 -31.64 -1.09
CA PHE C 481 7.70 -30.68 -2.04
C PHE C 481 6.68 -29.76 -1.37
N GLY C 482 5.68 -30.33 -0.73
CA GLY C 482 4.61 -29.54 -0.13
C GLY C 482 3.48 -29.23 -1.08
N THR C 483 3.80 -28.65 -2.24
CA THR C 483 2.81 -28.35 -3.26
C THR C 483 2.63 -29.57 -4.16
N SER C 484 1.40 -30.03 -4.29
CA SER C 484 1.11 -31.19 -5.12
C SER C 484 1.39 -30.87 -6.59
N GLY C 485 1.54 -31.92 -7.39
CA GLY C 485 1.89 -31.77 -8.78
C GLY C 485 3.37 -31.71 -9.07
N GLN C 486 4.20 -32.30 -8.22
CA GLN C 486 5.64 -32.31 -8.38
C GLN C 486 6.12 -33.75 -8.46
N LYS C 487 7.05 -34.01 -9.39
CA LYS C 487 7.58 -35.35 -9.60
C LYS C 487 9.09 -35.30 -9.68
N THR C 488 9.74 -36.27 -9.06
CA THR C 488 11.18 -36.41 -9.16
C THR C 488 11.56 -37.09 -10.47
N LYS C 489 12.86 -37.10 -10.75
CA LYS C 489 13.40 -37.88 -11.86
C LYS C 489 14.82 -38.28 -11.47
N ILE C 490 14.96 -39.49 -10.93
CA ILE C 490 16.22 -39.98 -10.40
C ILE C 490 16.53 -41.28 -11.15
N ILE C 491 17.34 -41.17 -12.20
CA ILE C 491 17.58 -42.28 -13.12
C ILE C 491 19.06 -42.34 -13.46
N SER C 492 19.58 -43.56 -13.59
CA SER C 492 20.93 -43.84 -14.09
C SER C 492 22.01 -43.24 -13.19
N ASN C 493 21.86 -43.44 -11.89
CA ASN C 493 22.91 -43.05 -10.95
C ASN C 493 23.82 -44.22 -10.63
N ARG C 494 23.26 -45.29 -10.07
CA ARG C 494 24.03 -46.49 -9.76
C ARG C 494 23.07 -47.64 -9.48
N GLY C 495 23.30 -48.78 -10.14
CA GLY C 495 22.53 -49.97 -9.82
C GLY C 495 22.74 -50.34 -8.37
N GLU C 496 21.65 -50.36 -7.59
CA GLU C 496 21.71 -50.59 -6.15
C GLU C 496 22.60 -51.76 -5.78
N ASN C 497 22.65 -52.78 -6.65
CA ASN C 497 23.53 -53.92 -6.39
C ASN C 497 24.99 -53.54 -6.52
N SER C 498 25.31 -52.52 -7.32
CA SER C 498 26.70 -52.13 -7.51
C SER C 498 27.29 -51.46 -6.27
N CYS C 499 26.48 -51.14 -5.27
CA CYS C 499 27.01 -50.67 -4.00
C CYS C 499 26.41 -51.40 -2.80
N LYS C 500 25.37 -52.21 -2.99
CA LYS C 500 24.91 -53.06 -1.91
C LYS C 500 25.98 -54.10 -1.56
N ALA C 501 26.76 -54.53 -2.54
CA ALA C 501 27.79 -55.52 -2.28
C ALA C 501 28.93 -54.95 -1.44
N THR C 502 29.32 -53.70 -1.68
CA THR C 502 30.33 -53.06 -0.87
C THR C 502 29.76 -52.44 0.40
N GLY C 503 28.55 -52.84 0.80
CA GLY C 503 27.95 -52.33 2.01
C GLY C 503 27.57 -50.87 1.98
N GLN C 504 27.53 -50.25 0.80
CA GLN C 504 27.21 -48.83 0.73
C GLN C 504 25.70 -48.62 0.80
N VAL C 505 25.06 -49.24 1.78
CA VAL C 505 23.75 -48.83 2.26
C VAL C 505 23.99 -48.11 3.59
N CYS C 506 23.28 -47.01 3.80
CA CYS C 506 23.68 -46.11 4.87
C CYS C 506 23.35 -46.72 6.23
N HIS C 507 23.62 -45.96 7.28
CA HIS C 507 23.75 -46.52 8.63
C HIS C 507 22.45 -47.18 9.08
N ALA C 508 22.59 -48.15 9.99
CA ALA C 508 21.46 -48.89 10.53
C ALA C 508 20.66 -48.10 11.55
N LEU C 509 20.97 -46.82 11.73
CA LEU C 509 20.26 -45.97 12.69
C LEU C 509 19.47 -44.87 12.01
N CYS C 510 19.73 -44.67 10.71
CA CYS C 510 18.93 -43.68 9.95
C CYS C 510 17.56 -44.32 9.73
N SER C 511 16.63 -44.10 10.68
CA SER C 511 15.27 -44.74 10.68
C SER C 511 14.59 -44.77 9.32
N PRO C 512 13.84 -45.86 8.98
CA PRO C 512 13.11 -45.99 7.72
C PRO C 512 12.28 -44.74 7.32
N GLU C 513 12.86 -43.86 6.50
CA GLU C 513 12.17 -42.65 5.99
C GLU C 513 13.09 -42.14 4.88
N GLY C 514 14.37 -41.97 5.20
CA GLY C 514 15.33 -41.61 4.17
C GLY C 514 16.73 -41.50 4.74
N CYS C 515 17.66 -41.03 3.90
CA CYS C 515 19.06 -40.97 4.28
C CYS C 515 19.83 -40.13 3.27
N TRP C 516 20.62 -39.18 3.75
CA TRP C 516 21.35 -38.25 2.88
C TRP C 516 22.80 -38.63 2.66
N GLY C 517 23.37 -39.50 3.50
CA GLY C 517 24.75 -39.91 3.37
C GLY C 517 25.00 -41.17 4.17
N PRO C 518 26.27 -41.50 4.42
CA PRO C 518 26.59 -42.72 5.16
C PRO C 518 26.75 -42.52 6.66
N GLU C 519 26.77 -41.28 7.16
CA GLU C 519 27.00 -41.01 8.57
C GLU C 519 25.69 -40.88 9.33
N PRO C 520 25.71 -41.07 10.65
CA PRO C 520 24.55 -40.68 11.45
C PRO C 520 24.24 -39.20 11.35
N ARG C 521 25.27 -38.38 11.10
CA ARG C 521 25.09 -36.94 10.95
C ARG C 521 24.28 -36.59 9.70
N ASP C 522 23.99 -37.59 8.85
CA ASP C 522 23.32 -37.27 7.55
C ASP C 522 21.84 -37.67 7.54
N CYS C 523 21.40 -38.60 8.39
CA CYS C 523 19.98 -39.08 8.32
C CYS C 523 19.00 -37.91 8.41
N VAL C 524 17.94 -37.93 7.60
CA VAL C 524 16.89 -36.87 7.67
C VAL C 524 15.99 -37.20 8.87
N SER C 525 15.51 -38.44 8.98
CA SER C 525 14.69 -38.86 10.15
C SER C 525 15.60 -39.12 11.35
N CYS C 526 15.02 -39.44 12.51
CA CYS C 526 15.88 -39.79 13.68
C CYS C 526 15.19 -40.71 14.68
N ARG C 527 15.81 -41.84 15.06
CA ARG C 527 15.10 -42.86 15.90
C ARG C 527 15.42 -42.75 17.39
N ASN C 528 14.62 -43.42 18.23
CA ASN C 528 14.84 -43.47 19.71
C ASN C 528 15.19 -42.08 20.24
N VAL C 529 16.48 -41.74 20.28
CA VAL C 529 16.94 -40.40 20.74
C VAL C 529 18.03 -39.79 19.83
N SER C 530 17.61 -38.84 18.98
CA SER C 530 18.56 -37.93 18.35
C SER C 530 19.16 -36.92 19.32
N ARG C 531 20.40 -36.52 19.06
CA ARG C 531 21.08 -35.52 19.87
C ARG C 531 21.27 -34.25 19.04
N GLY C 532 20.16 -33.59 18.71
CA GLY C 532 20.20 -32.39 17.92
C GLY C 532 20.14 -32.65 16.43
N ARG C 533 21.30 -32.60 15.77
CA ARG C 533 21.36 -32.81 14.33
C ARG C 533 21.88 -34.20 13.99
N GLU C 534 22.00 -35.05 15.00
CA GLU C 534 22.55 -36.39 14.83
C GLU C 534 21.68 -37.46 15.48
N CYS C 535 21.61 -38.63 14.87
CA CYS C 535 20.83 -39.74 15.42
C CYS C 535 21.67 -40.58 16.37
N VAL C 536 21.02 -41.17 17.36
CA VAL C 536 21.70 -42.03 18.33
C VAL C 536 20.87 -43.26 18.67
N ASP C 537 21.49 -44.20 19.38
CA ASP C 537 20.82 -45.47 19.71
C ASP C 537 19.93 -45.36 20.95
N LYS C 538 20.36 -44.58 21.94
CA LYS C 538 19.61 -44.52 23.22
C LYS C 538 19.93 -43.21 23.93
N CYS C 539 19.17 -42.89 24.98
CA CYS C 539 19.36 -41.59 25.67
C CYS C 539 20.30 -41.79 26.85
N ASN C 540 20.94 -40.71 27.29
CA ASN C 540 21.79 -40.82 28.49
C ASN C 540 20.88 -40.91 29.71
N LEU C 541 19.80 -41.70 29.63
CA LEU C 541 19.04 -41.92 30.86
C LEU C 541 19.82 -42.85 31.77
N LEU C 542 19.67 -42.67 33.08
CA LEU C 542 20.37 -43.49 34.06
C LEU C 542 21.87 -43.16 34.11
N GLU C 543 22.58 -43.47 33.03
CA GLU C 543 24.02 -43.24 32.97
C GLU C 543 24.39 -42.08 32.04
N GLY C 544 25.60 -42.11 31.51
CA GLY C 544 26.09 -41.07 30.62
C GLY C 544 26.78 -39.97 31.38
N GLU C 545 27.33 -39.00 30.66
CA GLU C 545 27.97 -37.84 31.29
C GLU C 545 26.95 -36.73 31.55
N PRO C 546 26.20 -36.33 30.51
CA PRO C 546 25.09 -35.40 30.73
C PRO C 546 23.77 -36.15 30.89
N ARG C 547 23.02 -35.86 31.95
CA ARG C 547 21.72 -36.47 32.16
C ARG C 547 20.73 -35.92 31.12
N GLU C 548 19.84 -36.77 30.64
CA GLU C 548 18.89 -36.36 29.60
C GLU C 548 17.49 -36.92 29.82
N PHE C 549 16.53 -36.43 29.03
CA PHE C 549 15.16 -36.94 29.06
C PHE C 549 14.63 -37.07 27.63
N VAL C 550 13.50 -37.76 27.48
CA VAL C 550 12.98 -38.06 26.14
C VAL C 550 11.61 -37.47 25.85
N GLU C 551 11.54 -36.66 24.81
CA GLU C 551 10.27 -36.14 24.31
C GLU C 551 10.34 -35.94 22.80
N ASN C 552 9.41 -36.57 22.08
CA ASN C 552 9.42 -36.53 20.62
C ASN C 552 10.69 -37.12 20.04
N SER C 553 11.25 -38.10 20.75
CA SER C 553 12.46 -38.80 20.28
C SER C 553 13.68 -37.91 20.24
N GLU C 554 13.73 -36.91 21.13
CA GLU C 554 14.90 -35.99 21.22
C GLU C 554 15.28 -35.84 22.70
N CYS C 555 16.58 -35.77 23.01
CA CYS C 555 17.01 -35.69 24.43
C CYS C 555 17.74 -34.38 24.72
N ILE C 556 17.31 -33.67 25.76
CA ILE C 556 17.93 -32.35 26.12
C ILE C 556 18.62 -32.49 27.47
N GLN C 557 19.82 -31.92 27.63
CA GLN C 557 20.60 -32.06 28.89
C GLN C 557 19.83 -31.49 30.07
N CYS C 558 19.59 -32.32 31.11
CA CYS C 558 18.89 -31.86 32.35
C CYS C 558 19.56 -30.59 32.89
N HIS C 559 18.82 -29.77 33.63
CA HIS C 559 19.45 -28.58 34.26
C HIS C 559 20.69 -29.04 35.03
N PRO C 560 21.85 -28.35 34.89
CA PRO C 560 23.08 -28.70 35.61
C PRO C 560 22.85 -28.98 37.09
N GLU C 561 21.77 -28.41 37.65
CA GLU C 561 21.51 -28.53 39.10
C GLU C 561 20.72 -29.80 39.47
N CYS C 562 20.44 -30.70 38.52
CA CYS C 562 19.79 -31.99 38.91
C CYS C 562 20.88 -32.99 39.29
N LEU C 563 20.70 -33.74 40.38
CA LEU C 563 21.75 -34.67 40.87
C LEU C 563 21.84 -35.92 39.97
N PRO C 564 23.04 -36.34 39.54
CA PRO C 564 23.22 -37.56 38.75
C PRO C 564 22.61 -38.78 39.44
N GLN C 565 21.49 -39.27 38.93
CA GLN C 565 20.83 -40.44 39.51
C GLN C 565 21.37 -41.72 38.89
N ALA C 566 22.08 -42.50 39.70
CA ALA C 566 22.65 -43.76 39.24
C ALA C 566 21.62 -44.88 39.26
N MET C 567 20.47 -44.61 39.88
CA MET C 567 19.39 -45.58 39.97
C MET C 567 18.38 -45.39 38.85
N ASN C 568 17.39 -44.53 39.09
CA ASN C 568 16.35 -44.25 38.11
C ASN C 568 16.75 -43.12 37.16
N ILE C 569 15.76 -42.43 36.61
CA ILE C 569 16.00 -41.30 35.73
C ILE C 569 16.53 -40.11 36.53
N THR C 570 16.79 -39.00 35.86
CA THR C 570 17.35 -37.82 36.51
C THR C 570 16.37 -36.65 36.54
N CYS C 571 15.75 -36.37 35.41
CA CYS C 571 14.79 -35.26 35.32
C CYS C 571 13.65 -35.57 34.35
N THR C 572 12.64 -34.70 34.34
CA THR C 572 11.51 -34.87 33.44
C THR C 572 11.28 -33.60 32.61
N GLY C 573 12.31 -32.79 32.48
CA GLY C 573 12.24 -31.56 31.71
C GLY C 573 13.56 -30.82 31.68
N ARG C 574 13.58 -29.70 30.96
CA ARG C 574 14.79 -28.89 30.82
C ARG C 574 15.09 -28.10 32.09
N GLY C 575 14.05 -27.44 32.61
CA GLY C 575 14.21 -26.58 33.77
C GLY C 575 14.53 -27.33 35.05
N PRO C 576 15.14 -26.63 36.02
CA PRO C 576 15.51 -27.17 37.33
C PRO C 576 14.28 -27.57 38.16
N ASP C 577 13.09 -27.34 37.60
CA ASP C 577 11.85 -27.62 38.31
C ASP C 577 11.48 -29.10 38.25
N ASN C 578 12.07 -29.81 37.29
CA ASN C 578 11.71 -31.21 37.05
C ASN C 578 12.76 -32.19 37.55
N CYS C 579 13.72 -31.70 38.35
CA CYS C 579 14.76 -32.55 38.89
C CYS C 579 14.20 -33.46 39.98
N ILE C 580 14.83 -34.62 40.15
CA ILE C 580 14.44 -35.55 41.21
C ILE C 580 15.17 -35.21 42.51
N GLN C 581 16.30 -34.52 42.37
CA GLN C 581 17.07 -34.08 43.54
C GLN C 581 18.11 -33.05 43.11
N CYS C 582 18.09 -31.86 43.75
CA CYS C 582 19.02 -30.78 43.34
C CYS C 582 20.44 -31.12 43.81
N ALA C 583 21.46 -30.69 43.04
CA ALA C 583 22.87 -31.00 43.38
C ALA C 583 23.32 -30.15 44.57
N HIS C 584 22.91 -28.88 44.63
CA HIS C 584 23.36 -28.01 45.71
C HIS C 584 22.21 -27.61 46.62
N TYR C 585 21.75 -26.37 46.48
CA TYR C 585 20.66 -25.86 47.32
C TYR C 585 19.34 -25.85 46.55
N ILE C 586 18.25 -25.62 47.26
CA ILE C 586 16.92 -25.60 46.66
C ILE C 586 16.11 -24.38 47.09
N ASP C 587 15.99 -23.41 46.19
CA ASP C 587 15.20 -22.22 46.45
C ASP C 587 13.78 -22.42 45.95
N GLY C 588 12.95 -23.01 46.80
CA GLY C 588 11.57 -23.28 46.45
C GLY C 588 11.47 -24.30 45.32
N PRO C 589 10.57 -24.06 44.36
CA PRO C 589 10.32 -24.94 43.22
C PRO C 589 11.57 -25.17 42.36
N HIS C 590 12.44 -24.17 42.29
CA HIS C 590 13.63 -24.23 41.44
C HIS C 590 14.83 -24.84 42.15
N CYS C 591 15.75 -25.41 41.38
CA CYS C 591 17.01 -25.91 41.90
C CYS C 591 18.13 -24.93 41.58
N VAL C 592 18.65 -24.27 42.62
CA VAL C 592 19.65 -23.22 42.43
C VAL C 592 21.04 -23.69 42.85
N LYS C 593 22.06 -23.07 42.27
CA LYS C 593 23.45 -23.38 42.61
C LYS C 593 23.81 -22.73 43.95
N THR C 594 23.33 -21.50 44.16
CA THR C 594 23.56 -20.79 45.46
C THR C 594 22.36 -19.88 45.76
N CYS C 595 21.76 -19.99 46.96
CA CYS C 595 20.57 -19.17 47.33
C CYS C 595 20.81 -17.70 46.97
N PRO C 596 19.84 -16.99 46.36
CA PRO C 596 20.02 -15.57 45.93
C PRO C 596 20.62 -14.62 46.96
N ALA C 597 21.40 -13.63 46.50
CA ALA C 597 22.04 -12.69 47.42
C ALA C 597 22.29 -11.34 46.74
N GLY C 598 21.22 -10.71 46.28
CA GLY C 598 21.31 -9.41 45.64
C GLY C 598 20.30 -9.24 44.51
N VAL C 599 19.32 -10.13 44.46
CA VAL C 599 18.29 -10.09 43.42
C VAL C 599 17.26 -8.99 43.69
N MET C 600 16.90 -8.27 42.65
CA MET C 600 15.92 -7.19 42.75
C MET C 600 14.56 -7.73 43.19
N GLY C 601 13.88 -6.98 44.05
CA GLY C 601 12.57 -7.37 44.54
C GLY C 601 11.55 -6.26 44.42
N GLU C 602 10.53 -6.32 45.26
CA GLU C 602 9.47 -5.30 45.26
C GLU C 602 9.91 -4.08 46.08
N ASN C 603 9.37 -2.92 45.71
CA ASN C 603 9.70 -1.67 46.40
C ASN C 603 11.19 -1.40 46.45
N ASN C 604 11.90 -1.87 45.43
CA ASN C 604 13.34 -1.65 45.32
C ASN C 604 14.14 -2.27 46.46
N THR C 605 13.52 -3.19 47.19
CA THR C 605 14.18 -3.86 48.29
C THR C 605 14.95 -5.09 47.81
N LEU C 606 16.22 -5.16 48.17
CA LEU C 606 17.07 -6.27 47.76
C LEU C 606 16.59 -7.59 48.36
N VAL C 607 17.22 -8.69 47.98
CA VAL C 607 16.83 -10.01 48.46
C VAL C 607 18.03 -10.85 48.87
N TRP C 608 18.03 -11.30 50.13
CA TRP C 608 19.08 -12.16 50.65
C TRP C 608 18.48 -13.41 51.29
N LYS C 609 19.03 -14.57 50.97
CA LYS C 609 18.53 -15.82 51.51
C LYS C 609 19.65 -16.67 52.14
N TYR C 610 19.24 -17.75 52.80
CA TYR C 610 20.20 -18.62 53.48
C TYR C 610 19.80 -20.09 53.33
N ALA C 611 20.77 -20.98 53.42
CA ALA C 611 20.51 -22.42 53.33
C ALA C 611 20.43 -23.04 54.71
N ASP C 612 19.29 -23.66 55.02
CA ASP C 612 19.08 -24.25 56.34
C ASP C 612 19.54 -25.71 56.39
N ALA C 613 18.71 -26.57 56.96
CA ALA C 613 19.07 -27.98 57.13
C ALA C 613 19.03 -28.74 55.80
N GLY C 614 17.84 -28.83 55.21
CA GLY C 614 17.66 -29.53 53.96
C GLY C 614 18.07 -28.70 52.76
N HIS C 615 19.06 -27.84 52.95
CA HIS C 615 19.56 -26.97 51.89
C HIS C 615 18.45 -26.14 51.25
N VAL C 616 17.42 -25.83 52.04
CA VAL C 616 16.31 -25.02 51.54
C VAL C 616 16.61 -23.53 51.70
N CYS C 617 16.21 -22.74 50.71
CA CYS C 617 16.47 -21.30 50.72
C CYS C 617 15.30 -20.53 51.33
N HIS C 618 15.60 -19.77 52.38
CA HIS C 618 14.60 -18.94 53.05
C HIS C 618 15.07 -17.49 53.10
N LEU C 619 14.13 -16.53 53.07
CA LEU C 619 14.53 -15.08 53.03
C LEU C 619 15.24 -14.63 54.31
N CYS C 620 16.05 -13.57 54.23
CA CYS C 620 16.78 -13.00 55.41
C CYS C 620 15.84 -12.17 56.27
N HIS C 621 16.39 -11.42 57.24
CA HIS C 621 15.56 -10.49 58.04
C HIS C 621 15.46 -9.18 57.25
N PRO C 622 14.30 -8.49 57.16
CA PRO C 622 14.23 -7.20 56.44
C PRO C 622 15.40 -6.26 56.81
N ASN C 623 15.96 -6.40 58.02
CA ASN C 623 17.05 -5.55 58.46
C ASN C 623 18.38 -5.90 57.81
N CYS C 624 18.76 -7.18 57.95
CA CYS C 624 20.06 -7.68 57.42
C CYS C 624 20.22 -7.27 55.95
N THR C 625 20.91 -6.14 55.71
CA THR C 625 21.09 -5.63 54.33
C THR C 625 22.43 -6.15 53.78
N TYR C 626 23.33 -6.60 54.66
CA TYR C 626 24.59 -7.20 54.16
C TYR C 626 24.39 -8.71 53.98
N GLY C 627 23.13 -9.13 53.91
CA GLY C 627 22.75 -10.56 53.84
C GLY C 627 22.67 -11.14 55.24
N CYS C 628 22.69 -12.48 55.38
CA CYS C 628 22.69 -13.19 56.65
C CYS C 628 22.99 -14.67 56.47
N THR C 629 23.69 -15.25 57.43
CA THR C 629 24.03 -16.67 57.39
C THR C 629 23.10 -17.48 58.28
N GLY C 630 22.04 -16.84 58.76
CA GLY C 630 21.07 -17.49 59.62
C GLY C 630 19.78 -16.70 59.73
N PRO C 631 18.74 -17.32 60.30
CA PRO C 631 17.41 -16.70 60.46
C PRO C 631 17.45 -15.47 61.35
N GLY C 632 16.87 -14.37 60.88
CA GLY C 632 16.76 -13.16 61.66
C GLY C 632 18.10 -12.54 62.04
N LEU C 633 18.08 -11.65 63.03
CA LEU C 633 19.28 -10.97 63.50
C LEU C 633 20.25 -11.96 64.14
N GLU C 634 19.70 -13.00 64.75
CA GLU C 634 20.51 -14.03 65.38
C GLU C 634 21.28 -14.84 64.34
N GLY C 635 21.27 -14.35 63.09
CA GLY C 635 22.00 -15.00 61.99
C GLY C 635 22.98 -14.08 61.28
N CYS C 636 22.62 -12.80 61.05
CA CYS C 636 23.62 -11.85 60.45
C CYS C 636 24.43 -11.15 61.55
N PRO C 637 25.78 -11.08 61.43
CA PRO C 637 26.65 -10.52 62.49
C PRO C 637 26.26 -9.18 63.13
N THR C 638 26.03 -9.18 64.45
CA THR C 638 25.70 -7.94 65.21
C THR C 638 25.90 -8.27 66.70
N VAL D 1 30.40 -21.11 -54.04
CA VAL D 1 29.94 -22.50 -54.33
C VAL D 1 29.80 -23.25 -53.01
N VAL D 2 28.56 -23.57 -52.60
CA VAL D 2 28.29 -24.29 -51.31
C VAL D 2 29.17 -23.69 -50.20
N SER D 3 29.00 -22.40 -49.90
CA SER D 3 29.83 -21.72 -48.88
C SER D 3 28.93 -20.86 -47.98
N HIS D 4 28.36 -21.46 -46.93
CA HIS D 4 27.49 -20.71 -46.00
C HIS D 4 28.13 -20.90 -44.63
N PHE D 5 29.20 -21.68 -44.56
CA PHE D 5 29.80 -22.08 -43.30
C PHE D 5 31.30 -22.20 -43.49
N ASN D 6 32.06 -21.69 -42.53
CA ASN D 6 33.52 -21.82 -42.58
C ASN D 6 34.04 -22.08 -41.18
N ASP D 7 35.36 -22.28 -41.09
CA ASP D 7 35.98 -22.61 -39.82
C ASP D 7 35.92 -21.42 -38.87
N CYS D 8 35.88 -21.73 -37.58
CA CYS D 8 35.67 -20.71 -36.57
C CYS D 8 36.96 -19.92 -36.37
N PRO D 9 36.90 -18.59 -36.40
CA PRO D 9 38.13 -17.79 -36.31
C PRO D 9 38.84 -17.97 -34.97
N ASP D 10 40.11 -17.60 -34.94
CA ASP D 10 40.92 -17.78 -33.74
C ASP D 10 40.68 -16.64 -32.77
N SER D 11 39.41 -16.32 -32.54
CA SER D 11 38.97 -15.52 -31.41
C SER D 11 37.72 -16.06 -30.75
N HIS D 12 37.01 -16.98 -31.39
CA HIS D 12 35.88 -17.68 -30.81
C HIS D 12 36.20 -19.17 -30.65
N THR D 13 37.46 -19.51 -30.49
CA THR D 13 37.83 -20.84 -30.04
C THR D 13 37.64 -20.93 -28.53
N GLN D 14 37.32 -22.13 -28.06
CA GLN D 14 36.88 -22.36 -26.69
C GLN D 14 35.62 -21.54 -26.35
N PHE D 15 34.95 -21.02 -27.38
CA PHE D 15 33.69 -20.31 -27.21
C PHE D 15 32.52 -21.26 -27.07
N CYS D 16 32.65 -22.49 -27.55
CA CYS D 16 31.57 -23.46 -27.51
C CYS D 16 31.93 -24.54 -26.50
N PHE D 17 31.11 -24.68 -25.45
CA PHE D 17 31.46 -25.56 -24.34
C PHE D 17 31.35 -27.03 -24.72
N HIS D 18 30.14 -27.47 -25.09
CA HIS D 18 29.88 -28.87 -25.35
C HIS D 18 29.70 -29.16 -26.83
N GLY D 19 30.16 -28.27 -27.70
CA GLY D 19 30.05 -28.47 -29.12
C GLY D 19 31.21 -27.82 -29.84
N THR D 20 31.19 -27.92 -31.17
CA THR D 20 32.23 -27.35 -32.01
C THR D 20 31.69 -26.12 -32.72
N CYS D 21 32.49 -25.06 -32.73
CA CYS D 21 32.07 -23.81 -33.35
C CYS D 21 32.12 -23.94 -34.88
N ARG D 22 31.34 -23.08 -35.53
CA ARG D 22 31.42 -22.91 -36.97
C ARG D 22 30.84 -21.54 -37.30
N PHE D 23 31.53 -20.81 -38.16
CA PHE D 23 31.23 -19.40 -38.41
C PHE D 23 30.49 -19.31 -39.74
N LEU D 24 29.15 -19.31 -39.67
CA LEU D 24 28.35 -19.06 -40.84
C LEU D 24 28.57 -17.63 -41.31
N VAL D 25 28.72 -17.46 -42.63
CA VAL D 25 29.33 -16.25 -43.18
C VAL D 25 28.29 -15.20 -43.57
N GLN D 26 27.06 -15.63 -43.88
CA GLN D 26 26.03 -14.69 -44.38
C GLN D 26 25.90 -13.46 -43.46
N GLU D 27 25.92 -13.67 -42.13
CA GLU D 27 25.71 -12.52 -41.21
C GLU D 27 26.89 -12.39 -40.24
N ASP D 28 28.00 -13.08 -40.50
CA ASP D 28 29.19 -12.95 -39.66
C ASP D 28 28.86 -13.18 -38.18
N LYS D 29 28.25 -14.32 -37.88
CA LYS D 29 27.89 -14.66 -36.52
C LYS D 29 28.15 -16.15 -36.29
N PRO D 30 28.80 -16.51 -35.20
CA PRO D 30 29.10 -17.92 -34.94
C PRO D 30 27.85 -18.70 -34.57
N ALA D 31 27.97 -20.02 -34.66
CA ALA D 31 26.83 -20.89 -34.37
C ALA D 31 27.35 -22.27 -34.00
N CYS D 32 27.15 -22.67 -32.76
CA CYS D 32 27.60 -23.97 -32.30
C CYS D 32 26.86 -25.09 -33.01
N VAL D 33 27.42 -26.30 -32.89
CA VAL D 33 26.73 -27.53 -33.25
C VAL D 33 26.82 -28.41 -32.00
N CYS D 34 25.80 -28.33 -31.14
CA CYS D 34 25.87 -29.00 -29.85
C CYS D 34 25.96 -30.51 -30.02
N HIS D 35 26.67 -31.15 -29.10
CA HIS D 35 26.69 -32.60 -29.06
C HIS D 35 25.33 -33.13 -28.62
N SER D 36 25.15 -34.44 -28.75
CA SER D 36 23.86 -35.05 -28.45
C SER D 36 23.62 -35.00 -26.95
N GLY D 37 22.76 -34.08 -26.53
CA GLY D 37 22.40 -33.99 -25.12
C GLY D 37 22.79 -32.70 -24.44
N TYR D 38 22.82 -31.59 -25.19
CA TYR D 38 23.13 -30.29 -24.62
C TYR D 38 22.46 -29.21 -25.46
N VAL D 39 21.67 -28.35 -24.81
CA VAL D 39 21.01 -27.25 -25.50
C VAL D 39 21.59 -25.94 -24.99
N GLY D 40 21.20 -24.84 -25.59
CA GLY D 40 21.70 -23.54 -25.22
C GLY D 40 22.34 -22.84 -26.40
N ALA D 41 22.27 -21.50 -26.38
CA ALA D 41 22.80 -20.71 -27.48
C ALA D 41 24.30 -20.87 -27.65
N ARG D 42 24.97 -21.48 -26.68
CA ARG D 42 26.41 -21.63 -26.68
C ARG D 42 26.81 -23.04 -26.22
N CYS D 43 25.90 -24.00 -26.40
CA CYS D 43 26.04 -25.34 -25.85
C CYS D 43 26.40 -25.28 -24.37
N GLU D 44 25.52 -24.61 -23.62
CA GLU D 44 25.78 -24.29 -22.22
C GLU D 44 25.21 -25.34 -21.28
N HIS D 45 23.89 -25.49 -21.31
CA HIS D 45 23.18 -26.32 -20.35
C HIS D 45 23.03 -27.74 -20.84
N ALA D 46 22.65 -28.62 -19.93
CA ALA D 46 22.23 -29.96 -20.27
C ALA D 46 20.71 -29.98 -20.36
N ASP D 47 20.19 -30.53 -21.45
CA ASP D 47 18.74 -30.66 -21.59
C ASP D 47 18.25 -31.70 -20.60
N LEU D 48 17.52 -31.24 -19.58
CA LEU D 48 16.99 -32.18 -18.55
C LEU D 48 15.70 -32.79 -19.10
N LEU D 49 15.00 -32.09 -20.00
CA LEU D 49 13.79 -32.65 -20.64
C LEU D 49 14.21 -33.50 -21.83
N ALA D 50 14.31 -34.82 -21.63
CA ALA D 50 14.76 -35.76 -22.70
C ALA D 50 16.00 -35.19 -23.41
#